data_2B0G
# 
_entry.id   2B0G 
# 
_audit_conform.dict_name       mmcif_pdbx.dic 
_audit_conform.dict_version    5.392 
_audit_conform.dict_location   http://mmcif.pdb.org/dictionaries/ascii/mmcif_pdbx.dic 
# 
loop_
_database_2.database_id 
_database_2.database_code 
_database_2.pdbx_database_accession 
_database_2.pdbx_DOI 
PDB   2B0G         pdb_00002b0g 10.2210/pdb2b0g/pdb 
RCSB  RCSB034520   ?            ?                   
WWPDB D_1000034520 ?            ?                   
# 
loop_
_pdbx_audit_revision_history.ordinal 
_pdbx_audit_revision_history.data_content_type 
_pdbx_audit_revision_history.major_revision 
_pdbx_audit_revision_history.minor_revision 
_pdbx_audit_revision_history.revision_date 
1 'Structure model' 1 0 2006-12-12 
2 'Structure model' 1 1 2008-05-01 
3 'Structure model' 1 2 2011-07-13 
4 'Structure model' 1 3 2022-03-09 
5 'Structure model' 1 4 2024-05-29 
# 
_pdbx_audit_revision_details.ordinal             1 
_pdbx_audit_revision_details.revision_ordinal    1 
_pdbx_audit_revision_details.data_content_type   'Structure model' 
_pdbx_audit_revision_details.provider            repository 
_pdbx_audit_revision_details.type                'Initial release' 
_pdbx_audit_revision_details.description         ? 
_pdbx_audit_revision_details.details             ? 
# 
loop_
_pdbx_audit_revision_group.ordinal 
_pdbx_audit_revision_group.revision_ordinal 
_pdbx_audit_revision_group.data_content_type 
_pdbx_audit_revision_group.group 
1 2 'Structure model' 'Version format compliance' 
2 3 'Structure model' 'Version format compliance' 
3 4 'Structure model' 'Data collection'           
4 4 'Structure model' 'Database references'       
5 4 'Structure model' 'Derived calculations'      
6 5 'Structure model' 'Data collection'           
# 
loop_
_pdbx_audit_revision_category.ordinal 
_pdbx_audit_revision_category.revision_ordinal 
_pdbx_audit_revision_category.data_content_type 
_pdbx_audit_revision_category.category 
1 4 'Structure model' database_2            
2 4 'Structure model' pdbx_nmr_software     
3 4 'Structure model' pdbx_nmr_spectrometer 
4 4 'Structure model' pdbx_struct_assembly  
5 4 'Structure model' pdbx_struct_oper_list 
6 5 'Structure model' chem_comp_atom        
7 5 'Structure model' chem_comp_bond        
# 
loop_
_pdbx_audit_revision_item.ordinal 
_pdbx_audit_revision_item.revision_ordinal 
_pdbx_audit_revision_item.data_content_type 
_pdbx_audit_revision_item.item 
1 4 'Structure model' '_database_2.pdbx_DOI'                
2 4 'Structure model' '_database_2.pdbx_database_accession' 
3 4 'Structure model' '_pdbx_nmr_software.name'             
4 4 'Structure model' '_pdbx_nmr_spectrometer.model'        
# 
_pdbx_database_status.status_code                     REL 
_pdbx_database_status.entry_id                        2B0G 
_pdbx_database_status.recvd_initial_deposition_date   2005-09-14 
_pdbx_database_status.deposit_site                    RCSB 
_pdbx_database_status.process_site                    PDBJ 
_pdbx_database_status.status_code_sf                  ? 
_pdbx_database_status.status_code_mr                  REL 
_pdbx_database_status.SG_entry                        ? 
_pdbx_database_status.pdb_format_compatible           Y 
_pdbx_database_status.status_code_cs                  ? 
_pdbx_database_status.status_code_nmr_data            ? 
_pdbx_database_status.methods_development_category    ? 
# 
loop_
_audit_author.name 
_audit_author.pdbx_ordinal 
'Cui, G.' 1 
'Li, C.'  2 
'Jin, C.' 3 
'Xia, B.' 4 
# 
_citation.id                        primary 
_citation.title                     'Solution Structure of Drosophila melanogaster SNF RBD2' 
_citation.journal_abbrev            'TO BE PUBLISHED' 
_citation.journal_volume            ? 
_citation.page_first                ? 
_citation.page_last                 ? 
_citation.year                      ? 
_citation.journal_id_ASTM           ? 
_citation.country                   ? 
_citation.journal_id_ISSN           ? 
_citation.journal_id_CSD            0353 
_citation.book_publisher            ? 
_citation.pdbx_database_id_PubMed   ? 
_citation.pdbx_database_id_DOI      ? 
# 
loop_
_citation_author.citation_id 
_citation_author.name 
_citation_author.ordinal 
_citation_author.identifier_ORCID 
primary 'Cui, G.' 1 ? 
primary 'Li, C.'  2 ? 
primary 'Jin, C.' 3 ? 
primary 'Xia, B.' 4 ? 
# 
_entity.id                         1 
_entity.type                       polymer 
_entity.src_method                 man 
_entity.pdbx_description           'U1 small nuclear ribonucleoprotein A' 
_entity.formula_weight             9519.945 
_entity.pdbx_number_of_molecules   1 
_entity.pdbx_ec                    ? 
_entity.pdbx_mutation              ? 
_entity.pdbx_fragment              'SNF RBD2' 
_entity.details                    ? 
# 
_entity_name_com.entity_id   1 
_entity_name_com.name        'SNF, U1 snRNP protein A, U1-A, Sex determination protein snf' 
# 
_entity_poly.entity_id                      1 
_entity_poly.type                           'polypeptide(L)' 
_entity_poly.nstd_linkage                   no 
_entity_poly.nstd_monomer                   no 
_entity_poly.pdbx_seq_one_letter_code       
;AQTEQPPNQILFLTNLPEETNEMMLSMLFNQFPGFKEVRLVPNRHDIAFVEFTTELQSNAAKEALQGFKITPTHAMKITF
AKK
;
_entity_poly.pdbx_seq_one_letter_code_can   
;AQTEQPPNQILFLTNLPEETNEMMLSMLFNQFPGFKEVRLVPNRHDIAFVEFTTELQSNAAKEALQGFKITPTHAMKITF
AKK
;
_entity_poly.pdbx_strand_id                 A 
_entity_poly.pdbx_target_identifier         ? 
# 
loop_
_entity_poly_seq.entity_id 
_entity_poly_seq.num 
_entity_poly_seq.mon_id 
_entity_poly_seq.hetero 
1 1  ALA n 
1 2  GLN n 
1 3  THR n 
1 4  GLU n 
1 5  GLN n 
1 6  PRO n 
1 7  PRO n 
1 8  ASN n 
1 9  GLN n 
1 10 ILE n 
1 11 LEU n 
1 12 PHE n 
1 13 LEU n 
1 14 THR n 
1 15 ASN n 
1 16 LEU n 
1 17 PRO n 
1 18 GLU n 
1 19 GLU n 
1 20 THR n 
1 21 ASN n 
1 22 GLU n 
1 23 MET n 
1 24 MET n 
1 25 LEU n 
1 26 SER n 
1 27 MET n 
1 28 LEU n 
1 29 PHE n 
1 30 ASN n 
1 31 GLN n 
1 32 PHE n 
1 33 PRO n 
1 34 GLY n 
1 35 PHE n 
1 36 LYS n 
1 37 GLU n 
1 38 VAL n 
1 39 ARG n 
1 40 LEU n 
1 41 VAL n 
1 42 PRO n 
1 43 ASN n 
1 44 ARG n 
1 45 HIS n 
1 46 ASP n 
1 47 ILE n 
1 48 ALA n 
1 49 PHE n 
1 50 VAL n 
1 51 GLU n 
1 52 PHE n 
1 53 THR n 
1 54 THR n 
1 55 GLU n 
1 56 LEU n 
1 57 GLN n 
1 58 SER n 
1 59 ASN n 
1 60 ALA n 
1 61 ALA n 
1 62 LYS n 
1 63 GLU n 
1 64 ALA n 
1 65 LEU n 
1 66 GLN n 
1 67 GLY n 
1 68 PHE n 
1 69 LYS n 
1 70 ILE n 
1 71 THR n 
1 72 PRO n 
1 73 THR n 
1 74 HIS n 
1 75 ALA n 
1 76 MET n 
1 77 LYS n 
1 78 ILE n 
1 79 THR n 
1 80 PHE n 
1 81 ALA n 
1 82 LYS n 
1 83 LYS n 
# 
_entity_src_gen.entity_id                          1 
_entity_src_gen.pdbx_src_id                        1 
_entity_src_gen.pdbx_alt_source_flag               sample 
_entity_src_gen.pdbx_seq_type                      ? 
_entity_src_gen.pdbx_beg_seq_num                   ? 
_entity_src_gen.pdbx_end_seq_num                   ? 
_entity_src_gen.gene_src_common_name               'fruit fly' 
_entity_src_gen.gene_src_genus                     Drosophila 
_entity_src_gen.pdbx_gene_src_gene                 ? 
_entity_src_gen.gene_src_species                   ? 
_entity_src_gen.gene_src_strain                    ? 
_entity_src_gen.gene_src_tissue                    ? 
_entity_src_gen.gene_src_tissue_fraction           ? 
_entity_src_gen.gene_src_details                   ? 
_entity_src_gen.pdbx_gene_src_fragment             ? 
_entity_src_gen.pdbx_gene_src_scientific_name      'Drosophila melanogaster' 
_entity_src_gen.pdbx_gene_src_ncbi_taxonomy_id     7227 
_entity_src_gen.pdbx_gene_src_variant              ? 
_entity_src_gen.pdbx_gene_src_cell_line            ? 
_entity_src_gen.pdbx_gene_src_atcc                 ? 
_entity_src_gen.pdbx_gene_src_organ                ? 
_entity_src_gen.pdbx_gene_src_organelle            ? 
_entity_src_gen.pdbx_gene_src_cell                 ? 
_entity_src_gen.pdbx_gene_src_cellular_location    ? 
_entity_src_gen.host_org_common_name               ? 
_entity_src_gen.pdbx_host_org_scientific_name      'Escherichia coli' 
_entity_src_gen.pdbx_host_org_ncbi_taxonomy_id     562 
_entity_src_gen.host_org_genus                     Escherichia 
_entity_src_gen.pdbx_host_org_gene                 ? 
_entity_src_gen.pdbx_host_org_organ                ? 
_entity_src_gen.host_org_species                   ? 
_entity_src_gen.pdbx_host_org_tissue               ? 
_entity_src_gen.pdbx_host_org_tissue_fraction      ? 
_entity_src_gen.pdbx_host_org_strain               'Rosetta(DE3)pLysS' 
_entity_src_gen.pdbx_host_org_variant              ? 
_entity_src_gen.pdbx_host_org_cell_line            ? 
_entity_src_gen.pdbx_host_org_atcc                 ? 
_entity_src_gen.pdbx_host_org_culture_collection   ? 
_entity_src_gen.pdbx_host_org_cell                 ? 
_entity_src_gen.pdbx_host_org_organelle            ? 
_entity_src_gen.pdbx_host_org_cellular_location    ? 
_entity_src_gen.pdbx_host_org_vector_type          Plasmid 
_entity_src_gen.pdbx_host_org_vector               ? 
_entity_src_gen.host_org_details                   ? 
_entity_src_gen.expression_system_id               ? 
_entity_src_gen.plasmid_name                       'pET-28(a+)' 
_entity_src_gen.plasmid_details                    ? 
_entity_src_gen.pdbx_description                   ? 
# 
loop_
_chem_comp.id 
_chem_comp.type 
_chem_comp.mon_nstd_flag 
_chem_comp.name 
_chem_comp.pdbx_synonyms 
_chem_comp.formula 
_chem_comp.formula_weight 
ALA 'L-peptide linking' y ALANINE         ? 'C3 H7 N O2'     89.093  
ARG 'L-peptide linking' y ARGININE        ? 'C6 H15 N4 O2 1' 175.209 
ASN 'L-peptide linking' y ASPARAGINE      ? 'C4 H8 N2 O3'    132.118 
ASP 'L-peptide linking' y 'ASPARTIC ACID' ? 'C4 H7 N O4'     133.103 
GLN 'L-peptide linking' y GLUTAMINE       ? 'C5 H10 N2 O3'   146.144 
GLU 'L-peptide linking' y 'GLUTAMIC ACID' ? 'C5 H9 N O4'     147.129 
GLY 'peptide linking'   y GLYCINE         ? 'C2 H5 N O2'     75.067  
HIS 'L-peptide linking' y HISTIDINE       ? 'C6 H10 N3 O2 1' 156.162 
ILE 'L-peptide linking' y ISOLEUCINE      ? 'C6 H13 N O2'    131.173 
LEU 'L-peptide linking' y LEUCINE         ? 'C6 H13 N O2'    131.173 
LYS 'L-peptide linking' y LYSINE          ? 'C6 H15 N2 O2 1' 147.195 
MET 'L-peptide linking' y METHIONINE      ? 'C5 H11 N O2 S'  149.211 
PHE 'L-peptide linking' y PHENYLALANINE   ? 'C9 H11 N O2'    165.189 
PRO 'L-peptide linking' y PROLINE         ? 'C5 H9 N O2'     115.130 
SER 'L-peptide linking' y SERINE          ? 'C3 H7 N O3'     105.093 
THR 'L-peptide linking' y THREONINE       ? 'C4 H9 N O3'     119.119 
VAL 'L-peptide linking' y VALINE          ? 'C5 H11 N O2'    117.146 
# 
loop_
_pdbx_poly_seq_scheme.asym_id 
_pdbx_poly_seq_scheme.entity_id 
_pdbx_poly_seq_scheme.seq_id 
_pdbx_poly_seq_scheme.mon_id 
_pdbx_poly_seq_scheme.ndb_seq_num 
_pdbx_poly_seq_scheme.pdb_seq_num 
_pdbx_poly_seq_scheme.auth_seq_num 
_pdbx_poly_seq_scheme.pdb_mon_id 
_pdbx_poly_seq_scheme.auth_mon_id 
_pdbx_poly_seq_scheme.pdb_strand_id 
_pdbx_poly_seq_scheme.pdb_ins_code 
_pdbx_poly_seq_scheme.hetero 
A 1 1  ALA 1  1  1  ALA ALA A . n 
A 1 2  GLN 2  2  2  GLN GLN A . n 
A 1 3  THR 3  3  3  THR THR A . n 
A 1 4  GLU 4  4  4  GLU GLU A . n 
A 1 5  GLN 5  5  5  GLN GLN A . n 
A 1 6  PRO 6  6  6  PRO PRO A . n 
A 1 7  PRO 7  7  7  PRO PRO A . n 
A 1 8  ASN 8  8  8  ASN ASN A . n 
A 1 9  GLN 9  9  9  GLN GLN A . n 
A 1 10 ILE 10 10 10 ILE ILE A . n 
A 1 11 LEU 11 11 11 LEU LEU A . n 
A 1 12 PHE 12 12 12 PHE PHE A . n 
A 1 13 LEU 13 13 13 LEU LEU A . n 
A 1 14 THR 14 14 14 THR THR A . n 
A 1 15 ASN 15 15 15 ASN ASN A . n 
A 1 16 LEU 16 16 16 LEU LEU A . n 
A 1 17 PRO 17 17 17 PRO PRO A . n 
A 1 18 GLU 18 18 18 GLU GLU A . n 
A 1 19 GLU 19 19 19 GLU GLU A . n 
A 1 20 THR 20 20 20 THR THR A . n 
A 1 21 ASN 21 21 21 ASN ASN A . n 
A 1 22 GLU 22 22 22 GLU GLU A . n 
A 1 23 MET 23 23 23 MET MET A . n 
A 1 24 MET 24 24 24 MET MET A . n 
A 1 25 LEU 25 25 25 LEU LEU A . n 
A 1 26 SER 26 26 26 SER SER A . n 
A 1 27 MET 27 27 27 MET MET A . n 
A 1 28 LEU 28 28 28 LEU LEU A . n 
A 1 29 PHE 29 29 29 PHE PHE A . n 
A 1 30 ASN 30 30 30 ASN ASN A . n 
A 1 31 GLN 31 31 31 GLN GLN A . n 
A 1 32 PHE 32 32 32 PHE PHE A . n 
A 1 33 PRO 33 33 33 PRO PRO A . n 
A 1 34 GLY 34 34 34 GLY GLY A . n 
A 1 35 PHE 35 35 35 PHE PHE A . n 
A 1 36 LYS 36 36 36 LYS LYS A . n 
A 1 37 GLU 37 37 37 GLU GLU A . n 
A 1 38 VAL 38 38 38 VAL VAL A . n 
A 1 39 ARG 39 39 39 ARG ARG A . n 
A 1 40 LEU 40 40 40 LEU LEU A . n 
A 1 41 VAL 41 41 41 VAL VAL A . n 
A 1 42 PRO 42 42 42 PRO PRO A . n 
A 1 43 ASN 43 43 43 ASN ASN A . n 
A 1 44 ARG 44 44 44 ARG ARG A . n 
A 1 45 HIS 45 45 45 HIS HIS A . n 
A 1 46 ASP 46 46 46 ASP ASP A . n 
A 1 47 ILE 47 47 47 ILE ILE A . n 
A 1 48 ALA 48 48 48 ALA ALA A . n 
A 1 49 PHE 49 49 49 PHE PHE A . n 
A 1 50 VAL 50 50 50 VAL VAL A . n 
A 1 51 GLU 51 51 51 GLU GLU A . n 
A 1 52 PHE 52 52 52 PHE PHE A . n 
A 1 53 THR 53 53 53 THR THR A . n 
A 1 54 THR 54 54 54 THR THR A . n 
A 1 55 GLU 55 55 55 GLU GLU A . n 
A 1 56 LEU 56 56 56 LEU LEU A . n 
A 1 57 GLN 57 57 57 GLN GLN A . n 
A 1 58 SER 58 58 58 SER SER A . n 
A 1 59 ASN 59 59 59 ASN ASN A . n 
A 1 60 ALA 60 60 60 ALA ALA A . n 
A 1 61 ALA 61 61 61 ALA ALA A . n 
A 1 62 LYS 62 62 62 LYS LYS A . n 
A 1 63 GLU 63 63 63 GLU GLU A . n 
A 1 64 ALA 64 64 64 ALA ALA A . n 
A 1 65 LEU 65 65 65 LEU LEU A . n 
A 1 66 GLN 66 66 66 GLN GLN A . n 
A 1 67 GLY 67 67 67 GLY GLY A . n 
A 1 68 PHE 68 68 68 PHE PHE A . n 
A 1 69 LYS 69 69 69 LYS LYS A . n 
A 1 70 ILE 70 70 70 ILE ILE A . n 
A 1 71 THR 71 71 71 THR THR A . n 
A 1 72 PRO 72 72 72 PRO PRO A . n 
A 1 73 THR 73 73 73 THR THR A . n 
A 1 74 HIS 74 74 74 HIS HIS A . n 
A 1 75 ALA 75 75 75 ALA ALA A . n 
A 1 76 MET 76 76 76 MET MET A . n 
A 1 77 LYS 77 77 77 LYS LYS A . n 
A 1 78 ILE 78 78 78 ILE ILE A . n 
A 1 79 THR 79 79 79 THR THR A . n 
A 1 80 PHE 80 80 80 PHE PHE A . n 
A 1 81 ALA 81 81 81 ALA ALA A . n 
A 1 82 LYS 82 82 82 LYS LYS A . n 
A 1 83 LYS 83 83 83 LYS LYS A . n 
# 
_exptl.entry_id          2B0G 
_exptl.method            'SOLUTION NMR' 
_exptl.crystals_number   ? 
# 
_struct.entry_id                  2B0G 
_struct.title                     'Solution Structure of Drosophila melanogaster SNF RBD2' 
_struct.pdbx_model_details        ? 
_struct.pdbx_CASP_flag            ? 
_struct.pdbx_model_type_details   'minimized average' 
# 
_struct_keywords.entry_id        2B0G 
_struct_keywords.pdbx_keywords   'RNA BINDING PROTEIN' 
_struct_keywords.text            'SNF RBD2, RNA binding, RNA splicing, solution structure, RNA BINDING PROTEIN' 
# 
_struct_asym.id                            A 
_struct_asym.pdbx_blank_PDB_chainid_flag   N 
_struct_asym.pdbx_modified                 N 
_struct_asym.entity_id                     1 
_struct_asym.details                       ? 
# 
_struct_ref.id                         1 
_struct_ref.db_name                    UNP 
_struct_ref.db_code                    SNRPA_DROME 
_struct_ref.pdbx_db_accession          P43332 
_struct_ref.entity_id                  1 
_struct_ref.pdbx_align_begin           134 
_struct_ref.pdbx_db_isoform            ? 
_struct_ref.pdbx_seq_one_letter_code   ? 
# 
_struct_ref_seq.align_id                      1 
_struct_ref_seq.ref_id                        1 
_struct_ref_seq.pdbx_PDB_id_code              2B0G 
_struct_ref_seq.pdbx_strand_id                A 
_struct_ref_seq.seq_align_beg                 1 
_struct_ref_seq.pdbx_seq_align_beg_ins_code   ? 
_struct_ref_seq.seq_align_end                 83 
_struct_ref_seq.pdbx_seq_align_end_ins_code   ? 
_struct_ref_seq.pdbx_db_accession             P43332 
_struct_ref_seq.db_align_beg                  134 
_struct_ref_seq.pdbx_db_align_beg_ins_code    ? 
_struct_ref_seq.db_align_end                  216 
_struct_ref_seq.pdbx_db_align_end_ins_code    ? 
_struct_ref_seq.pdbx_auth_seq_align_beg       1 
_struct_ref_seq.pdbx_auth_seq_align_end       83 
# 
_pdbx_struct_assembly.id                   1 
_pdbx_struct_assembly.details              author_defined_assembly 
_pdbx_struct_assembly.method_details       ? 
_pdbx_struct_assembly.oligomeric_details   monomeric 
_pdbx_struct_assembly.oligomeric_count     1 
# 
_pdbx_struct_assembly_gen.assembly_id       1 
_pdbx_struct_assembly_gen.oper_expression   1 
_pdbx_struct_assembly_gen.asym_id_list      A 
# 
_pdbx_struct_oper_list.id                   1 
_pdbx_struct_oper_list.type                 'identity operation' 
_pdbx_struct_oper_list.name                 1_555 
_pdbx_struct_oper_list.symmetry_operation   x,y,z 
_pdbx_struct_oper_list.matrix[1][1]         1.0000000000 
_pdbx_struct_oper_list.matrix[1][2]         0.0000000000 
_pdbx_struct_oper_list.matrix[1][3]         0.0000000000 
_pdbx_struct_oper_list.vector[1]            0.0000000000 
_pdbx_struct_oper_list.matrix[2][1]         0.0000000000 
_pdbx_struct_oper_list.matrix[2][2]         1.0000000000 
_pdbx_struct_oper_list.matrix[2][3]         0.0000000000 
_pdbx_struct_oper_list.vector[2]            0.0000000000 
_pdbx_struct_oper_list.matrix[3][1]         0.0000000000 
_pdbx_struct_oper_list.matrix[3][2]         0.0000000000 
_pdbx_struct_oper_list.matrix[3][3]         1.0000000000 
_pdbx_struct_oper_list.vector[3]            0.0000000000 
# 
_struct_biol.id   1 
# 
loop_
_struct_conf.conf_type_id 
_struct_conf.id 
_struct_conf.pdbx_PDB_helix_id 
_struct_conf.beg_label_comp_id 
_struct_conf.beg_label_asym_id 
_struct_conf.beg_label_seq_id 
_struct_conf.pdbx_beg_PDB_ins_code 
_struct_conf.end_label_comp_id 
_struct_conf.end_label_asym_id 
_struct_conf.end_label_seq_id 
_struct_conf.pdbx_end_PDB_ins_code 
_struct_conf.beg_auth_comp_id 
_struct_conf.beg_auth_asym_id 
_struct_conf.beg_auth_seq_id 
_struct_conf.end_auth_comp_id 
_struct_conf.end_auth_asym_id 
_struct_conf.end_auth_seq_id 
_struct_conf.pdbx_PDB_helix_class 
_struct_conf.details 
_struct_conf.pdbx_PDB_helix_length 
HELX_P HELX_P1 1 ASN A 21 ? ASN A 30 ? ASN A 21 ASN A 30 1 ? 10 
HELX_P HELX_P2 2 THR A 54 ? GLN A 66 ? THR A 54 GLN A 66 1 ? 13 
# 
_struct_conf_type.id          HELX_P 
_struct_conf_type.criteria    ? 
_struct_conf_type.reference   ? 
# 
_struct_sheet.id               A 
_struct_sheet.type             ? 
_struct_sheet.number_strands   4 
_struct_sheet.details          ? 
# 
loop_
_struct_sheet_order.sheet_id 
_struct_sheet_order.range_id_1 
_struct_sheet_order.range_id_2 
_struct_sheet_order.offset 
_struct_sheet_order.sense 
A 1 2 ? anti-parallel 
A 2 3 ? anti-parallel 
A 3 4 ? anti-parallel 
# 
loop_
_struct_sheet_range.sheet_id 
_struct_sheet_range.id 
_struct_sheet_range.beg_label_comp_id 
_struct_sheet_range.beg_label_asym_id 
_struct_sheet_range.beg_label_seq_id 
_struct_sheet_range.pdbx_beg_PDB_ins_code 
_struct_sheet_range.end_label_comp_id 
_struct_sheet_range.end_label_asym_id 
_struct_sheet_range.end_label_seq_id 
_struct_sheet_range.pdbx_end_PDB_ins_code 
_struct_sheet_range.beg_auth_comp_id 
_struct_sheet_range.beg_auth_asym_id 
_struct_sheet_range.beg_auth_seq_id 
_struct_sheet_range.end_auth_comp_id 
_struct_sheet_range.end_auth_asym_id 
_struct_sheet_range.end_auth_seq_id 
A 1 PHE A 35 ? LEU A 40 ? PHE A 35 LEU A 40 
A 2 ALA A 48 ? PHE A 52 ? ALA A 48 PHE A 52 
A 3 ILE A 10 ? THR A 14 ? ILE A 10 THR A 14 
A 4 LYS A 77 ? PHE A 80 ? LYS A 77 PHE A 80 
# 
loop_
_pdbx_struct_sheet_hbond.sheet_id 
_pdbx_struct_sheet_hbond.range_id_1 
_pdbx_struct_sheet_hbond.range_id_2 
_pdbx_struct_sheet_hbond.range_1_label_atom_id 
_pdbx_struct_sheet_hbond.range_1_label_comp_id 
_pdbx_struct_sheet_hbond.range_1_label_asym_id 
_pdbx_struct_sheet_hbond.range_1_label_seq_id 
_pdbx_struct_sheet_hbond.range_1_PDB_ins_code 
_pdbx_struct_sheet_hbond.range_1_auth_atom_id 
_pdbx_struct_sheet_hbond.range_1_auth_comp_id 
_pdbx_struct_sheet_hbond.range_1_auth_asym_id 
_pdbx_struct_sheet_hbond.range_1_auth_seq_id 
_pdbx_struct_sheet_hbond.range_2_label_atom_id 
_pdbx_struct_sheet_hbond.range_2_label_comp_id 
_pdbx_struct_sheet_hbond.range_2_label_asym_id 
_pdbx_struct_sheet_hbond.range_2_label_seq_id 
_pdbx_struct_sheet_hbond.range_2_PDB_ins_code 
_pdbx_struct_sheet_hbond.range_2_auth_atom_id 
_pdbx_struct_sheet_hbond.range_2_auth_comp_id 
_pdbx_struct_sheet_hbond.range_2_auth_asym_id 
_pdbx_struct_sheet_hbond.range_2_auth_seq_id 
A 1 2 N GLU A 37 ? N GLU A 37 O GLU A 51 ? O GLU A 51 
A 2 3 O ALA A 48 ? O ALA A 48 N LEU A 13 ? N LEU A 13 
A 3 4 N PHE A 12 ? N PHE A 12 O THR A 79 ? O THR A 79 
# 
loop_
_pdbx_validate_torsion.id 
_pdbx_validate_torsion.PDB_model_num 
_pdbx_validate_torsion.auth_comp_id 
_pdbx_validate_torsion.auth_asym_id 
_pdbx_validate_torsion.auth_seq_id 
_pdbx_validate_torsion.PDB_ins_code 
_pdbx_validate_torsion.label_alt_id 
_pdbx_validate_torsion.phi 
_pdbx_validate_torsion.psi 
1 1 PRO A 6  ? ? -49.02  150.56 
2 1 LYS A 36 ? ? -130.36 -48.33 
3 1 ARG A 44 ? ? -142.17 -39.83 
4 1 HIS A 45 ? ? 61.67   -29.34 
# 
_pdbx_nmr_ensemble.entry_id                             2B0G 
_pdbx_nmr_ensemble.conformers_calculated_total_number   ? 
_pdbx_nmr_ensemble.conformers_submitted_total_number    1 
_pdbx_nmr_ensemble.conformer_selection_criteria         ? 
# 
_pdbx_nmr_representative.entry_id             2B0G 
_pdbx_nmr_representative.conformer_id         ? 
_pdbx_nmr_representative.selection_criteria   'minimized average structure' 
# 
_pdbx_nmr_sample_details.solution_id      1 
_pdbx_nmr_sample_details.contents         
'1mM SNF RBD2 U-15N, 13C; 50mM phosphate buffer NA; 1mM EDTA; 50mM NaCl; 90% H2O, 10% D2O' 
_pdbx_nmr_sample_details.solvent_system   '90% H2O/10% D2O' 
# 
_pdbx_nmr_exptl_sample_conditions.conditions_id       1 
_pdbx_nmr_exptl_sample_conditions.temperature         298 
_pdbx_nmr_exptl_sample_conditions.pressure            ambient 
_pdbx_nmr_exptl_sample_conditions.pH                  7.2 
_pdbx_nmr_exptl_sample_conditions.ionic_strength      '250 mM' 
_pdbx_nmr_exptl_sample_conditions.pressure_units      . 
_pdbx_nmr_exptl_sample_conditions.temperature_units   K 
# 
loop_
_pdbx_nmr_exptl.experiment_id 
_pdbx_nmr_exptl.conditions_id 
_pdbx_nmr_exptl.type 
_pdbx_nmr_exptl.solution_id 
1 1 3D_13C-separated_NOESY 1 
2 1 3D_15N-separated_NOESY 1 
# 
_pdbx_nmr_details.entry_id   2B0G 
_pdbx_nmr_details.text       'This structure is the averaged structure of SNF RBD2 and energy-minimized by AMBER' 
# 
_pdbx_nmr_refine.entry_id           2B0G 
_pdbx_nmr_refine.method             'Simulated annealing molecular dynamics' 
_pdbx_nmr_refine.details            
;The structure was based on total 3828 restraints.3715 are NOE derived distance restraints, 61 are hihedral angle restraints, 52 are distance restraints from hydrogen bonds.
;
_pdbx_nmr_refine.software_ordinal   1 
# 
loop_
_pdbx_nmr_software.classification 
_pdbx_nmr_software.name 
_pdbx_nmr_software.version 
_pdbx_nmr_software.authors 
_pdbx_nmr_software.ordinal 
collection           XwinNMR 3.5   Bruker           1 
processing           NMRPipe 2.1   'Frank Delaglio' 2 
'data analysis'      NMRView 5     'Bruce Johnson'  3 
'structure solution' CYANA   1.0.6 'Peter Guntert'  4 
refinement           Amber   7.0   'David Case'     5 
# 
loop_
_chem_comp_atom.comp_id 
_chem_comp_atom.atom_id 
_chem_comp_atom.type_symbol 
_chem_comp_atom.pdbx_aromatic_flag 
_chem_comp_atom.pdbx_stereo_config 
_chem_comp_atom.pdbx_ordinal 
ALA N    N N N 1   
ALA CA   C N S 2   
ALA C    C N N 3   
ALA O    O N N 4   
ALA CB   C N N 5   
ALA OXT  O N N 6   
ALA H    H N N 7   
ALA H2   H N N 8   
ALA HA   H N N 9   
ALA HB1  H N N 10  
ALA HB2  H N N 11  
ALA HB3  H N N 12  
ALA HXT  H N N 13  
ARG N    N N N 14  
ARG CA   C N S 15  
ARG C    C N N 16  
ARG O    O N N 17  
ARG CB   C N N 18  
ARG CG   C N N 19  
ARG CD   C N N 20  
ARG NE   N N N 21  
ARG CZ   C N N 22  
ARG NH1  N N N 23  
ARG NH2  N N N 24  
ARG OXT  O N N 25  
ARG H    H N N 26  
ARG H2   H N N 27  
ARG HA   H N N 28  
ARG HB2  H N N 29  
ARG HB3  H N N 30  
ARG HG2  H N N 31  
ARG HG3  H N N 32  
ARG HD2  H N N 33  
ARG HD3  H N N 34  
ARG HE   H N N 35  
ARG HH11 H N N 36  
ARG HH12 H N N 37  
ARG HH21 H N N 38  
ARG HH22 H N N 39  
ARG HXT  H N N 40  
ASN N    N N N 41  
ASN CA   C N S 42  
ASN C    C N N 43  
ASN O    O N N 44  
ASN CB   C N N 45  
ASN CG   C N N 46  
ASN OD1  O N N 47  
ASN ND2  N N N 48  
ASN OXT  O N N 49  
ASN H    H N N 50  
ASN H2   H N N 51  
ASN HA   H N N 52  
ASN HB2  H N N 53  
ASN HB3  H N N 54  
ASN HD21 H N N 55  
ASN HD22 H N N 56  
ASN HXT  H N N 57  
ASP N    N N N 58  
ASP CA   C N S 59  
ASP C    C N N 60  
ASP O    O N N 61  
ASP CB   C N N 62  
ASP CG   C N N 63  
ASP OD1  O N N 64  
ASP OD2  O N N 65  
ASP OXT  O N N 66  
ASP H    H N N 67  
ASP H2   H N N 68  
ASP HA   H N N 69  
ASP HB2  H N N 70  
ASP HB3  H N N 71  
ASP HD2  H N N 72  
ASP HXT  H N N 73  
GLN N    N N N 74  
GLN CA   C N S 75  
GLN C    C N N 76  
GLN O    O N N 77  
GLN CB   C N N 78  
GLN CG   C N N 79  
GLN CD   C N N 80  
GLN OE1  O N N 81  
GLN NE2  N N N 82  
GLN OXT  O N N 83  
GLN H    H N N 84  
GLN H2   H N N 85  
GLN HA   H N N 86  
GLN HB2  H N N 87  
GLN HB3  H N N 88  
GLN HG2  H N N 89  
GLN HG3  H N N 90  
GLN HE21 H N N 91  
GLN HE22 H N N 92  
GLN HXT  H N N 93  
GLU N    N N N 94  
GLU CA   C N S 95  
GLU C    C N N 96  
GLU O    O N N 97  
GLU CB   C N N 98  
GLU CG   C N N 99  
GLU CD   C N N 100 
GLU OE1  O N N 101 
GLU OE2  O N N 102 
GLU OXT  O N N 103 
GLU H    H N N 104 
GLU H2   H N N 105 
GLU HA   H N N 106 
GLU HB2  H N N 107 
GLU HB3  H N N 108 
GLU HG2  H N N 109 
GLU HG3  H N N 110 
GLU HE2  H N N 111 
GLU HXT  H N N 112 
GLY N    N N N 113 
GLY CA   C N N 114 
GLY C    C N N 115 
GLY O    O N N 116 
GLY OXT  O N N 117 
GLY H    H N N 118 
GLY H2   H N N 119 
GLY HA2  H N N 120 
GLY HA3  H N N 121 
GLY HXT  H N N 122 
HIS N    N N N 123 
HIS CA   C N S 124 
HIS C    C N N 125 
HIS O    O N N 126 
HIS CB   C N N 127 
HIS CG   C Y N 128 
HIS ND1  N Y N 129 
HIS CD2  C Y N 130 
HIS CE1  C Y N 131 
HIS NE2  N Y N 132 
HIS OXT  O N N 133 
HIS H    H N N 134 
HIS H2   H N N 135 
HIS HA   H N N 136 
HIS HB2  H N N 137 
HIS HB3  H N N 138 
HIS HD1  H N N 139 
HIS HD2  H N N 140 
HIS HE1  H N N 141 
HIS HE2  H N N 142 
HIS HXT  H N N 143 
ILE N    N N N 144 
ILE CA   C N S 145 
ILE C    C N N 146 
ILE O    O N N 147 
ILE CB   C N S 148 
ILE CG1  C N N 149 
ILE CG2  C N N 150 
ILE CD1  C N N 151 
ILE OXT  O N N 152 
ILE H    H N N 153 
ILE H2   H N N 154 
ILE HA   H N N 155 
ILE HB   H N N 156 
ILE HG12 H N N 157 
ILE HG13 H N N 158 
ILE HG21 H N N 159 
ILE HG22 H N N 160 
ILE HG23 H N N 161 
ILE HD11 H N N 162 
ILE HD12 H N N 163 
ILE HD13 H N N 164 
ILE HXT  H N N 165 
LEU N    N N N 166 
LEU CA   C N S 167 
LEU C    C N N 168 
LEU O    O N N 169 
LEU CB   C N N 170 
LEU CG   C N N 171 
LEU CD1  C N N 172 
LEU CD2  C N N 173 
LEU OXT  O N N 174 
LEU H    H N N 175 
LEU H2   H N N 176 
LEU HA   H N N 177 
LEU HB2  H N N 178 
LEU HB3  H N N 179 
LEU HG   H N N 180 
LEU HD11 H N N 181 
LEU HD12 H N N 182 
LEU HD13 H N N 183 
LEU HD21 H N N 184 
LEU HD22 H N N 185 
LEU HD23 H N N 186 
LEU HXT  H N N 187 
LYS N    N N N 188 
LYS CA   C N S 189 
LYS C    C N N 190 
LYS O    O N N 191 
LYS CB   C N N 192 
LYS CG   C N N 193 
LYS CD   C N N 194 
LYS CE   C N N 195 
LYS NZ   N N N 196 
LYS OXT  O N N 197 
LYS H    H N N 198 
LYS H2   H N N 199 
LYS HA   H N N 200 
LYS HB2  H N N 201 
LYS HB3  H N N 202 
LYS HG2  H N N 203 
LYS HG3  H N N 204 
LYS HD2  H N N 205 
LYS HD3  H N N 206 
LYS HE2  H N N 207 
LYS HE3  H N N 208 
LYS HZ1  H N N 209 
LYS HZ2  H N N 210 
LYS HZ3  H N N 211 
LYS HXT  H N N 212 
MET N    N N N 213 
MET CA   C N S 214 
MET C    C N N 215 
MET O    O N N 216 
MET CB   C N N 217 
MET CG   C N N 218 
MET SD   S N N 219 
MET CE   C N N 220 
MET OXT  O N N 221 
MET H    H N N 222 
MET H2   H N N 223 
MET HA   H N N 224 
MET HB2  H N N 225 
MET HB3  H N N 226 
MET HG2  H N N 227 
MET HG3  H N N 228 
MET HE1  H N N 229 
MET HE2  H N N 230 
MET HE3  H N N 231 
MET HXT  H N N 232 
PHE N    N N N 233 
PHE CA   C N S 234 
PHE C    C N N 235 
PHE O    O N N 236 
PHE CB   C N N 237 
PHE CG   C Y N 238 
PHE CD1  C Y N 239 
PHE CD2  C Y N 240 
PHE CE1  C Y N 241 
PHE CE2  C Y N 242 
PHE CZ   C Y N 243 
PHE OXT  O N N 244 
PHE H    H N N 245 
PHE H2   H N N 246 
PHE HA   H N N 247 
PHE HB2  H N N 248 
PHE HB3  H N N 249 
PHE HD1  H N N 250 
PHE HD2  H N N 251 
PHE HE1  H N N 252 
PHE HE2  H N N 253 
PHE HZ   H N N 254 
PHE HXT  H N N 255 
PRO N    N N N 256 
PRO CA   C N S 257 
PRO C    C N N 258 
PRO O    O N N 259 
PRO CB   C N N 260 
PRO CG   C N N 261 
PRO CD   C N N 262 
PRO OXT  O N N 263 
PRO H    H N N 264 
PRO HA   H N N 265 
PRO HB2  H N N 266 
PRO HB3  H N N 267 
PRO HG2  H N N 268 
PRO HG3  H N N 269 
PRO HD2  H N N 270 
PRO HD3  H N N 271 
PRO HXT  H N N 272 
SER N    N N N 273 
SER CA   C N S 274 
SER C    C N N 275 
SER O    O N N 276 
SER CB   C N N 277 
SER OG   O N N 278 
SER OXT  O N N 279 
SER H    H N N 280 
SER H2   H N N 281 
SER HA   H N N 282 
SER HB2  H N N 283 
SER HB3  H N N 284 
SER HG   H N N 285 
SER HXT  H N N 286 
THR N    N N N 287 
THR CA   C N S 288 
THR C    C N N 289 
THR O    O N N 290 
THR CB   C N R 291 
THR OG1  O N N 292 
THR CG2  C N N 293 
THR OXT  O N N 294 
THR H    H N N 295 
THR H2   H N N 296 
THR HA   H N N 297 
THR HB   H N N 298 
THR HG1  H N N 299 
THR HG21 H N N 300 
THR HG22 H N N 301 
THR HG23 H N N 302 
THR HXT  H N N 303 
VAL N    N N N 304 
VAL CA   C N S 305 
VAL C    C N N 306 
VAL O    O N N 307 
VAL CB   C N N 308 
VAL CG1  C N N 309 
VAL CG2  C N N 310 
VAL OXT  O N N 311 
VAL H    H N N 312 
VAL H2   H N N 313 
VAL HA   H N N 314 
VAL HB   H N N 315 
VAL HG11 H N N 316 
VAL HG12 H N N 317 
VAL HG13 H N N 318 
VAL HG21 H N N 319 
VAL HG22 H N N 320 
VAL HG23 H N N 321 
VAL HXT  H N N 322 
# 
loop_
_chem_comp_bond.comp_id 
_chem_comp_bond.atom_id_1 
_chem_comp_bond.atom_id_2 
_chem_comp_bond.value_order 
_chem_comp_bond.pdbx_aromatic_flag 
_chem_comp_bond.pdbx_stereo_config 
_chem_comp_bond.pdbx_ordinal 
ALA N   CA   sing N N 1   
ALA N   H    sing N N 2   
ALA N   H2   sing N N 3   
ALA CA  C    sing N N 4   
ALA CA  CB   sing N N 5   
ALA CA  HA   sing N N 6   
ALA C   O    doub N N 7   
ALA C   OXT  sing N N 8   
ALA CB  HB1  sing N N 9   
ALA CB  HB2  sing N N 10  
ALA CB  HB3  sing N N 11  
ALA OXT HXT  sing N N 12  
ARG N   CA   sing N N 13  
ARG N   H    sing N N 14  
ARG N   H2   sing N N 15  
ARG CA  C    sing N N 16  
ARG CA  CB   sing N N 17  
ARG CA  HA   sing N N 18  
ARG C   O    doub N N 19  
ARG C   OXT  sing N N 20  
ARG CB  CG   sing N N 21  
ARG CB  HB2  sing N N 22  
ARG CB  HB3  sing N N 23  
ARG CG  CD   sing N N 24  
ARG CG  HG2  sing N N 25  
ARG CG  HG3  sing N N 26  
ARG CD  NE   sing N N 27  
ARG CD  HD2  sing N N 28  
ARG CD  HD3  sing N N 29  
ARG NE  CZ   sing N N 30  
ARG NE  HE   sing N N 31  
ARG CZ  NH1  sing N N 32  
ARG CZ  NH2  doub N N 33  
ARG NH1 HH11 sing N N 34  
ARG NH1 HH12 sing N N 35  
ARG NH2 HH21 sing N N 36  
ARG NH2 HH22 sing N N 37  
ARG OXT HXT  sing N N 38  
ASN N   CA   sing N N 39  
ASN N   H    sing N N 40  
ASN N   H2   sing N N 41  
ASN CA  C    sing N N 42  
ASN CA  CB   sing N N 43  
ASN CA  HA   sing N N 44  
ASN C   O    doub N N 45  
ASN C   OXT  sing N N 46  
ASN CB  CG   sing N N 47  
ASN CB  HB2  sing N N 48  
ASN CB  HB3  sing N N 49  
ASN CG  OD1  doub N N 50  
ASN CG  ND2  sing N N 51  
ASN ND2 HD21 sing N N 52  
ASN ND2 HD22 sing N N 53  
ASN OXT HXT  sing N N 54  
ASP N   CA   sing N N 55  
ASP N   H    sing N N 56  
ASP N   H2   sing N N 57  
ASP CA  C    sing N N 58  
ASP CA  CB   sing N N 59  
ASP CA  HA   sing N N 60  
ASP C   O    doub N N 61  
ASP C   OXT  sing N N 62  
ASP CB  CG   sing N N 63  
ASP CB  HB2  sing N N 64  
ASP CB  HB3  sing N N 65  
ASP CG  OD1  doub N N 66  
ASP CG  OD2  sing N N 67  
ASP OD2 HD2  sing N N 68  
ASP OXT HXT  sing N N 69  
GLN N   CA   sing N N 70  
GLN N   H    sing N N 71  
GLN N   H2   sing N N 72  
GLN CA  C    sing N N 73  
GLN CA  CB   sing N N 74  
GLN CA  HA   sing N N 75  
GLN C   O    doub N N 76  
GLN C   OXT  sing N N 77  
GLN CB  CG   sing N N 78  
GLN CB  HB2  sing N N 79  
GLN CB  HB3  sing N N 80  
GLN CG  CD   sing N N 81  
GLN CG  HG2  sing N N 82  
GLN CG  HG3  sing N N 83  
GLN CD  OE1  doub N N 84  
GLN CD  NE2  sing N N 85  
GLN NE2 HE21 sing N N 86  
GLN NE2 HE22 sing N N 87  
GLN OXT HXT  sing N N 88  
GLU N   CA   sing N N 89  
GLU N   H    sing N N 90  
GLU N   H2   sing N N 91  
GLU CA  C    sing N N 92  
GLU CA  CB   sing N N 93  
GLU CA  HA   sing N N 94  
GLU C   O    doub N N 95  
GLU C   OXT  sing N N 96  
GLU CB  CG   sing N N 97  
GLU CB  HB2  sing N N 98  
GLU CB  HB3  sing N N 99  
GLU CG  CD   sing N N 100 
GLU CG  HG2  sing N N 101 
GLU CG  HG3  sing N N 102 
GLU CD  OE1  doub N N 103 
GLU CD  OE2  sing N N 104 
GLU OE2 HE2  sing N N 105 
GLU OXT HXT  sing N N 106 
GLY N   CA   sing N N 107 
GLY N   H    sing N N 108 
GLY N   H2   sing N N 109 
GLY CA  C    sing N N 110 
GLY CA  HA2  sing N N 111 
GLY CA  HA3  sing N N 112 
GLY C   O    doub N N 113 
GLY C   OXT  sing N N 114 
GLY OXT HXT  sing N N 115 
HIS N   CA   sing N N 116 
HIS N   H    sing N N 117 
HIS N   H2   sing N N 118 
HIS CA  C    sing N N 119 
HIS CA  CB   sing N N 120 
HIS CA  HA   sing N N 121 
HIS C   O    doub N N 122 
HIS C   OXT  sing N N 123 
HIS CB  CG   sing N N 124 
HIS CB  HB2  sing N N 125 
HIS CB  HB3  sing N N 126 
HIS CG  ND1  sing Y N 127 
HIS CG  CD2  doub Y N 128 
HIS ND1 CE1  doub Y N 129 
HIS ND1 HD1  sing N N 130 
HIS CD2 NE2  sing Y N 131 
HIS CD2 HD2  sing N N 132 
HIS CE1 NE2  sing Y N 133 
HIS CE1 HE1  sing N N 134 
HIS NE2 HE2  sing N N 135 
HIS OXT HXT  sing N N 136 
ILE N   CA   sing N N 137 
ILE N   H    sing N N 138 
ILE N   H2   sing N N 139 
ILE CA  C    sing N N 140 
ILE CA  CB   sing N N 141 
ILE CA  HA   sing N N 142 
ILE C   O    doub N N 143 
ILE C   OXT  sing N N 144 
ILE CB  CG1  sing N N 145 
ILE CB  CG2  sing N N 146 
ILE CB  HB   sing N N 147 
ILE CG1 CD1  sing N N 148 
ILE CG1 HG12 sing N N 149 
ILE CG1 HG13 sing N N 150 
ILE CG2 HG21 sing N N 151 
ILE CG2 HG22 sing N N 152 
ILE CG2 HG23 sing N N 153 
ILE CD1 HD11 sing N N 154 
ILE CD1 HD12 sing N N 155 
ILE CD1 HD13 sing N N 156 
ILE OXT HXT  sing N N 157 
LEU N   CA   sing N N 158 
LEU N   H    sing N N 159 
LEU N   H2   sing N N 160 
LEU CA  C    sing N N 161 
LEU CA  CB   sing N N 162 
LEU CA  HA   sing N N 163 
LEU C   O    doub N N 164 
LEU C   OXT  sing N N 165 
LEU CB  CG   sing N N 166 
LEU CB  HB2  sing N N 167 
LEU CB  HB3  sing N N 168 
LEU CG  CD1  sing N N 169 
LEU CG  CD2  sing N N 170 
LEU CG  HG   sing N N 171 
LEU CD1 HD11 sing N N 172 
LEU CD1 HD12 sing N N 173 
LEU CD1 HD13 sing N N 174 
LEU CD2 HD21 sing N N 175 
LEU CD2 HD22 sing N N 176 
LEU CD2 HD23 sing N N 177 
LEU OXT HXT  sing N N 178 
LYS N   CA   sing N N 179 
LYS N   H    sing N N 180 
LYS N   H2   sing N N 181 
LYS CA  C    sing N N 182 
LYS CA  CB   sing N N 183 
LYS CA  HA   sing N N 184 
LYS C   O    doub N N 185 
LYS C   OXT  sing N N 186 
LYS CB  CG   sing N N 187 
LYS CB  HB2  sing N N 188 
LYS CB  HB3  sing N N 189 
LYS CG  CD   sing N N 190 
LYS CG  HG2  sing N N 191 
LYS CG  HG3  sing N N 192 
LYS CD  CE   sing N N 193 
LYS CD  HD2  sing N N 194 
LYS CD  HD3  sing N N 195 
LYS CE  NZ   sing N N 196 
LYS CE  HE2  sing N N 197 
LYS CE  HE3  sing N N 198 
LYS NZ  HZ1  sing N N 199 
LYS NZ  HZ2  sing N N 200 
LYS NZ  HZ3  sing N N 201 
LYS OXT HXT  sing N N 202 
MET N   CA   sing N N 203 
MET N   H    sing N N 204 
MET N   H2   sing N N 205 
MET CA  C    sing N N 206 
MET CA  CB   sing N N 207 
MET CA  HA   sing N N 208 
MET C   O    doub N N 209 
MET C   OXT  sing N N 210 
MET CB  CG   sing N N 211 
MET CB  HB2  sing N N 212 
MET CB  HB3  sing N N 213 
MET CG  SD   sing N N 214 
MET CG  HG2  sing N N 215 
MET CG  HG3  sing N N 216 
MET SD  CE   sing N N 217 
MET CE  HE1  sing N N 218 
MET CE  HE2  sing N N 219 
MET CE  HE3  sing N N 220 
MET OXT HXT  sing N N 221 
PHE N   CA   sing N N 222 
PHE N   H    sing N N 223 
PHE N   H2   sing N N 224 
PHE CA  C    sing N N 225 
PHE CA  CB   sing N N 226 
PHE CA  HA   sing N N 227 
PHE C   O    doub N N 228 
PHE C   OXT  sing N N 229 
PHE CB  CG   sing N N 230 
PHE CB  HB2  sing N N 231 
PHE CB  HB3  sing N N 232 
PHE CG  CD1  doub Y N 233 
PHE CG  CD2  sing Y N 234 
PHE CD1 CE1  sing Y N 235 
PHE CD1 HD1  sing N N 236 
PHE CD2 CE2  doub Y N 237 
PHE CD2 HD2  sing N N 238 
PHE CE1 CZ   doub Y N 239 
PHE CE1 HE1  sing N N 240 
PHE CE2 CZ   sing Y N 241 
PHE CE2 HE2  sing N N 242 
PHE CZ  HZ   sing N N 243 
PHE OXT HXT  sing N N 244 
PRO N   CA   sing N N 245 
PRO N   CD   sing N N 246 
PRO N   H    sing N N 247 
PRO CA  C    sing N N 248 
PRO CA  CB   sing N N 249 
PRO CA  HA   sing N N 250 
PRO C   O    doub N N 251 
PRO C   OXT  sing N N 252 
PRO CB  CG   sing N N 253 
PRO CB  HB2  sing N N 254 
PRO CB  HB3  sing N N 255 
PRO CG  CD   sing N N 256 
PRO CG  HG2  sing N N 257 
PRO CG  HG3  sing N N 258 
PRO CD  HD2  sing N N 259 
PRO CD  HD3  sing N N 260 
PRO OXT HXT  sing N N 261 
SER N   CA   sing N N 262 
SER N   H    sing N N 263 
SER N   H2   sing N N 264 
SER CA  C    sing N N 265 
SER CA  CB   sing N N 266 
SER CA  HA   sing N N 267 
SER C   O    doub N N 268 
SER C   OXT  sing N N 269 
SER CB  OG   sing N N 270 
SER CB  HB2  sing N N 271 
SER CB  HB3  sing N N 272 
SER OG  HG   sing N N 273 
SER OXT HXT  sing N N 274 
THR N   CA   sing N N 275 
THR N   H    sing N N 276 
THR N   H2   sing N N 277 
THR CA  C    sing N N 278 
THR CA  CB   sing N N 279 
THR CA  HA   sing N N 280 
THR C   O    doub N N 281 
THR C   OXT  sing N N 282 
THR CB  OG1  sing N N 283 
THR CB  CG2  sing N N 284 
THR CB  HB   sing N N 285 
THR OG1 HG1  sing N N 286 
THR CG2 HG21 sing N N 287 
THR CG2 HG22 sing N N 288 
THR CG2 HG23 sing N N 289 
THR OXT HXT  sing N N 290 
VAL N   CA   sing N N 291 
VAL N   H    sing N N 292 
VAL N   H2   sing N N 293 
VAL CA  C    sing N N 294 
VAL CA  CB   sing N N 295 
VAL CA  HA   sing N N 296 
VAL C   O    doub N N 297 
VAL C   OXT  sing N N 298 
VAL CB  CG1  sing N N 299 
VAL CB  CG2  sing N N 300 
VAL CB  HB   sing N N 301 
VAL CG1 HG11 sing N N 302 
VAL CG1 HG12 sing N N 303 
VAL CG1 HG13 sing N N 304 
VAL CG2 HG21 sing N N 305 
VAL CG2 HG22 sing N N 306 
VAL CG2 HG23 sing N N 307 
VAL OXT HXT  sing N N 308 
# 
_pdbx_nmr_spectrometer.spectrometer_id   1 
_pdbx_nmr_spectrometer.model             AVANCE 
_pdbx_nmr_spectrometer.manufacturer      Bruker 
_pdbx_nmr_spectrometer.field_strength    600 
_pdbx_nmr_spectrometer.type              ? 
# 
_atom_sites.entry_id                    2B0G 
_atom_sites.fract_transf_matrix[1][1]   1.000000 
_atom_sites.fract_transf_matrix[1][2]   0.000000 
_atom_sites.fract_transf_matrix[1][3]   0.000000 
_atom_sites.fract_transf_matrix[2][1]   0.000000 
_atom_sites.fract_transf_matrix[2][2]   1.000000 
_atom_sites.fract_transf_matrix[2][3]   0.000000 
_atom_sites.fract_transf_matrix[3][1]   0.000000 
_atom_sites.fract_transf_matrix[3][2]   0.000000 
_atom_sites.fract_transf_matrix[3][3]   1.000000 
_atom_sites.fract_transf_vector[1]      0.00000 
_atom_sites.fract_transf_vector[2]      0.00000 
_atom_sites.fract_transf_vector[3]      0.00000 
# 
loop_
_atom_type.symbol 
C 
H 
N 
O 
S 
# 
loop_
_atom_site.group_PDB 
_atom_site.id 
_atom_site.type_symbol 
_atom_site.label_atom_id 
_atom_site.label_alt_id 
_atom_site.label_comp_id 
_atom_site.label_asym_id 
_atom_site.label_entity_id 
_atom_site.label_seq_id 
_atom_site.pdbx_PDB_ins_code 
_atom_site.Cartn_x 
_atom_site.Cartn_y 
_atom_site.Cartn_z 
_atom_site.occupancy 
_atom_site.B_iso_or_equiv 
_atom_site.pdbx_formal_charge 
_atom_site.auth_seq_id 
_atom_site.auth_comp_id 
_atom_site.auth_asym_id 
_atom_site.auth_atom_id 
_atom_site.pdbx_PDB_model_num 
ATOM 1    N N    . ALA A 1 1  ? 8.357   -13.466 -4.773  1.00 10.00 ? 1  ALA A N    1 
ATOM 2    C CA   . ALA A 1 1  ? 8.952   -12.177 -4.353  1.00 10.00 ? 1  ALA A CA   1 
ATOM 3    C C    . ALA A 1 1  ? 8.215   -11.005 -5.012  1.00 10.00 ? 1  ALA A C    1 
ATOM 4    O O    . ALA A 1 1  ? 7.809   -11.093 -6.176  1.00 10.00 ? 1  ALA A O    1 
ATOM 5    C CB   . ALA A 1 1  ? 10.456  -12.111 -4.675  1.00 10.00 ? 1  ALA A CB   1 
ATOM 6    H H1   . ALA A 1 1  ? 7.385   -13.497 -4.511  1.00 10.00 ? 1  ALA A H1   1 
ATOM 7    H H2   . ALA A 1 1  ? 8.418   -13.558 -5.775  1.00 10.00 ? 1  ALA A H2   1 
ATOM 8    H H3   . ALA A 1 1  ? 8.838   -14.236 -4.338  1.00 10.00 ? 1  ALA A H3   1 
ATOM 9    H HA   . ALA A 1 1  ? 8.836   -12.090 -3.272  1.00 10.00 ? 1  ALA A HA   1 
ATOM 10   H HB1  . ALA A 1 1  ? 10.984  -12.920 -4.170  1.00 10.00 ? 1  ALA A HB1  1 
ATOM 11   H HB2  . ALA A 1 1  ? 10.619  -12.191 -5.751  1.00 10.00 ? 1  ALA A HB2  1 
ATOM 12   H HB3  . ALA A 1 1  ? 10.864  -11.160 -4.328  1.00 10.00 ? 1  ALA A HB3  1 
ATOM 13   N N    . GLN A 1 2  ? 8.044   -9.898  -4.278  1.00 10.00 ? 2  GLN A N    1 
ATOM 14   C CA   . GLN A 1 2  ? 7.516   -8.649  -4.833  1.00 10.00 ? 2  GLN A CA   1 
ATOM 15   C C    . GLN A 1 2  ? 8.463   -8.103  -5.917  1.00 10.00 ? 2  GLN A C    1 
ATOM 16   O O    . GLN A 1 2  ? 9.656   -8.421  -5.920  1.00 10.00 ? 2  GLN A O    1 
ATOM 17   C CB   . GLN A 1 2  ? 7.251   -7.635  -3.702  1.00 10.00 ? 2  GLN A CB   1 
ATOM 18   C CG   . GLN A 1 2  ? 8.501   -7.078  -2.998  1.00 10.00 ? 2  GLN A CG   1 
ATOM 19   C CD   . GLN A 1 2  ? 8.153   -6.367  -1.687  1.00 10.00 ? 2  GLN A CD   1 
ATOM 20   O OE1  . GLN A 1 2  ? 8.668   -6.712  -0.624  1.00 10.00 ? 2  GLN A OE1  1 
ATOM 21   N NE2  . GLN A 1 2  ? 7.267   -5.385  -1.698  1.00 10.00 ? 2  GLN A NE2  1 
ATOM 22   H H    . GLN A 1 2  ? 8.407   -9.871  -3.336  1.00 10.00 ? 2  GLN A H    1 
ATOM 23   H HA   . GLN A 1 2  ? 6.558   -8.874  -5.304  1.00 10.00 ? 2  GLN A HA   1 
ATOM 24   H HB2  . GLN A 1 2  ? 6.682   -6.803  -4.115  1.00 10.00 ? 2  GLN A HB2  1 
ATOM 25   H HB3  . GLN A 1 2  ? 6.626   -8.120  -2.951  1.00 10.00 ? 2  GLN A HB3  1 
ATOM 26   H HG2  . GLN A 1 2  ? 9.187   -7.894  -2.772  1.00 10.00 ? 2  GLN A HG2  1 
ATOM 27   H HG3  . GLN A 1 2  ? 9.014   -6.379  -3.661  1.00 10.00 ? 2  GLN A HG3  1 
ATOM 28   H HE21 . GLN A 1 2  ? 6.793   -5.108  -2.558  1.00 10.00 ? 2  GLN A HE21 1 
ATOM 29   H HE22 . GLN A 1 2  ? 6.947   -5.001  -0.819  1.00 10.00 ? 2  GLN A HE22 1 
ATOM 30   N N    . THR A 1 3  ? 7.947   -7.263  -6.817  1.00 10.00 ? 3  THR A N    1 
ATOM 31   C CA   . THR A 1 3  ? 8.700   -6.700  -7.936  1.00 10.00 ? 3  THR A CA   1 
ATOM 32   C C    . THR A 1 3  ? 8.274   -5.241  -8.129  1.00 10.00 ? 3  THR A C    1 
ATOM 33   O O    . THR A 1 3  ? 7.104   -4.902  -7.936  1.00 10.00 ? 3  THR A O    1 
ATOM 34   C CB   . THR A 1 3  ? 8.472   -7.542  -9.216  1.00 10.00 ? 3  THR A CB   1 
ATOM 35   O OG1  . THR A 1 3  ? 7.124   -7.971  -9.360  1.00 10.00 ? 3  THR A OG1  1 
ATOM 36   C CG2  . THR A 1 3  ? 9.341   -8.801  -9.253  1.00 10.00 ? 3  THR A CG2  1 
ATOM 37   H H    . THR A 1 3  ? 6.986   -6.959  -6.738  1.00 10.00 ? 3  THR A H    1 
ATOM 38   H HA   . THR A 1 3  ? 9.765   -6.708  -7.699  1.00 10.00 ? 3  THR A HA   1 
ATOM 39   H HB   . THR A 1 3  ? 8.736   -6.934  -10.083 1.00 10.00 ? 3  THR A HB   1 
ATOM 40   H HG1  . THR A 1 3  ? 6.848   -8.353  -8.513  1.00 10.00 ? 3  THR A HG1  1 
ATOM 41   H HG21 . THR A 1 3  ? 10.392  -8.526  -9.163  1.00 10.00 ? 3  THR A HG21 1 
ATOM 42   H HG22 . THR A 1 3  ? 9.075   -9.475  -8.438  1.00 10.00 ? 3  THR A HG22 1 
ATOM 43   H HG23 . THR A 1 3  ? 9.196   -9.316  -10.203 1.00 10.00 ? 3  THR A HG23 1 
ATOM 44   N N    . GLU A 1 4  ? 9.214   -4.368  -8.501  1.00 10.00 ? 4  GLU A N    1 
ATOM 45   C CA   . GLU A 1 4  ? 8.880   -3.055  -9.045  1.00 10.00 ? 4  GLU A CA   1 
ATOM 46   C C    . GLU A 1 4  ? 8.638   -3.208  -10.551 1.00 10.00 ? 4  GLU A C    1 
ATOM 47   O O    . GLU A 1 4  ? 9.067   -4.186  -11.171 1.00 10.00 ? 4  GLU A O    1 
ATOM 48   C CB   . GLU A 1 4  ? 9.985   -2.026  -8.740  1.00 10.00 ? 4  GLU A CB   1 
ATOM 49   C CG   . GLU A 1 4  ? 9.999   -1.647  -7.249  1.00 10.00 ? 4  GLU A CG   1 
ATOM 50   C CD   . GLU A 1 4  ? 10.914  -0.447  -6.950  1.00 10.00 ? 4  GLU A CD   1 
ATOM 51   O OE1  . GLU A 1 4  ? 12.158  -0.580  -7.038  1.00 10.00 ? 4  GLU A OE1  1 
ATOM 52   O OE2  . GLU A 1 4  ? 10.390  0.635   -6.596  1.00 10.00 ? 4  GLU A OE2  1 
ATOM 53   H H    . GLU A 1 4  ? 10.157  -4.695  -8.662  1.00 10.00 ? 4  GLU A H    1 
ATOM 54   H HA   . GLU A 1 4  ? 7.953   -2.701  -8.592  1.00 10.00 ? 4  GLU A HA   1 
ATOM 55   H HB2  . GLU A 1 4  ? 10.956  -2.424  -9.034  1.00 10.00 ? 4  GLU A HB2  1 
ATOM 56   H HB3  . GLU A 1 4  ? 9.790   -1.121  -9.317  1.00 10.00 ? 4  GLU A HB3  1 
ATOM 57   H HG2  . GLU A 1 4  ? 8.981   -1.392  -6.947  1.00 10.00 ? 4  GLU A HG2  1 
ATOM 58   H HG3  . GLU A 1 4  ? 10.321  -2.508  -6.660  1.00 10.00 ? 4  GLU A HG3  1 
ATOM 59   N N    . GLN A 1 5  ? 7.929   -2.245  -11.136 1.00 10.00 ? 5  GLN A N    1 
ATOM 60   C CA   . GLN A 1 5  ? 7.473   -2.196  -12.522 1.00 10.00 ? 5  GLN A CA   1 
ATOM 61   C C    . GLN A 1 5  ? 7.366   -0.708  -12.903 1.00 10.00 ? 5  GLN A C    1 
ATOM 62   O O    . GLN A 1 5  ? 7.415   0.145   -12.007 1.00 10.00 ? 5  GLN A O    1 
ATOM 63   C CB   . GLN A 1 5  ? 6.070   -2.840  -12.619 1.00 10.00 ? 5  GLN A CB   1 
ATOM 64   C CG   . GLN A 1 5  ? 5.991   -4.353  -12.372 1.00 10.00 ? 5  GLN A CG   1 
ATOM 65   C CD   . GLN A 1 5  ? 6.634   -5.174  -13.492 1.00 10.00 ? 5  GLN A CD   1 
ATOM 66   O OE1  . GLN A 1 5  ? 5.983   -5.546  -14.464 1.00 10.00 ? 5  GLN A OE1  1 
ATOM 67   N NE2  . GLN A 1 5  ? 7.916   -5.477  -13.386 1.00 10.00 ? 5  GLN A NE2  1 
ATOM 68   H H    . GLN A 1 5  ? 7.703   -1.414  -10.602 1.00 10.00 ? 5  GLN A H    1 
ATOM 69   H HA   . GLN A 1 5  ? 8.180   -2.701  -13.182 1.00 10.00 ? 5  GLN A HA   1 
ATOM 70   H HB2  . GLN A 1 5  ? 5.417   -2.347  -11.897 1.00 10.00 ? 5  GLN A HB2  1 
ATOM 71   H HB3  . GLN A 1 5  ? 5.647   -2.649  -13.605 1.00 10.00 ? 5  GLN A HB3  1 
ATOM 72   H HG2  . GLN A 1 5  ? 6.431   -4.609  -11.410 1.00 10.00 ? 5  GLN A HG2  1 
ATOM 73   H HG3  . GLN A 1 5  ? 4.936   -4.618  -12.319 1.00 10.00 ? 5  GLN A HG3  1 
ATOM 74   H HE21 . GLN A 1 5  ? 8.445   -5.136  -12.583 1.00 10.00 ? 5  GLN A HE21 1 
ATOM 75   H HE22 . GLN A 1 5  ? 8.378   -6.019  -14.102 1.00 10.00 ? 5  GLN A HE22 1 
ATOM 76   N N    . PRO A 1 6  ? 7.155   -0.362  -14.186 1.00 10.00 ? 6  PRO A N    1 
ATOM 77   C CA   . PRO A 1 6  ? 6.529   0.907   -14.544 1.00 10.00 ? 6  PRO A CA   1 
ATOM 78   C C    . PRO A 1 6  ? 5.235   1.129   -13.727 1.00 10.00 ? 6  PRO A C    1 
ATOM 79   O O    . PRO A 1 6  ? 4.584   0.144   -13.360 1.00 10.00 ? 6  PRO A O    1 
ATOM 80   C CB   . PRO A 1 6  ? 6.243   0.821   -16.047 1.00 10.00 ? 6  PRO A CB   1 
ATOM 81   C CG   . PRO A 1 6  ? 7.257   -0.208  -16.546 1.00 10.00 ? 6  PRO A CG   1 
ATOM 82   C CD   . PRO A 1 6  ? 7.366   -1.179  -15.371 1.00 10.00 ? 6  PRO A CD   1 
ATOM 83   H HA   . PRO A 1 6  ? 7.254   1.698   -14.357 1.00 10.00 ? 6  PRO A HA   1 
ATOM 84   H HB2  . PRO A 1 6  ? 5.234   0.442   -16.216 1.00 10.00 ? 6  PRO A HB2  1 
ATOM 85   H HB3  . PRO A 1 6  ? 6.373   1.786   -16.537 1.00 10.00 ? 6  PRO A HB3  1 
ATOM 86   H HG2  . PRO A 1 6  ? 6.917   -0.708  -17.454 1.00 10.00 ? 6  PRO A HG2  1 
ATOM 87   H HG3  . PRO A 1 6  ? 8.220   0.275   -16.712 1.00 10.00 ? 6  PRO A HG3  1 
ATOM 88   H HD2  . PRO A 1 6  ? 6.584   -1.932  -15.451 1.00 10.00 ? 6  PRO A HD2  1 
ATOM 89   H HD3  . PRO A 1 6  ? 8.349   -1.652  -15.359 1.00 10.00 ? 6  PRO A HD3  1 
ATOM 90   N N    . PRO A 1 7  ? 4.843   2.386   -13.440 1.00 10.00 ? 7  PRO A N    1 
ATOM 91   C CA   . PRO A 1 7  ? 3.666   2.697   -12.637 1.00 10.00 ? 7  PRO A CA   1 
ATOM 92   C C    . PRO A 1 7  ? 2.395   1.945   -13.052 1.00 10.00 ? 7  PRO A C    1 
ATOM 93   O O    . PRO A 1 7  ? 2.134   1.741   -14.242 1.00 10.00 ? 7  PRO A O    1 
ATOM 94   C CB   . PRO A 1 7  ? 3.489   4.213   -12.736 1.00 10.00 ? 7  PRO A CB   1 
ATOM 95   C CG   . PRO A 1 7  ? 4.918   4.712   -12.919 1.00 10.00 ? 7  PRO A CG   1 
ATOM 96   C CD   . PRO A 1 7  ? 5.558   3.613   -13.769 1.00 10.00 ? 7  PRO A CD   1 
ATOM 97   H HA   . PRO A 1 7  ? 3.907   2.437   -11.610 1.00 10.00 ? 7  PRO A HA   1 
ATOM 98   H HB2  . PRO A 1 7  ? 2.906   4.468   -13.623 1.00 10.00 ? 7  PRO A HB2  1 
ATOM 99   H HB3  . PRO A 1 7  ? 3.024   4.623   -11.839 1.00 10.00 ? 7  PRO A HB3  1 
ATOM 100  H HG2  . PRO A 1 7  ? 4.950   5.681   -13.418 1.00 10.00 ? 7  PRO A HG2  1 
ATOM 101  H HG3  . PRO A 1 7  ? 5.415   4.762   -11.949 1.00 10.00 ? 7  PRO A HG3  1 
ATOM 102  H HD2  . PRO A 1 7  ? 5.423   3.836   -14.828 1.00 10.00 ? 7  PRO A HD2  1 
ATOM 103  H HD3  . PRO A 1 7  ? 6.618   3.540   -13.529 1.00 10.00 ? 7  PRO A HD3  1 
ATOM 104  N N    . ASN A 1 8  ? 1.573   1.595   -12.059 1.00 10.00 ? 8  ASN A N    1 
ATOM 105  C CA   . ASN A 1 8  ? 0.265   0.964   -12.217 1.00 10.00 ? 8  ASN A CA   1 
ATOM 106  C C    . ASN A 1 8  ? -0.641  1.487   -11.104 1.00 10.00 ? 8  ASN A C    1 
ATOM 107  O O    . ASN A 1 8  ? -0.156  1.842   -10.031 1.00 10.00 ? 8  ASN A O    1 
ATOM 108  C CB   . ASN A 1 8  ? 0.393   -0.566  -12.133 1.00 10.00 ? 8  ASN A CB   1 
ATOM 109  C CG   . ASN A 1 8  ? -0.960  -1.264  -12.233 1.00 10.00 ? 8  ASN A CG   1 
ATOM 110  O OD1  . ASN A 1 8  ? -1.869  -0.810  -12.924 1.00 10.00 ? 8  ASN A OD1  1 
ATOM 111  N ND2  . ASN A 1 8  ? -1.145  -2.351  -11.511 1.00 10.00 ? 8  ASN A ND2  1 
ATOM 112  H H    . ASN A 1 8  ? 1.822   1.848   -11.109 1.00 10.00 ? 8  ASN A H    1 
ATOM 113  H HA   . ASN A 1 8  ? -0.158  1.227   -13.186 1.00 10.00 ? 8  ASN A HA   1 
ATOM 114  H HB2  . ASN A 1 8  ? 1.033   -0.928  -12.938 1.00 10.00 ? 8  ASN A HB2  1 
ATOM 115  H HB3  . ASN A 1 8  ? 0.862   -0.828  -11.182 1.00 10.00 ? 8  ASN A HB3  1 
ATOM 116  H HD21 . ASN A 1 8  ? -0.358  -2.758  -11.004 1.00 10.00 ? 8  ASN A HD21 1 
ATOM 117  H HD22 . ASN A 1 8  ? -2.028  -2.831  -11.546 1.00 10.00 ? 8  ASN A HD22 1 
ATOM 118  N N    . GLN A 1 9  ? -1.953  1.536   -11.335 1.00 10.00 ? 9  GLN A N    1 
ATOM 119  C CA   . GLN A 1 9  ? -2.943  2.096   -10.411 1.00 10.00 ? 9  GLN A CA   1 
ATOM 120  C C    . GLN A 1 9  ? -3.235  1.182   -9.207  1.00 10.00 ? 9  GLN A C    1 
ATOM 121  O O    . GLN A 1 9  ? -4.207  1.411   -8.487  1.00 10.00 ? 9  GLN A O    1 
ATOM 122  C CB   . GLN A 1 9  ? -4.215  2.469   -11.194 1.00 10.00 ? 9  GLN A CB   1 
ATOM 123  C CG   . GLN A 1 9  ? -5.075  1.263   -11.611 1.00 10.00 ? 9  GLN A CG   1 
ATOM 124  C CD   . GLN A 1 9  ? -6.263  1.688   -12.470 1.00 10.00 ? 9  GLN A CD   1 
ATOM 125  O OE1  . GLN A 1 9  ? -6.328  1.377   -13.656 1.00 10.00 ? 9  GLN A OE1  1 
ATOM 126  N NE2  . GLN A 1 9  ? -7.219  2.401   -11.897 1.00 10.00 ? 9  GLN A NE2  1 
ATOM 127  H H    . GLN A 1 9  ? -2.298  1.129   -12.198 1.00 10.00 ? 9  GLN A H    1 
ATOM 128  H HA   . GLN A 1 9  ? -2.536  3.026   -10.014 1.00 10.00 ? 9  GLN A HA   1 
ATOM 129  H HB2  . GLN A 1 9  ? -4.814  3.133   -10.573 1.00 10.00 ? 9  GLN A HB2  1 
ATOM 130  H HB3  . GLN A 1 9  ? -3.931  3.029   -12.086 1.00 10.00 ? 9  GLN A HB3  1 
ATOM 131  H HG2  . GLN A 1 9  ? -4.463  0.551   -12.167 1.00 10.00 ? 9  GLN A HG2  1 
ATOM 132  H HG3  . GLN A 1 9  ? -5.462  0.762   -10.723 1.00 10.00 ? 9  GLN A HG3  1 
ATOM 133  H HE21 . GLN A 1 9  ? -7.127  2.684   -10.920 1.00 10.00 ? 9  GLN A HE21 1 
ATOM 134  H HE22 . GLN A 1 9  ? -7.990  2.748   -12.445 1.00 10.00 ? 9  GLN A HE22 1 
ATOM 135  N N    . ILE A 1 10 ? -2.453  0.119   -9.002  1.00 10.00 ? 10 ILE A N    1 
ATOM 136  C CA   . ILE A 1 10 ? -2.642  -0.849  -7.931  1.00 10.00 ? 10 ILE A CA   1 
ATOM 137  C C    . ILE A 1 10 ? -1.251  -1.104  -7.353  1.00 10.00 ? 10 ILE A C    1 
ATOM 138  O O    . ILE A 1 10 ? -0.261  -1.176  -8.088  1.00 10.00 ? 10 ILE A O    1 
ATOM 139  C CB   . ILE A 1 10 ? -3.333  -2.147  -8.436  1.00 10.00 ? 10 ILE A CB   1 
ATOM 140  C CG1  . ILE A 1 10 ? -4.564  -1.856  -9.329  1.00 10.00 ? 10 ILE A CG1  1 
ATOM 141  C CG2  . ILE A 1 10 ? -3.743  -3.038  -7.243  1.00 10.00 ? 10 ILE A CG2  1 
ATOM 142  C CD1  . ILE A 1 10 ? -5.339  -3.097  -9.791  1.00 10.00 ? 10 ILE A CD1  1 
ATOM 143  H H    . ILE A 1 10 ? -1.600  0.026   -9.535  1.00 10.00 ? 10 ILE A H    1 
ATOM 144  H HA   . ILE A 1 10 ? -3.267  -0.400  -7.161  1.00 10.00 ? 10 ILE A HA   1 
ATOM 145  H HB   . ILE A 1 10 ? -2.616  -2.699  -9.043  1.00 10.00 ? 10 ILE A HB   1 
ATOM 146  H HG12 . ILE A 1 10 ? -5.251  -1.200  -8.793  1.00 10.00 ? 10 ILE A HG12 1 
ATOM 147  H HG13 . ILE A 1 10 ? -4.230  -1.342  -10.229 1.00 10.00 ? 10 ILE A HG13 1 
ATOM 148  H HG21 . ILE A 1 10 ? -2.903  -3.211  -6.573  1.00 10.00 ? 10 ILE A HG21 1 
ATOM 149  H HG22 . ILE A 1 10 ? -4.548  -2.564  -6.679  1.00 10.00 ? 10 ILE A HG22 1 
ATOM 150  H HG23 . ILE A 1 10 ? -4.078  -4.014  -7.592  1.00 10.00 ? 10 ILE A HG23 1 
ATOM 151  H HD11 . ILE A 1 10 ? -4.650  -3.830  -10.209 1.00 10.00 ? 10 ILE A HD11 1 
ATOM 152  H HD12 . ILE A 1 10 ? -5.880  -3.539  -8.954  1.00 10.00 ? 10 ILE A HD12 1 
ATOM 153  H HD13 . ILE A 1 10 ? -6.060  -2.807  -10.555 1.00 10.00 ? 10 ILE A HD13 1 
ATOM 154  N N    . LEU A 1 11 ? -1.181  -1.249  -6.034  1.00 10.00 ? 11 LEU A N    1 
ATOM 155  C CA   . LEU A 1 11 ? 0.040   -1.415  -5.265  1.00 10.00 ? 11 LEU A CA   1 
ATOM 156  C C    . LEU A 1 11 ? -0.085  -2.713  -4.474  1.00 10.00 ? 11 LEU A C    1 
ATOM 157  O O    . LEU A 1 11 ? -1.191  -3.107  -4.095  1.00 10.00 ? 11 LEU A O    1 
ATOM 158  C CB   . LEU A 1 11 ? 0.232   -0.225  -4.304  1.00 10.00 ? 11 LEU A CB   1 
ATOM 159  C CG   . LEU A 1 11 ? 0.355   1.163   -4.965  1.00 10.00 ? 11 LEU A CG   1 
ATOM 160  C CD1  . LEU A 1 11 ? 0.345   2.259   -3.894  1.00 10.00 ? 11 LEU A CD1  1 
ATOM 161  C CD2  . LEU A 1 11 ? 1.628   1.275   -5.810  1.00 10.00 ? 11 LEU A CD2  1 
ATOM 162  H H    . LEU A 1 11 ? -2.050  -1.254  -5.505  1.00 10.00 ? 11 LEU A H    1 
ATOM 163  H HA   . LEU A 1 11 ? 0.897   -1.481  -5.930  1.00 10.00 ? 11 LEU A HA   1 
ATOM 164  H HB2  . LEU A 1 11 ? -0.613  -0.211  -3.617  1.00 10.00 ? 11 LEU A HB2  1 
ATOM 165  H HB3  . LEU A 1 11 ? 1.132   -0.405  -3.714  1.00 10.00 ? 11 LEU A HB3  1 
ATOM 166  H HG   . LEU A 1 11 ? -0.506  1.333   -5.612  1.00 10.00 ? 11 LEU A HG   1 
ATOM 167  H HD11 . LEU A 1 11 ? -0.589  2.219   -3.333  1.00 10.00 ? 11 LEU A HD11 1 
ATOM 168  H HD12 . LEU A 1 11 ? 1.178   2.127   -3.206  1.00 10.00 ? 11 LEU A HD12 1 
ATOM 169  H HD13 . LEU A 1 11 ? 0.423   3.241   -4.363  1.00 10.00 ? 11 LEU A HD13 1 
ATOM 170  H HD21 . LEU A 1 11 ? 2.504   1.010   -5.219  1.00 10.00 ? 11 LEU A HD21 1 
ATOM 171  H HD22 . LEU A 1 11 ? 1.552   0.602   -6.661  1.00 10.00 ? 11 LEU A HD22 1 
ATOM 172  H HD23 . LEU A 1 11 ? 1.746   2.292   -6.186  1.00 10.00 ? 11 LEU A HD23 1 
ATOM 173  N N    . PHE A 1 12 ? 1.051   -3.342  -4.190  1.00 10.00 ? 12 PHE A N    1 
ATOM 174  C CA   . PHE A 1 12 ? 1.197   -4.515  -3.345  1.00 10.00 ? 12 PHE A CA   1 
ATOM 175  C C    . PHE A 1 12 ? 2.183   -4.112  -2.258  1.00 10.00 ? 12 PHE A C    1 
ATOM 176  O O    . PHE A 1 12 ? 3.205   -3.486  -2.551  1.00 10.00 ? 12 PHE A O    1 
ATOM 177  C CB   . PHE A 1 12 ? 1.718   -5.699  -4.172  1.00 10.00 ? 12 PHE A CB   1 
ATOM 178  C CG   . PHE A 1 12 ? 2.073   -6.935  -3.359  1.00 10.00 ? 12 PHE A CG   1 
ATOM 179  C CD1  . PHE A 1 12 ? 1.139   -7.491  -2.463  1.00 10.00 ? 12 PHE A CD1  1 
ATOM 180  C CD2  . PHE A 1 12 ? 3.336   -7.544  -3.505  1.00 10.00 ? 12 PHE A CD2  1 
ATOM 181  C CE1  . PHE A 1 12 ? 1.463   -8.635  -1.715  1.00 10.00 ? 12 PHE A CE1  1 
ATOM 182  C CE2  . PHE A 1 12 ? 3.655   -8.698  -2.766  1.00 10.00 ? 12 PHE A CE2  1 
ATOM 183  C CZ   . PHE A 1 12 ? 2.722   -9.241  -1.865  1.00 10.00 ? 12 PHE A CZ   1 
ATOM 184  H H    . PHE A 1 12 ? 1.921   -2.902  -4.478  1.00 10.00 ? 12 PHE A H    1 
ATOM 185  H HA   . PHE A 1 12 ? 0.238   -4.778  -2.898  1.00 10.00 ? 12 PHE A HA   1 
ATOM 186  H HB2  . PHE A 1 12 ? 0.961   -5.977  -4.903  1.00 10.00 ? 12 PHE A HB2  1 
ATOM 187  H HB3  . PHE A 1 12 ? 2.603   -5.373  -4.723  1.00 10.00 ? 12 PHE A HB3  1 
ATOM 188  H HD1  . PHE A 1 12 ? 0.161   -7.047  -2.349  1.00 10.00 ? 12 PHE A HD1  1 
ATOM 189  H HD2  . PHE A 1 12 ? 4.064   -7.130  -4.191  1.00 10.00 ? 12 PHE A HD2  1 
ATOM 190  H HE1  . PHE A 1 12 ? 0.738   -9.053  -1.032  1.00 10.00 ? 12 PHE A HE1  1 
ATOM 191  H HE2  . PHE A 1 12 ? 4.616   -9.175  -2.891  1.00 10.00 ? 12 PHE A HE2  1 
ATOM 192  H HZ   . PHE A 1 12 ? 2.970   -10.126 -1.295  1.00 10.00 ? 12 PHE A HZ   1 
ATOM 193  N N    . LEU A 1 13 ? 1.850   -4.404  -1.007  1.00 10.00 ? 13 LEU A N    1 
ATOM 194  C CA   . LEU A 1 13 ? 2.483   -3.836  0.175   1.00 10.00 ? 13 LEU A CA   1 
ATOM 195  C C    . LEU A 1 13 ? 2.925   -4.986  1.065   1.00 10.00 ? 13 LEU A C    1 
ATOM 196  O O    . LEU A 1 13 ? 2.218   -5.992  1.157   1.00 10.00 ? 13 LEU A O    1 
ATOM 197  C CB   . LEU A 1 13 ? 1.476   -2.977  0.957   1.00 10.00 ? 13 LEU A CB   1 
ATOM 198  C CG   . LEU A 1 13 ? 1.279   -1.529  0.483   1.00 10.00 ? 13 LEU A CG   1 
ATOM 199  C CD1  . LEU A 1 13 ? 0.640   -1.415  -0.905  1.00 10.00 ? 13 LEU A CD1  1 
ATOM 200  C CD2  . LEU A 1 13 ? 0.389   -0.811  1.503   1.00 10.00 ? 13 LEU A CD2  1 
ATOM 201  H H    . LEU A 1 13 ? 1.040   -4.994  -0.838  1.00 10.00 ? 13 LEU A H    1 
ATOM 202  H HA   . LEU A 1 13 ? 3.347   -3.236  -0.104  1.00 10.00 ? 13 LEU A HA   1 
ATOM 203  H HB2  . LEU A 1 13 ? 0.514   -3.487  0.995   1.00 10.00 ? 13 LEU A HB2  1 
ATOM 204  H HB3  . LEU A 1 13 ? 1.843   -2.918  1.976   1.00 10.00 ? 13 LEU A HB3  1 
ATOM 205  H HG   . LEU A 1 13 ? 2.245   -1.032  0.463   1.00 10.00 ? 13 LEU A HG   1 
ATOM 206  H HD11 . LEU A 1 13 ? 1.373   -1.679  -1.662  1.00 10.00 ? 13 LEU A HD11 1 
ATOM 207  H HD12 . LEU A 1 13 ? -0.221  -2.080  -0.984  1.00 10.00 ? 13 LEU A HD12 1 
ATOM 208  H HD13 . LEU A 1 13 ? 0.324   -0.387  -1.090  1.00 10.00 ? 13 LEU A HD13 1 
ATOM 209  H HD21 . LEU A 1 13 ? -0.582  -1.297  1.564   1.00 10.00 ? 13 LEU A HD21 1 
ATOM 210  H HD22 . LEU A 1 13 ? 0.859   -0.827  2.488   1.00 10.00 ? 13 LEU A HD22 1 
ATOM 211  H HD23 . LEU A 1 13 ? 0.255   0.226   1.207   1.00 10.00 ? 13 LEU A HD23 1 
ATOM 212  N N    . THR A 1 14 ? 4.049   -4.818  1.758   1.00 10.00 ? 14 THR A N    1 
ATOM 213  C CA   . THR A 1 14 ? 4.668   -5.862  2.566   1.00 10.00 ? 14 THR A CA   1 
ATOM 214  C C    . THR A 1 14 ? 5.290   -5.246  3.834   1.00 10.00 ? 14 THR A C    1 
ATOM 215  O O    . THR A 1 14 ? 5.325   -4.019  3.989   1.00 10.00 ? 14 THR A O    1 
ATOM 216  C CB   . THR A 1 14 ? 5.691   -6.643  1.703   1.00 10.00 ? 14 THR A CB   1 
ATOM 217  O OG1  . THR A 1 14 ? 6.663   -5.773  1.163   1.00 10.00 ? 14 THR A OG1  1 
ATOM 218  C CG2  . THR A 1 14 ? 5.076   -7.378  0.505   1.00 10.00 ? 14 THR A CG2  1 
ATOM 219  H H    . THR A 1 14 ? 4.552   -3.939  1.698   1.00 10.00 ? 14 THR A H    1 
ATOM 220  H HA   . THR A 1 14 ? 3.897   -6.558  2.893   1.00 10.00 ? 14 THR A HA   1 
ATOM 221  H HB   . THR A 1 14 ? 6.186   -7.380  2.335   1.00 10.00 ? 14 THR A HB   1 
ATOM 222  H HG1  . THR A 1 14 ? 7.333   -6.318  0.715   1.00 10.00 ? 14 THR A HG1  1 
ATOM 223  H HG21 . THR A 1 14 ? 4.227   -7.979  0.823   1.00 10.00 ? 14 THR A HG21 1 
ATOM 224  H HG22 . THR A 1 14 ? 4.738   -6.669  -0.251  1.00 10.00 ? 14 THR A HG22 1 
ATOM 225  H HG23 . THR A 1 14 ? 5.820   -8.038  0.060   1.00 10.00 ? 14 THR A HG23 1 
ATOM 226  N N    . ASN A 1 15 ? 5.796   -6.097  4.740   1.00 10.00 ? 15 ASN A N    1 
ATOM 227  C CA   . ASN A 1 15 ? 6.393   -5.730  6.034   1.00 10.00 ? 15 ASN A CA   1 
ATOM 228  C C    . ASN A 1 15 ? 5.441   -4.914  6.928   1.00 10.00 ? 15 ASN A C    1 
ATOM 229  O O    . ASN A 1 15 ? 5.870   -4.083  7.731   1.00 10.00 ? 15 ASN A O    1 
ATOM 230  C CB   . ASN A 1 15 ? 7.761   -5.058  5.822   1.00 10.00 ? 15 ASN A CB   1 
ATOM 231  C CG   . ASN A 1 15 ? 8.560   -4.950  7.121   1.00 10.00 ? 15 ASN A CG   1 
ATOM 232  O OD1  . ASN A 1 15 ? 8.820   -5.949  7.786   1.00 10.00 ? 15 ASN A OD1  1 
ATOM 233  N ND2  . ASN A 1 15 ? 8.993   -3.758  7.495   1.00 10.00 ? 15 ASN A ND2  1 
ATOM 234  H H    . ASN A 1 15 ? 5.682   -7.088  4.573   1.00 10.00 ? 15 ASN A H    1 
ATOM 235  H HA   . ASN A 1 15 ? 6.576   -6.668  6.562   1.00 10.00 ? 15 ASN A HA   1 
ATOM 236  H HB2  . ASN A 1 15 ? 8.347   -5.644  5.113   1.00 10.00 ? 15 ASN A HB2  1 
ATOM 237  H HB3  . ASN A 1 15 ? 7.608   -4.065  5.395   1.00 10.00 ? 15 ASN A HB3  1 
ATOM 238  H HD21 . ASN A 1 15 ? 8.696   -2.934  6.972   1.00 10.00 ? 15 ASN A HD21 1 
ATOM 239  H HD22 . ASN A 1 15 ? 9.562   -3.665  8.321   1.00 10.00 ? 15 ASN A HD22 1 
ATOM 240  N N    . LEU A 1 16 ? 4.133   -5.120  6.766   1.00 10.00 ? 16 LEU A N    1 
ATOM 241  C CA   . LEU A 1 16 ? 3.100   -4.422  7.529   1.00 10.00 ? 16 LEU A CA   1 
ATOM 242  C C    . LEU A 1 16 ? 2.979   -5.054  8.930   1.00 10.00 ? 16 LEU A C    1 
ATOM 243  O O    . LEU A 1 16 ? 3.438   -6.185  9.117   1.00 10.00 ? 16 LEU A O    1 
ATOM 244  C CB   . LEU A 1 16 ? 1.756   -4.487  6.776   1.00 10.00 ? 16 LEU A CB   1 
ATOM 245  C CG   . LEU A 1 16 ? 1.819   -4.162  5.270   1.00 10.00 ? 16 LEU A CG   1 
ATOM 246  C CD1  . LEU A 1 16 ? 0.435   -4.330  4.644   1.00 10.00 ? 16 LEU A CD1  1 
ATOM 247  C CD2  . LEU A 1 16 ? 2.331   -2.743  5.007   1.00 10.00 ? 16 LEU A CD2  1 
ATOM 248  H H    . LEU A 1 16 ? 3.833   -5.858  6.139   1.00 10.00 ? 16 LEU A H    1 
ATOM 249  H HA   . LEU A 1 16 ? 3.395   -3.378  7.633   1.00 10.00 ? 16 LEU A HA   1 
ATOM 250  H HB2  . LEU A 1 16 ? 1.350   -5.488  6.889   1.00 10.00 ? 16 LEU A HB2  1 
ATOM 251  H HB3  . LEU A 1 16 ? 1.055   -3.800  7.249   1.00 10.00 ? 16 LEU A HB3  1 
ATOM 252  H HG   . LEU A 1 16 ? 2.486   -4.863  4.773   1.00 10.00 ? 16 LEU A HG   1 
ATOM 253  H HD11 . LEU A 1 16 ? 0.059   -5.331  4.853   1.00 10.00 ? 16 LEU A HD11 1 
ATOM 254  H HD12 . LEU A 1 16 ? -0.258  -3.603  5.064   1.00 10.00 ? 16 LEU A HD12 1 
ATOM 255  H HD13 . LEU A 1 16 ? 0.501   -4.194  3.566   1.00 10.00 ? 16 LEU A HD13 1 
ATOM 256  H HD21 . LEU A 1 16 ? 1.573   -2.018  5.293   1.00 10.00 ? 16 LEU A HD21 1 
ATOM 257  H HD22 . LEU A 1 16 ? 3.252   -2.556  5.558   1.00 10.00 ? 16 LEU A HD22 1 
ATOM 258  H HD23 . LEU A 1 16 ? 2.562   -2.625  3.954   1.00 10.00 ? 16 LEU A HD23 1 
ATOM 259  N N    . PRO A 1 17 ? 2.372   -4.368  9.916   1.00 10.00 ? 17 PRO A N    1 
ATOM 260  C CA   . PRO A 1 17 ? 2.055   -4.953  11.215  1.00 10.00 ? 17 PRO A CA   1 
ATOM 261  C C    . PRO A 1 17 ? 1.304   -6.286  11.124  1.00 10.00 ? 17 PRO A C    1 
ATOM 262  O O    . PRO A 1 17 ? 0.467   -6.498  10.241  1.00 10.00 ? 17 PRO A O    1 
ATOM 263  C CB   . PRO A 1 17 ? 1.225   -3.904  11.960  1.00 10.00 ? 17 PRO A CB   1 
ATOM 264  C CG   . PRO A 1 17 ? 1.653   -2.584  11.331  1.00 10.00 ? 17 PRO A CG   1 
ATOM 265  C CD   . PRO A 1 17 ? 2.009   -2.957  9.893   1.00 10.00 ? 17 PRO A CD   1 
ATOM 266  H HA   . PRO A 1 17 ? 2.990   -5.106  11.750  1.00 10.00 ? 17 PRO A HA   1 
ATOM 267  H HB2  . PRO A 1 17 ? 0.161   -4.058  11.770  1.00 10.00 ? 17 PRO A HB2  1 
ATOM 268  H HB3  . PRO A 1 17 ? 1.423   -3.921  13.032  1.00 10.00 ? 17 PRO A HB3  1 
ATOM 269  H HG2  . PRO A 1 17 ? 0.852   -1.847  11.372  1.00 10.00 ? 17 PRO A HG2  1 
ATOM 270  H HG3  . PRO A 1 17 ? 2.540   -2.209  11.837  1.00 10.00 ? 17 PRO A HG3  1 
ATOM 271  H HD2  . PRO A 1 17 ? 1.148   -2.793  9.249   1.00 10.00 ? 17 PRO A HD2  1 
ATOM 272  H HD3  . PRO A 1 17 ? 2.839   -2.345  9.546   1.00 10.00 ? 17 PRO A HD3  1 
ATOM 273  N N    . GLU A 1 18 ? 1.507   -7.139  12.129  1.00 10.00 ? 18 GLU A N    1 
ATOM 274  C CA   . GLU A 1 18 ? 0.787   -8.403  12.302  1.00 10.00 ? 18 GLU A CA   1 
ATOM 275  C C    . GLU A 1 18 ? -0.695  -8.181  12.663  1.00 10.00 ? 18 GLU A C    1 
ATOM 276  O O    . GLU A 1 18 ? -1.456  -9.141  12.787  1.00 10.00 ? 18 GLU A O    1 
ATOM 277  C CB   . GLU A 1 18 ? 1.475   -9.244  13.393  1.00 10.00 ? 18 GLU A CB   1 
ATOM 278  C CG   . GLU A 1 18 ? 2.930   -9.599  13.053  1.00 10.00 ? 18 GLU A CG   1 
ATOM 279  C CD   . GLU A 1 18 ? 3.545   -10.521 14.122  1.00 10.00 ? 18 GLU A CD   1 
ATOM 280  O OE1  . GLU A 1 18 ? 4.042   -10.021 15.157  1.00 10.00 ? 18 GLU A OE1  1 
ATOM 281  O OE2  . GLU A 1 18 ? 3.553   -11.760 13.934  1.00 10.00 ? 18 GLU A OE2  1 
ATOM 282  H H    . GLU A 1 18 ? 2.202   -6.909  12.826  1.00 10.00 ? 18 GLU A H    1 
ATOM 283  H HA   . GLU A 1 18 ? 0.823   -8.952  11.359  1.00 10.00 ? 18 GLU A HA   1 
ATOM 284  H HB2  . GLU A 1 18 ? 1.450   -8.696  14.336  1.00 10.00 ? 18 GLU A HB2  1 
ATOM 285  H HB3  . GLU A 1 18 ? 0.919   -10.174 13.522  1.00 10.00 ? 18 GLU A HB3  1 
ATOM 286  H HG2  . GLU A 1 18 ? 2.956   -10.094 12.080  1.00 10.00 ? 18 GLU A HG2  1 
ATOM 287  H HG3  . GLU A 1 18 ? 3.522   -8.686  12.981  1.00 10.00 ? 18 GLU A HG3  1 
ATOM 288  N N    . GLU A 1 19 ? -1.114  -6.922  12.832  1.00 10.00 ? 19 GLU A N    1 
ATOM 289  C CA   . GLU A 1 19 ? -2.442  -6.514  13.283  1.00 10.00 ? 19 GLU A CA   1 
ATOM 290  C C    . GLU A 1 19 ? -3.038  -5.463  12.328  1.00 10.00 ? 19 GLU A C    1 
ATOM 291  O O    . GLU A 1 19 ? -3.987  -4.766  12.692  1.00 10.00 ? 19 GLU A O    1 
ATOM 292  C CB   . GLU A 1 19 ? -2.350  -5.977  14.727  1.00 10.00 ? 19 GLU A CB   1 
ATOM 293  C CG   . GLU A 1 19 ? -1.770  -6.984  15.732  1.00 10.00 ? 19 GLU A CG   1 
ATOM 294  C CD   . GLU A 1 19 ? -1.822  -6.436  17.169  1.00 10.00 ? 19 GLU A CD   1 
ATOM 295  O OE1  . GLU A 1 19 ? -0.932  -5.645  17.561  1.00 10.00 ? 19 GLU A OE1  1 
ATOM 296  O OE2  . GLU A 1 19 ? -2.748  -6.800  17.931  1.00 10.00 ? 19 GLU A OE2  1 
ATOM 297  H H    . GLU A 1 19 ? -0.433  -6.187  12.722  1.00 10.00 ? 19 GLU A H    1 
ATOM 298  H HA   . GLU A 1 19 ? -3.108  -7.379  13.278  1.00 10.00 ? 19 GLU A HA   1 
ATOM 299  H HB2  . GLU A 1 19 ? -1.731  -5.078  14.731  1.00 10.00 ? 19 GLU A HB2  1 
ATOM 300  H HB3  . GLU A 1 19 ? -3.351  -5.705  15.063  1.00 10.00 ? 19 GLU A HB3  1 
ATOM 301  H HG2  . GLU A 1 19 ? -2.340  -7.913  15.670  1.00 10.00 ? 19 GLU A HG2  1 
ATOM 302  H HG3  . GLU A 1 19 ? -0.734  -7.207  15.472  1.00 10.00 ? 19 GLU A HG3  1 
ATOM 303  N N    . THR A 1 20 ? -2.469  -5.307  11.123  1.00 10.00 ? 20 THR A N    1 
ATOM 304  C CA   . THR A 1 20 ? -2.953  -4.356  10.125  1.00 10.00 ? 20 THR A CA   1 
ATOM 305  C C    . THR A 1 20 ? -4.438  -4.617  9.828   1.00 10.00 ? 20 THR A C    1 
ATOM 306  O O    . THR A 1 20 ? -4.877  -5.768  9.744   1.00 10.00 ? 20 THR A O    1 
ATOM 307  C CB   . THR A 1 20 ? -2.094  -4.430  8.850   1.00 10.00 ? 20 THR A CB   1 
ATOM 308  O OG1  . THR A 1 20 ? -0.733  -4.340  9.189   1.00 10.00 ? 20 THR A OG1  1 
ATOM 309  C CG2  . THR A 1 20 ? -2.365  -3.268  7.887   1.00 10.00 ? 20 THR A CG2  1 
ATOM 310  H H    . THR A 1 20 ? -1.691  -5.898  10.863  1.00 10.00 ? 20 THR A H    1 
ATOM 311  H HA   . THR A 1 20 ? -2.849  -3.358  10.549  1.00 10.00 ? 20 THR A HA   1 
ATOM 312  H HB   . THR A 1 20 ? -2.272  -5.374  8.339   1.00 10.00 ? 20 THR A HB   1 
ATOM 313  H HG1  . THR A 1 20 ? -0.391  -5.230  9.394   1.00 10.00 ? 20 THR A HG1  1 
ATOM 314  H HG21 . THR A 1 20 ? -3.394  -3.302  7.534   1.00 10.00 ? 20 THR A HG21 1 
ATOM 315  H HG22 . THR A 1 20 ? -2.186  -2.316  8.387   1.00 10.00 ? 20 THR A HG22 1 
ATOM 316  H HG23 . THR A 1 20 ? -1.703  -3.349  7.026   1.00 10.00 ? 20 THR A HG23 1 
ATOM 317  N N    . ASN A 1 21 ? -5.198  -3.538  9.636   1.00 10.00 ? 21 ASN A N    1 
ATOM 318  C CA   . ASN A 1 21 ? -6.624  -3.551  9.339   1.00 10.00 ? 21 ASN A CA   1 
ATOM 319  C C    . ASN A 1 21 ? -6.832  -2.661  8.119   1.00 10.00 ? 21 ASN A C    1 
ATOM 320  O O    . ASN A 1 21 ? -6.108  -1.678  7.950   1.00 10.00 ? 21 ASN A O    1 
ATOM 321  C CB   . ASN A 1 21 ? -7.402  -3.025  10.558  1.00 10.00 ? 21 ASN A CB   1 
ATOM 322  C CG   . ASN A 1 21 ? -8.911  -3.029  10.332  1.00 10.00 ? 21 ASN A CG   1 
ATOM 323  O OD1  . ASN A 1 21 ? -9.451  -2.170  9.644   1.00 10.00 ? 21 ASN A OD1  1 
ATOM 324  N ND2  . ASN A 1 21 ? -9.623  -3.990  10.895  1.00 10.00 ? 21 ASN A ND2  1 
ATOM 325  H H    . ASN A 1 21 ? -4.763  -2.625  9.648   1.00 10.00 ? 21 ASN A H    1 
ATOM 326  H HA   . ASN A 1 21 ? -6.953  -4.567  9.113   1.00 10.00 ? 21 ASN A HA   1 
ATOM 327  H HB2  . ASN A 1 21 ? -7.157  -3.636  11.428  1.00 10.00 ? 21 ASN A HB2  1 
ATOM 328  H HB3  . ASN A 1 21 ? -7.091  -2.004  10.774  1.00 10.00 ? 21 ASN A HB3  1 
ATOM 329  H HD21 . ASN A 1 21 ? -9.186  -4.691  11.478  1.00 10.00 ? 21 ASN A HD21 1 
ATOM 330  H HD22 . ASN A 1 21 ? -10.625 -4.006  10.774  1.00 10.00 ? 21 ASN A HD22 1 
ATOM 331  N N    . GLU A 1 22 ? -7.814  -2.992  7.278   1.00 10.00 ? 22 GLU A N    1 
ATOM 332  C CA   . GLU A 1 22 ? -8.128  -2.266  6.050   1.00 10.00 ? 22 GLU A CA   1 
ATOM 333  C C    . GLU A 1 22 ? -8.267  -0.763  6.310   1.00 10.00 ? 22 GLU A C    1 
ATOM 334  O O    . GLU A 1 22 ? -7.701  0.045   5.575   1.00 10.00 ? 22 GLU A O    1 
ATOM 335  C CB   . GLU A 1 22 ? -9.408  -2.881  5.456   1.00 10.00 ? 22 GLU A CB   1 
ATOM 336  C CG   . GLU A 1 22 ? -9.692  -2.432  4.019   1.00 10.00 ? 22 GLU A CG   1 
ATOM 337  C CD   . GLU A 1 22 ? -11.030 -3.002  3.511   1.00 10.00 ? 22 GLU A CD   1 
ATOM 338  O OE1  . GLU A 1 22 ? -11.099 -4.206  3.178   1.00 10.00 ? 22 GLU A OE1  1 
ATOM 339  O OE2  . GLU A 1 22 ? -12.030 -2.251  3.447   1.00 10.00 ? 22 GLU A OE2  1 
ATOM 340  H H    . GLU A 1 22 ? -8.391  -3.792  7.495   1.00 10.00 ? 22 GLU A H    1 
ATOM 341  H HA   . GLU A 1 22 ? -7.311  -2.400  5.345   1.00 10.00 ? 22 GLU A HA   1 
ATOM 342  H HB2  . GLU A 1 22 ? -9.305  -3.968  5.455   1.00 10.00 ? 22 GLU A HB2  1 
ATOM 343  H HB3  . GLU A 1 22 ? -10.257 -2.621  6.090   1.00 10.00 ? 22 GLU A HB3  1 
ATOM 344  H HG2  . GLU A 1 22 ? -9.718  -1.341  3.977   1.00 10.00 ? 22 GLU A HG2  1 
ATOM 345  H HG3  . GLU A 1 22 ? -8.882  -2.782  3.378   1.00 10.00 ? 22 GLU A HG3  1 
ATOM 346  N N    . MET A 1 23 ? -8.944  -0.393  7.401   1.00 10.00 ? 23 MET A N    1 
ATOM 347  C CA   . MET A 1 23 ? -9.218  0.990   7.765   1.00 10.00 ? 23 MET A CA   1 
ATOM 348  C C    . MET A 1 23 ? -7.927  1.786   7.998   1.00 10.00 ? 23 MET A C    1 
ATOM 349  O O    . MET A 1 23 ? -7.898  2.979   7.699   1.00 10.00 ? 23 MET A O    1 
ATOM 350  C CB   . MET A 1 23 ? -10.108 0.998   9.017   1.00 10.00 ? 23 MET A CB   1 
ATOM 351  C CG   . MET A 1 23 ? -10.824 2.339   9.223   1.00 10.00 ? 23 MET A CG   1 
ATOM 352  S SD   . MET A 1 23 ? -11.678 2.515   10.820  1.00 10.00 ? 23 MET A SD   1 
ATOM 353  C CE   . MET A 1 23 ? -12.780 1.070   10.804  1.00 10.00 ? 23 MET A CE   1 
ATOM 354  H H    . MET A 1 23 ? -9.301  -1.118  8.017   1.00 10.00 ? 23 MET A H    1 
ATOM 355  H HA   . MET A 1 23 ? -9.763  1.447   6.937   1.00 10.00 ? 23 MET A HA   1 
ATOM 356  H HB2  . MET A 1 23 ? -10.870 0.223   8.910   1.00 10.00 ? 23 MET A HB2  1 
ATOM 357  H HB3  . MET A 1 23 ? -9.498  0.770   9.894   1.00 10.00 ? 23 MET A HB3  1 
ATOM 358  H HG2  . MET A 1 23 ? -10.095 3.147   9.149   1.00 10.00 ? 23 MET A HG2  1 
ATOM 359  H HG3  . MET A 1 23 ? -11.553 2.469   8.420   1.00 10.00 ? 23 MET A HG3  1 
ATOM 360  H HE1  . MET A 1 23 ? -13.382 1.071   9.894   1.00 10.00 ? 23 MET A HE1  1 
ATOM 361  H HE2  . MET A 1 23 ? -12.190 0.155   10.850  1.00 10.00 ? 23 MET A HE2  1 
ATOM 362  H HE3  . MET A 1 23 ? -13.440 1.107   11.671  1.00 10.00 ? 23 MET A HE3  1 
ATOM 363  N N    . MET A 1 24 ? -6.857  1.150   8.498   1.00 10.00 ? 24 MET A N    1 
ATOM 364  C CA   . MET A 1 24 ? -5.586  1.829   8.746   1.00 10.00 ? 24 MET A CA   1 
ATOM 365  C C    . MET A 1 24 ? -5.006  2.298   7.416   1.00 10.00 ? 24 MET A C    1 
ATOM 366  O O    . MET A 1 24 ? -4.686  3.476   7.255   1.00 10.00 ? 24 MET A O    1 
ATOM 367  C CB   . MET A 1 24 ? -4.569  0.897   9.430   1.00 10.00 ? 24 MET A CB   1 
ATOM 368  C CG   . MET A 1 24 ? -4.974  0.448   10.834  1.00 10.00 ? 24 MET A CG   1 
ATOM 369  S SD   . MET A 1 24 ? -3.844  -0.802  11.507  1.00 10.00 ? 24 MET A SD   1 
ATOM 370  C CE   . MET A 1 24 ? -4.474  -0.921  13.202  1.00 10.00 ? 24 MET A CE   1 
ATOM 371  H H    . MET A 1 24 ? -6.893  0.144   8.617   1.00 10.00 ? 24 MET A H    1 
ATOM 372  H HA   . MET A 1 24 ? -5.759  2.699   9.381   1.00 10.00 ? 24 MET A HA   1 
ATOM 373  H HB2  . MET A 1 24 ? -4.408  0.014   8.812   1.00 10.00 ? 24 MET A HB2  1 
ATOM 374  H HB3  . MET A 1 24 ? -3.615  1.421   9.507   1.00 10.00 ? 24 MET A HB3  1 
ATOM 375  H HG2  . MET A 1 24 ? -4.978  1.318   11.492  1.00 10.00 ? 24 MET A HG2  1 
ATOM 376  H HG3  . MET A 1 24 ? -5.980  0.030   10.809  1.00 10.00 ? 24 MET A HG3  1 
ATOM 377  H HE1  . MET A 1 24 ? -4.388  0.047   13.695  1.00 10.00 ? 24 MET A HE1  1 
ATOM 378  H HE2  . MET A 1 24 ? -5.520  -1.229  13.187  1.00 10.00 ? 24 MET A HE2  1 
ATOM 379  H HE3  . MET A 1 24 ? -3.891  -1.657  13.756  1.00 10.00 ? 24 MET A HE3  1 
ATOM 380  N N    . LEU A 1 25 ? -4.890  1.381   6.450   1.00 10.00 ? 25 LEU A N    1 
ATOM 381  C CA   . LEU A 1 25 ? -4.307  1.705   5.157   1.00 10.00 ? 25 LEU A CA   1 
ATOM 382  C C    . LEU A 1 25 ? -5.219  2.673   4.412   1.00 10.00 ? 25 LEU A C    1 
ATOM 383  O O    . LEU A 1 25 ? -4.708  3.621   3.822   1.00 10.00 ? 25 LEU A O    1 
ATOM 384  C CB   . LEU A 1 25 ? -4.051  0.443   4.324   1.00 10.00 ? 25 LEU A CB   1 
ATOM 385  C CG   . LEU A 1 25 ? -3.011  -0.535  4.904   1.00 10.00 ? 25 LEU A CG   1 
ATOM 386  C CD1  . LEU A 1 25 ? -2.858  -1.721  3.949   1.00 10.00 ? 25 LEU A CD1  1 
ATOM 387  C CD2  . LEU A 1 25 ? -1.635  0.105   5.127   1.00 10.00 ? 25 LEU A CD2  1 
ATOM 388  H H    . LEU A 1 25 ? -5.244  0.446   6.611   1.00 10.00 ? 25 LEU A H    1 
ATOM 389  H HA   . LEU A 1 25 ? -3.357  2.214   5.321   1.00 10.00 ? 25 LEU A HA   1 
ATOM 390  H HB2  . LEU A 1 25 ? -4.997  -0.080  4.218   1.00 10.00 ? 25 LEU A HB2  1 
ATOM 391  H HB3  . LEU A 1 25 ? -3.722  0.752   3.329   1.00 10.00 ? 25 LEU A HB3  1 
ATOM 392  H HG   . LEU A 1 25 ? -3.374  -0.914  5.861   1.00 10.00 ? 25 LEU A HG   1 
ATOM 393  H HD11 . LEU A 1 25 ? -3.823  -2.201  3.801   1.00 10.00 ? 25 LEU A HD11 1 
ATOM 394  H HD12 . LEU A 1 25 ? -2.478  -1.383  2.986   1.00 10.00 ? 25 LEU A HD12 1 
ATOM 395  H HD13 . LEU A 1 25 ? -2.171  -2.451  4.375   1.00 10.00 ? 25 LEU A HD13 1 
ATOM 396  H HD21 . LEU A 1 25 ? -1.279  0.565   4.204   1.00 10.00 ? 25 LEU A HD21 1 
ATOM 397  H HD22 . LEU A 1 25 ? -1.692  0.857   5.912   1.00 10.00 ? 25 LEU A HD22 1 
ATOM 398  H HD23 . LEU A 1 25 ? -0.920  -0.657  5.444   1.00 10.00 ? 25 LEU A HD23 1 
ATOM 399  N N    . SER A 1 26 ? -6.544  2.504   4.477   1.00 10.00 ? 26 SER A N    1 
ATOM 400  C CA   . SER A 1 26 ? -7.460  3.455   3.870   1.00 10.00 ? 26 SER A CA   1 
ATOM 401  C C    . SER A 1 26 ? -7.222  4.855   4.435   1.00 10.00 ? 26 SER A C    1 
ATOM 402  O O    . SER A 1 26 ? -7.076  5.796   3.662   1.00 10.00 ? 26 SER A O    1 
ATOM 403  C CB   . SER A 1 26 ? -8.912  3.013   4.071   1.00 10.00 ? 26 SER A CB   1 
ATOM 404  O OG   . SER A 1 26 ? -9.144  1.775   3.423   1.00 10.00 ? 26 SER A OG   1 
ATOM 405  H H    . SER A 1 26 ? -6.940  1.680   4.919   1.00 10.00 ? 26 SER A H    1 
ATOM 406  H HA   . SER A 1 26 ? -7.256  3.488   2.800   1.00 10.00 ? 26 SER A HA   1 
ATOM 407  H HB2  . SER A 1 26 ? -9.122  2.915   5.138   1.00 10.00 ? 26 SER A HB2  1 
ATOM 408  H HB3  . SER A 1 26 ? -9.576  3.767   3.649   1.00 10.00 ? 26 SER A HB3  1 
ATOM 409  H HG   . SER A 1 26 ? -10.057 1.505   3.602   1.00 10.00 ? 26 SER A HG   1 
ATOM 410  N N    . MET A 1 27 ? -7.107  5.010   5.758   1.00 10.00 ? 27 MET A N    1 
ATOM 411  C CA   . MET A 1 27 ? -6.871  6.312   6.369   1.00 10.00 ? 27 MET A CA   1 
ATOM 412  C C    . MET A 1 27 ? -5.527  6.903   5.922   1.00 10.00 ? 27 MET A C    1 
ATOM 413  O O    . MET A 1 27 ? -5.455  8.105   5.659   1.00 10.00 ? 27 MET A O    1 
ATOM 414  C CB   . MET A 1 27 ? -6.982  6.184   7.896   1.00 10.00 ? 27 MET A CB   1 
ATOM 415  C CG   . MET A 1 27 ? -6.839  7.536   8.607   1.00 10.00 ? 27 MET A CG   1 
ATOM 416  S SD   . MET A 1 27 ? -7.432  7.575   10.325  1.00 10.00 ? 27 MET A SD   1 
ATOM 417  C CE   . MET A 1 27 ? -6.399  6.288   11.085  1.00 10.00 ? 27 MET A CE   1 
ATOM 418  H H    . MET A 1 27 ? -7.212  4.208   6.373   1.00 10.00 ? 27 MET A H    1 
ATOM 419  H HA   . MET A 1 27 ? -7.661  6.984   6.029   1.00 10.00 ? 27 MET A HA   1 
ATOM 420  H HB2  . MET A 1 27 ? -7.963  5.772   8.137   1.00 10.00 ? 27 MET A HB2  1 
ATOM 421  H HB3  . MET A 1 27 ? -6.216  5.501   8.265   1.00 10.00 ? 27 MET A HB3  1 
ATOM 422  H HG2  . MET A 1 27 ? -5.789  7.835   8.590   1.00 10.00 ? 27 MET A HG2  1 
ATOM 423  H HG3  . MET A 1 27 ? -7.408  8.282   8.049   1.00 10.00 ? 27 MET A HG3  1 
ATOM 424  H HE1  . MET A 1 27 ? -6.626  5.319   10.641  1.00 10.00 ? 27 MET A HE1  1 
ATOM 425  H HE2  . MET A 1 27 ? -5.345  6.522   10.932  1.00 10.00 ? 27 MET A HE2  1 
ATOM 426  H HE3  . MET A 1 27 ? -6.607  6.244   12.154  1.00 10.00 ? 27 MET A HE3  1 
ATOM 427  N N    . LEU A 1 28 ? -4.474  6.085   5.799   1.00 10.00 ? 28 LEU A N    1 
ATOM 428  C CA   . LEU A 1 28 ? -3.159  6.563   5.371   1.00 10.00 ? 28 LEU A CA   1 
ATOM 429  C C    . LEU A 1 28 ? -3.177  6.997   3.904   1.00 10.00 ? 28 LEU A C    1 
ATOM 430  O O    . LEU A 1 28 ? -2.661  8.069   3.589   1.00 10.00 ? 28 LEU A O    1 
ATOM 431  C CB   . LEU A 1 28 ? -2.075  5.488   5.585   1.00 10.00 ? 28 LEU A CB   1 
ATOM 432  C CG   . LEU A 1 28 ? -1.710  5.214   7.059   1.00 10.00 ? 28 LEU A CG   1 
ATOM 433  C CD1  . LEU A 1 28 ? -0.694  4.067   7.131   1.00 10.00 ? 28 LEU A CD1  1 
ATOM 434  C CD2  . LEU A 1 28 ? -1.123  6.444   7.766   1.00 10.00 ? 28 LEU A CD2  1 
ATOM 435  H H    . LEU A 1 28 ? -4.583  5.103   6.036   1.00 10.00 ? 28 LEU A H    1 
ATOM 436  H HA   . LEU A 1 28 ? -2.905  7.444   5.959   1.00 10.00 ? 28 LEU A HA   1 
ATOM 437  H HB2  . LEU A 1 28 ? -2.407  4.559   5.119   1.00 10.00 ? 28 LEU A HB2  1 
ATOM 438  H HB3  . LEU A 1 28 ? -1.169  5.808   5.066   1.00 10.00 ? 28 LEU A HB3  1 
ATOM 439  H HG   . LEU A 1 28 ? -2.601  4.911   7.601   1.00 10.00 ? 28 LEU A HG   1 
ATOM 440  H HD11 . LEU A 1 28 ? -1.102  3.182   6.644   1.00 10.00 ? 28 LEU A HD11 1 
ATOM 441  H HD12 . LEU A 1 28 ? 0.235   4.355   6.639   1.00 10.00 ? 28 LEU A HD12 1 
ATOM 442  H HD13 . LEU A 1 28 ? -0.488  3.821   8.174   1.00 10.00 ? 28 LEU A HD13 1 
ATOM 443  H HD21 . LEU A 1 28 ? -0.259  6.821   7.218   1.00 10.00 ? 28 LEU A HD21 1 
ATOM 444  H HD22 . LEU A 1 28 ? -1.873  7.229   7.846   1.00 10.00 ? 28 LEU A HD22 1 
ATOM 445  H HD23 . LEU A 1 28 ? -0.817  6.175   8.777   1.00 10.00 ? 28 LEU A HD23 1 
ATOM 446  N N    . PHE A 1 29 ? -3.751  6.197   3.003   1.00 10.00 ? 29 PHE A N    1 
ATOM 447  C CA   . PHE A 1 29 ? -3.670  6.461   1.568   1.00 10.00 ? 29 PHE A CA   1 
ATOM 448  C C    . PHE A 1 29 ? -4.750  7.443   1.097   1.00 10.00 ? 29 PHE A C    1 
ATOM 449  O O    . PHE A 1 29 ? -4.511  8.166   0.132   1.00 10.00 ? 29 PHE A O    1 
ATOM 450  C CB   . PHE A 1 29 ? -3.707  5.148   0.776   1.00 10.00 ? 29 PHE A CB   1 
ATOM 451  C CG   . PHE A 1 29 ? -2.380  4.403   0.743   1.00 10.00 ? 29 PHE A CG   1 
ATOM 452  C CD1  . PHE A 1 29 ? -2.008  3.530   1.784   1.00 10.00 ? 29 PHE A CD1  1 
ATOM 453  C CD2  . PHE A 1 29 ? -1.506  4.577   -0.348  1.00 10.00 ? 29 PHE A CD2  1 
ATOM 454  C CE1  . PHE A 1 29 ? -0.786  2.839   1.728   1.00 10.00 ? 29 PHE A CE1  1 
ATOM 455  C CE2  . PHE A 1 29 ? -0.287  3.878   -0.411  1.00 10.00 ? 29 PHE A CE2  1 
ATOM 456  C CZ   . PHE A 1 29 ? 0.073   3.009   0.631   1.00 10.00 ? 29 PHE A CZ   1 
ATOM 457  H H    . PHE A 1 29 ? -4.179  5.328   3.307   1.00 10.00 ? 29 PHE A H    1 
ATOM 458  H HA   . PHE A 1 29 ? -2.708  6.932   1.363   1.00 10.00 ? 29 PHE A HA   1 
ATOM 459  H HB2  . PHE A 1 29 ? -4.488  4.496   1.173   1.00 10.00 ? 29 PHE A HB2  1 
ATOM 460  H HB3  . PHE A 1 29 ? -3.977  5.383   -0.253  1.00 10.00 ? 29 PHE A HB3  1 
ATOM 461  H HD1  . PHE A 1 29 ? -2.655  3.384   2.630   1.00 10.00 ? 29 PHE A HD1  1 
ATOM 462  H HD2  . PHE A 1 29 ? -1.772  5.245   -1.149  1.00 10.00 ? 29 PHE A HD2  1 
ATOM 463  H HE1  . PHE A 1 29 ? -0.508  2.174   2.532   1.00 10.00 ? 29 PHE A HE1  1 
ATOM 464  H HE2  . PHE A 1 29 ? 0.374   4.013   -1.255  1.00 10.00 ? 29 PHE A HE2  1 
ATOM 465  H HZ   . PHE A 1 29 ? 1.011   2.473   0.591   1.00 10.00 ? 29 PHE A HZ   1 
ATOM 466  N N    . ASN A 1 30 ? -5.895  7.556   1.782   1.00 10.00 ? 30 ASN A N    1 
ATOM 467  C CA   . ASN A 1 30 ? -6.954  8.515   1.436   1.00 10.00 ? 30 ASN A CA   1 
ATOM 468  C C    . ASN A 1 30 ? -6.502  9.977   1.560   1.00 10.00 ? 30 ASN A C    1 
ATOM 469  O O    . ASN A 1 30 ? -7.183  10.880  1.073   1.00 10.00 ? 30 ASN A O    1 
ATOM 470  C CB   . ASN A 1 30 ? -8.209  8.262   2.287   1.00 10.00 ? 30 ASN A CB   1 
ATOM 471  C CG   . ASN A 1 30 ? -9.386  9.144   1.870   1.00 10.00 ? 30 ASN A CG   1 
ATOM 472  O OD1  . ASN A 1 30 ? -9.795  9.148   0.712   1.00 10.00 ? 30 ASN A OD1  1 
ATOM 473  N ND2  . ASN A 1 30 ? -9.973  9.884   2.797   1.00 10.00 ? 30 ASN A ND2  1 
ATOM 474  H H    . ASN A 1 30 ? -6.073  6.917   2.552   1.00 10.00 ? 30 ASN A H    1 
ATOM 475  H HA   . ASN A 1 30 ? -7.220  8.350   0.393   1.00 10.00 ? 30 ASN A HA   1 
ATOM 476  H HB2  . ASN A 1 30 ? -8.521  7.225   2.167   1.00 10.00 ? 30 ASN A HB2  1 
ATOM 477  H HB3  . ASN A 1 30 ? -7.966  8.428   3.338   1.00 10.00 ? 30 ASN A HB3  1 
ATOM 478  H HD21 . ASN A 1 30 ? -9.651  9.867   3.754   1.00 10.00 ? 30 ASN A HD21 1 
ATOM 479  H HD22 . ASN A 1 30 ? -10.759 10.468  2.552   1.00 10.00 ? 30 ASN A HD22 1 
ATOM 480  N N    . GLN A 1 31 ? -5.342  10.230  2.180   1.00 10.00 ? 31 GLN A N    1 
ATOM 481  C CA   . GLN A 1 31 ? -4.697  11.539  2.162   1.00 10.00 ? 31 GLN A CA   1 
ATOM 482  C C    . GLN A 1 31 ? -4.406  12.004  0.724   1.00 10.00 ? 31 GLN A C    1 
ATOM 483  O O    . GLN A 1 31 ? -4.370  13.211  0.476   1.00 10.00 ? 31 GLN A O    1 
ATOM 484  C CB   . GLN A 1 31 ? -3.388  11.492  2.968   1.00 10.00 ? 31 GLN A CB   1 
ATOM 485  C CG   . GLN A 1 31 ? -3.610  11.198  4.459   1.00 10.00 ? 31 GLN A CG   1 
ATOM 486  C CD   . GLN A 1 31 ? -2.287  11.209  5.227   1.00 10.00 ? 31 GLN A CD   1 
ATOM 487  O OE1  . GLN A 1 31 ? -1.969  12.157  5.943   1.00 10.00 ? 31 GLN A OE1  1 
ATOM 488  N NE2  . GLN A 1 31 ? -1.482  10.168  5.088   1.00 10.00 ? 31 GLN A NE2  1 
ATOM 489  H H    . GLN A 1 31 ? -4.827  9.459   2.582   1.00 10.00 ? 31 GLN A H    1 
ATOM 490  H HA   . GLN A 1 31 ? -5.368  12.263  2.625   1.00 10.00 ? 31 GLN A HA   1 
ATOM 491  H HB2  . GLN A 1 31 ? -2.729  10.734  2.539   1.00 10.00 ? 31 GLN A HB2  1 
ATOM 492  H HB3  . GLN A 1 31 ? -2.891  12.460  2.881   1.00 10.00 ? 31 GLN A HB3  1 
ATOM 493  H HG2  . GLN A 1 31 ? -4.279  11.952  4.878   1.00 10.00 ? 31 GLN A HG2  1 
ATOM 494  H HG3  . GLN A 1 31 ? -4.081  10.222  4.578   1.00 10.00 ? 31 GLN A HG3  1 
ATOM 495  H HE21 . GLN A 1 31 ? -1.768  9.399   4.482   1.00 10.00 ? 31 GLN A HE21 1 
ATOM 496  H HE22 . GLN A 1 31 ? -0.593  10.139  5.564   1.00 10.00 ? 31 GLN A HE22 1 
ATOM 497  N N    . PHE A 1 32 ? -4.203  11.077  -0.220  1.00 10.00 ? 32 PHE A N    1 
ATOM 498  C CA   . PHE A 1 32 ? -3.897  11.393  -1.610  1.00 10.00 ? 32 PHE A CA   1 
ATOM 499  C C    . PHE A 1 32 ? -5.206  11.413  -2.414  1.00 10.00 ? 32 PHE A C    1 
ATOM 500  O O    . PHE A 1 32 ? -6.027  10.505  -2.254  1.00 10.00 ? 32 PHE A O    1 
ATOM 501  C CB   . PHE A 1 32 ? -2.902  10.362  -2.166  1.00 10.00 ? 32 PHE A CB   1 
ATOM 502  C CG   . PHE A 1 32 ? -1.667  10.189  -1.297  1.00 10.00 ? 32 PHE A CG   1 
ATOM 503  C CD1  . PHE A 1 32 ? -0.764  11.257  -1.121  1.00 10.00 ? 32 PHE A CD1  1 
ATOM 504  C CD2  . PHE A 1 32 ? -1.456  8.983   -0.603  1.00 10.00 ? 32 PHE A CD2  1 
ATOM 505  C CE1  . PHE A 1 32 ? 0.324   11.124  -0.240  1.00 10.00 ? 32 PHE A CE1  1 
ATOM 506  C CE2  . PHE A 1 32 ? -0.368  8.850   0.274   1.00 10.00 ? 32 PHE A CE2  1 
ATOM 507  C CZ   . PHE A 1 32 ? 0.516   9.924   0.467   1.00 10.00 ? 32 PHE A CZ   1 
ATOM 508  H H    . PHE A 1 32 ? -4.296  10.094  0.014   1.00 10.00 ? 32 PHE A H    1 
ATOM 509  H HA   . PHE A 1 32 ? -3.418  12.371  -1.639  1.00 10.00 ? 32 PHE A HA   1 
ATOM 510  H HB2  . PHE A 1 32 ? -3.411  9.400   -2.261  1.00 10.00 ? 32 PHE A HB2  1 
ATOM 511  H HB3  . PHE A 1 32 ? -2.591  10.673  -3.163  1.00 10.00 ? 32 PHE A HB3  1 
ATOM 512  H HD1  . PHE A 1 32 ? -0.916  12.191  -1.646  1.00 10.00 ? 32 PHE A HD1  1 
ATOM 513  H HD2  . PHE A 1 32 ? -2.138  8.157   -0.730  1.00 10.00 ? 32 PHE A HD2  1 
ATOM 514  H HE1  . PHE A 1 32 ? 1.007   11.951  -0.096  1.00 10.00 ? 32 PHE A HE1  1 
ATOM 515  H HE2  . PHE A 1 32 ? -0.222  7.924   0.806   1.00 10.00 ? 32 PHE A HE2  1 
ATOM 516  H HZ   . PHE A 1 32 ? 1.341   9.827   1.160   1.00 10.00 ? 32 PHE A HZ   1 
ATOM 517  N N    . PRO A 1 33 ? -5.416  12.400  -3.306  1.00 10.00 ? 33 PRO A N    1 
ATOM 518  C CA   . PRO A 1 33 ? -6.705  12.633  -3.962  1.00 10.00 ? 33 PRO A CA   1 
ATOM 519  C C    . PRO A 1 33 ? -7.086  11.581  -5.023  1.00 10.00 ? 33 PRO A C    1 
ATOM 520  O O    . PRO A 1 33 ? -8.148  11.707  -5.639  1.00 10.00 ? 33 PRO A O    1 
ATOM 521  C CB   . PRO A 1 33 ? -6.606  14.050  -4.548  1.00 10.00 ? 33 PRO A CB   1 
ATOM 522  C CG   . PRO A 1 33 ? -5.112  14.237  -4.796  1.00 10.00 ? 33 PRO A CG   1 
ATOM 523  C CD   . PRO A 1 33 ? -4.478  13.465  -3.642  1.00 10.00 ? 33 PRO A CD   1 
ATOM 524  H HA   . PRO A 1 33 ? -7.486  12.629  -3.201  1.00 10.00 ? 33 PRO A HA   1 
ATOM 525  H HB2  . PRO A 1 33 ? -7.183  14.173  -5.465  1.00 10.00 ? 33 PRO A HB2  1 
ATOM 526  H HB3  . PRO A 1 33 ? -6.938  14.770  -3.800  1.00 10.00 ? 33 PRO A HB3  1 
ATOM 527  H HG2  . PRO A 1 33 ? -4.833  13.778  -5.744  1.00 10.00 ? 33 PRO A HG2  1 
ATOM 528  H HG3  . PRO A 1 33 ? -4.828  15.290  -4.780  1.00 10.00 ? 33 PRO A HG3  1 
ATOM 529  H HD2  . PRO A 1 33 ? -3.511  13.064  -3.947  1.00 10.00 ? 33 PRO A HD2  1 
ATOM 530  H HD3  . PRO A 1 33 ? -4.360  14.127  -2.784  1.00 10.00 ? 33 PRO A HD3  1 
ATOM 531  N N    . GLY A 1 34 ? -6.262  10.548  -5.237  1.00 10.00 ? 34 GLY A N    1 
ATOM 532  C CA   . GLY A 1 34 ? -6.502  9.492   -6.216  1.00 10.00 ? 34 GLY A CA   1 
ATOM 533  C C    . GLY A 1 34 ? -6.708  8.116   -5.590  1.00 10.00 ? 34 GLY A C    1 
ATOM 534  O O    . GLY A 1 34 ? -6.848  7.149   -6.332  1.00 10.00 ? 34 GLY A O    1 
ATOM 535  H H    . GLY A 1 34 ? -5.408  10.495  -4.704  1.00 10.00 ? 34 GLY A H    1 
ATOM 536  H HA2  . GLY A 1 34 ? -7.373  9.726   -6.828  1.00 10.00 ? 34 GLY A HA2  1 
ATOM 537  H HA3  . GLY A 1 34 ? -5.635  9.427   -6.868  1.00 10.00 ? 34 GLY A HA3  1 
ATOM 538  N N    . PHE A 1 35 ? -6.690  7.993   -4.262  1.00 10.00 ? 35 PHE A N    1 
ATOM 539  C CA   . PHE A 1 35 ? -6.958  6.727   -3.585  1.00 10.00 ? 35 PHE A CA   1 
ATOM 540  C C    . PHE A 1 35 ? -8.382  6.247   -3.902  1.00 10.00 ? 35 PHE A C    1 
ATOM 541  O O    . PHE A 1 35 ? -9.290  7.075   -4.032  1.00 10.00 ? 35 PHE A O    1 
ATOM 542  C CB   . PHE A 1 35 ? -6.776  6.947   -2.080  1.00 10.00 ? 35 PHE A CB   1 
ATOM 543  C CG   . PHE A 1 35 ? -7.344  5.843   -1.214  1.00 10.00 ? 35 PHE A CG   1 
ATOM 544  C CD1  . PHE A 1 35 ? -6.655  4.625   -1.085  1.00 10.00 ? 35 PHE A CD1  1 
ATOM 545  C CD2  . PHE A 1 35 ? -8.593  6.009   -0.585  1.00 10.00 ? 35 PHE A CD2  1 
ATOM 546  C CE1  . PHE A 1 35 ? -7.200  3.593   -0.308  1.00 10.00 ? 35 PHE A CE1  1 
ATOM 547  C CE2  . PHE A 1 35 ? -9.142  4.971   0.185   1.00 10.00 ? 35 PHE A CE2  1 
ATOM 548  C CZ   . PHE A 1 35 ? -8.443  3.761   0.326   1.00 10.00 ? 35 PHE A CZ   1 
ATOM 549  H H    . PHE A 1 35 ? -6.598  8.819   -3.685  1.00 10.00 ? 35 PHE A H    1 
ATOM 550  H HA   . PHE A 1 35 ? -6.243  5.976   -3.927  1.00 10.00 ? 35 PHE A HA   1 
ATOM 551  H HB2  . PHE A 1 35 ? -5.712  7.049   -1.875  1.00 10.00 ? 35 PHE A HB2  1 
ATOM 552  H HB3  . PHE A 1 35 ? -7.261  7.884   -1.802  1.00 10.00 ? 35 PHE A HB3  1 
ATOM 553  H HD1  . PHE A 1 35 ? -5.711  4.475   -1.590  1.00 10.00 ? 35 PHE A HD1  1 
ATOM 554  H HD2  . PHE A 1 35 ? -9.144  6.932   -0.704  1.00 10.00 ? 35 PHE A HD2  1 
ATOM 555  H HE1  . PHE A 1 35 ? -6.663  2.664   -0.214  1.00 10.00 ? 35 PHE A HE1  1 
ATOM 556  H HE2  . PHE A 1 35 ? -10.103 5.100   0.664   1.00 10.00 ? 35 PHE A HE2  1 
ATOM 557  H HZ   . PHE A 1 35 ? -8.868  2.961   0.916   1.00 10.00 ? 35 PHE A HZ   1 
ATOM 558  N N    . LYS A 1 36 ? -8.599  4.922   -3.943  1.00 10.00 ? 36 LYS A N    1 
ATOM 559  C CA   . LYS A 1 36 ? -9.938  4.344   -4.050  1.00 10.00 ? 36 LYS A CA   1 
ATOM 560  C C    . LYS A 1 36 ? -10.189 3.254   -3.013  1.00 10.00 ? 36 LYS A C    1 
ATOM 561  O O    . LYS A 1 36 ? -11.253 3.287   -2.393  1.00 10.00 ? 36 LYS A O    1 
ATOM 562  C CB   . LYS A 1 36 ? -10.212 3.789   -5.458  1.00 10.00 ? 36 LYS A CB   1 
ATOM 563  C CG   . LYS A 1 36 ? -10.165 4.860   -6.560  1.00 10.00 ? 36 LYS A CG   1 
ATOM 564  C CD   . LYS A 1 36 ? -10.933 4.453   -7.828  1.00 10.00 ? 36 LYS A CD   1 
ATOM 565  C CE   . LYS A 1 36 ? -10.481 3.109   -8.425  1.00 10.00 ? 36 LYS A CE   1 
ATOM 566  N NZ   . LYS A 1 36 ? -11.337 2.697   -9.568  1.00 10.00 ? 36 LYS A NZ   1 
ATOM 567  H H    . LYS A 1 36 ? -7.817  4.280   -3.849  1.00 10.00 ? 36 LYS A H    1 
ATOM 568  H HA   . LYS A 1 36 ? -10.675 5.127   -3.859  1.00 10.00 ? 36 LYS A HA   1 
ATOM 569  H HB2  . LYS A 1 36 ? -9.495  2.999   -5.686  1.00 10.00 ? 36 LYS A HB2  1 
ATOM 570  H HB3  . LYS A 1 36 ? -11.211 3.348   -5.446  1.00 10.00 ? 36 LYS A HB3  1 
ATOM 571  H HG2  . LYS A 1 36 ? -10.614 5.781   -6.187  1.00 10.00 ? 36 LYS A HG2  1 
ATOM 572  H HG3  . LYS A 1 36 ? -9.125  5.068   -6.811  1.00 10.00 ? 36 LYS A HG3  1 
ATOM 573  H HD2  . LYS A 1 36 ? -11.994 4.394   -7.576  1.00 10.00 ? 36 LYS A HD2  1 
ATOM 574  H HD3  . LYS A 1 36 ? -10.808 5.240   -8.574  1.00 10.00 ? 36 LYS A HD3  1 
ATOM 575  H HE2  . LYS A 1 36 ? -9.441  3.194   -8.751  1.00 10.00 ? 36 LYS A HE2  1 
ATOM 576  H HE3  . LYS A 1 36 ? -10.532 2.341   -7.650  1.00 10.00 ? 36 LYS A HE3  1 
ATOM 577  H HZ1  . LYS A 1 36 ? -12.301 2.586   -9.284  1.00 10.00 ? 36 LYS A HZ1  1 
ATOM 578  H HZ2  . LYS A 1 36 ? -11.312 3.373   -10.317 1.00 10.00 ? 36 LYS A HZ2  1 
ATOM 579  H HZ3  . LYS A 1 36 ? -11.035 1.810   -9.947  1.00 10.00 ? 36 LYS A HZ3  1 
ATOM 580  N N    . GLU A 1 37 ? -9.290  2.280   -2.829  1.00 10.00 ? 37 GLU A N    1 
ATOM 581  C CA   . GLU A 1 37 ? -9.620  1.087   -2.042  1.00 10.00 ? 37 GLU A CA   1 
ATOM 582  C C    . GLU A 1 37 ? -8.367  0.383   -1.505  1.00 10.00 ? 37 GLU A C    1 
ATOM 583  O O    . GLU A 1 37 ? -7.245  0.698   -1.904  1.00 10.00 ? 37 GLU A O    1 
ATOM 584  C CB   . GLU A 1 37 ? -10.469 0.129   -2.913  1.00 10.00 ? 37 GLU A CB   1 
ATOM 585  C CG   . GLU A 1 37 ? -11.537 -0.612  -2.094  1.00 10.00 ? 37 GLU A CG   1 
ATOM 586  C CD   . GLU A 1 37 ? -12.423 -1.504  -2.983  1.00 10.00 ? 37 GLU A CD   1 
ATOM 587  O OE1  . GLU A 1 37 ? -13.441 -1.012  -3.523  1.00 10.00 ? 37 GLU A OE1  1 
ATOM 588  O OE2  . GLU A 1 37 ? -12.128 -2.712  -3.127  1.00 10.00 ? 37 GLU A OE2  1 
ATOM 589  H H    . GLU A 1 37 ? -8.389  2.298   -3.299  1.00 10.00 ? 37 GLU A H    1 
ATOM 590  H HA   . GLU A 1 37 ? -10.216 1.405   -1.184  1.00 10.00 ? 37 GLU A HA   1 
ATOM 591  H HB2  . GLU A 1 37 ? -10.986 0.696   -3.689  1.00 10.00 ? 37 GLU A HB2  1 
ATOM 592  H HB3  . GLU A 1 37 ? -9.818  -0.592  -3.409  1.00 10.00 ? 37 GLU A HB3  1 
ATOM 593  H HG2  . GLU A 1 37 ? -11.057 -1.219  -1.328  1.00 10.00 ? 37 GLU A HG2  1 
ATOM 594  H HG3  . GLU A 1 37 ? -12.162 0.124   -1.584  1.00 10.00 ? 37 GLU A HG3  1 
ATOM 595  N N    . VAL A 1 38 ? -8.572  -0.603  -0.628  1.00 10.00 ? 38 VAL A N    1 
ATOM 596  C CA   . VAL A 1 38 ? -7.561  -1.465  -0.020  1.00 10.00 ? 38 VAL A CA   1 
ATOM 597  C C    . VAL A 1 38 ? -8.126  -2.890  -0.050  1.00 10.00 ? 38 VAL A C    1 
ATOM 598  O O    . VAL A 1 38 ? -9.346  -3.074  0.015   1.00 10.00 ? 38 VAL A O    1 
ATOM 599  C CB   . VAL A 1 38 ? -7.287  -1.004  1.434   1.00 10.00 ? 38 VAL A CB   1 
ATOM 600  C CG1  . VAL A 1 38 ? -6.306  -1.908  2.200   1.00 10.00 ? 38 VAL A CG1  1 
ATOM 601  C CG2  . VAL A 1 38 ? -6.736  0.423   1.487   1.00 10.00 ? 38 VAL A CG2  1 
ATOM 602  H H    . VAL A 1 38 ? -9.524  -0.855  -0.399  1.00 10.00 ? 38 VAL A H    1 
ATOM 603  H HA   . VAL A 1 38 ? -6.641  -1.426  -0.597  1.00 10.00 ? 38 VAL A HA   1 
ATOM 604  H HB   . VAL A 1 38 ? -8.232  -1.007  1.975   1.00 10.00 ? 38 VAL A HB   1 
ATOM 605  H HG11 . VAL A 1 38 ? -6.676  -2.929  2.256   1.00 10.00 ? 38 VAL A HG11 1 
ATOM 606  H HG12 . VAL A 1 38 ? -5.325  -1.900  1.724   1.00 10.00 ? 38 VAL A HG12 1 
ATOM 607  H HG13 . VAL A 1 38 ? -6.219  -1.558  3.226   1.00 10.00 ? 38 VAL A HG13 1 
ATOM 608  H HG21 . VAL A 1 38 ? -5.853  0.517   0.859   1.00 10.00 ? 38 VAL A HG21 1 
ATOM 609  H HG22 . VAL A 1 38 ? -7.505  1.114   1.155   1.00 10.00 ? 38 VAL A HG22 1 
ATOM 610  H HG23 . VAL A 1 38 ? -6.486  0.683   2.512   1.00 10.00 ? 38 VAL A HG23 1 
ATOM 611  N N    . ARG A 1 39 ? -7.251  -3.898  -0.090  1.00 10.00 ? 39 ARG A N    1 
ATOM 612  C CA   . ARG A 1 39 ? -7.609  -5.293  0.137   1.00 10.00 ? 39 ARG A CA   1 
ATOM 613  C C    . ARG A 1 39 ? -6.540  -5.892  1.043   1.00 10.00 ? 39 ARG A C    1 
ATOM 614  O O    . ARG A 1 39 ? -5.396  -6.072  0.625   1.00 10.00 ? 39 ARG A O    1 
ATOM 615  C CB   . ARG A 1 39 ? -7.763  -6.025  -1.207  1.00 10.00 ? 39 ARG A CB   1 
ATOM 616  C CG   . ARG A 1 39 ? -8.455  -7.389  -1.040  1.00 10.00 ? 39 ARG A CG   1 
ATOM 617  C CD   . ARG A 1 39 ? -8.670  -8.112  -2.377  1.00 10.00 ? 39 ARG A CD   1 
ATOM 618  N NE   . ARG A 1 39 ? -9.544  -7.347  -3.290  1.00 10.00 ? 39 ARG A NE   1 
ATOM 619  C CZ   . ARG A 1 39 ? -9.164  -6.642  -4.366  1.00 10.00 ? 39 ARG A CZ   1 
ATOM 620  N NH1  . ARG A 1 39 ? -7.890  -6.615  -4.754  1.00 10.00 ? 39 ARG A NH1  1 
ATOM 621  N NH2  . ARG A 1 39 ? -10.070 -5.955  -5.053  1.00 10.00 ? 39 ARG A NH2  1 
ATOM 622  H H    . ARG A 1 39 ? -6.258  -3.681  -0.159  1.00 10.00 ? 39 ARG A H    1 
ATOM 623  H HA   . ARG A 1 39 ? -8.572  -5.325  0.650   1.00 10.00 ? 39 ARG A HA   1 
ATOM 624  H HB2  . ARG A 1 39 ? -8.371  -5.404  -1.865  1.00 10.00 ? 39 ARG A HB2  1 
ATOM 625  H HB3  . ARG A 1 39 ? -6.787  -6.164  -1.672  1.00 10.00 ? 39 ARG A HB3  1 
ATOM 626  H HG2  . ARG A 1 39 ? -7.845  -8.026  -0.397  1.00 10.00 ? 39 ARG A HG2  1 
ATOM 627  H HG3  . ARG A 1 39 ? -9.424  -7.244  -0.559  1.00 10.00 ? 39 ARG A HG3  1 
ATOM 628  H HD2  . ARG A 1 39 ? -7.703  -8.315  -2.838  1.00 10.00 ? 39 ARG A HD2  1 
ATOM 629  H HD3  . ARG A 1 39 ? -9.143  -9.074  -2.173  1.00 10.00 ? 39 ARG A HD3  1 
ATOM 630  H HE   . ARG A 1 39 ? -10.528 -7.359  -3.048  1.00 10.00 ? 39 ARG A HE   1 
ATOM 631  H HH11 . ARG A 1 39 ? -7.192  -7.149  -4.258  1.00 10.00 ? 39 ARG A HH11 1 
ATOM 632  H HH12 . ARG A 1 39 ? -7.584  -6.093  -5.563  1.00 10.00 ? 39 ARG A HH12 1 
ATOM 633  H HH21 . ARG A 1 39 ? -11.042 -5.944  -4.774  1.00 10.00 ? 39 ARG A HH21 1 
ATOM 634  H HH22 . ARG A 1 39 ? -9.825  -5.407  -5.865  1.00 10.00 ? 39 ARG A HH22 1 
ATOM 635  N N    . LEU A 1 40 ? -6.890  -6.107  2.311   1.00 10.00 ? 40 LEU A N    1 
ATOM 636  C CA   . LEU A 1 40 ? -6.020  -6.760  3.288   1.00 10.00 ? 40 LEU A CA   1 
ATOM 637  C C    . LEU A 1 40 ? -5.929  -8.258  2.981   1.00 10.00 ? 40 LEU A C    1 
ATOM 638  O O    . LEU A 1 40 ? -6.703  -8.786  2.179   1.00 10.00 ? 40 LEU A O    1 
ATOM 639  C CB   . LEU A 1 40 ? -6.571  -6.519  4.718   1.00 10.00 ? 40 LEU A CB   1 
ATOM 640  C CG   . LEU A 1 40 ? -5.635  -5.732  5.655   1.00 10.00 ? 40 LEU A CG   1 
ATOM 641  C CD1  . LEU A 1 40 ? -4.377  -6.528  6.016   1.00 10.00 ? 40 LEU A CD1  1 
ATOM 642  C CD2  . LEU A 1 40 ? -5.244  -4.379  5.052   1.00 10.00 ? 40 LEU A CD2  1 
ATOM 643  H H    . LEU A 1 40 ? -7.847  -5.941  2.584   1.00 10.00 ? 40 LEU A H    1 
ATOM 644  H HA   . LEU A 1 40 ? -5.019  -6.340  3.196   1.00 10.00 ? 40 LEU A HA   1 
ATOM 645  H HB2  . LEU A 1 40 ? -7.516  -5.975  4.662   1.00 10.00 ? 40 LEU A HB2  1 
ATOM 646  H HB3  . LEU A 1 40 ? -6.807  -7.473  5.192   1.00 10.00 ? 40 LEU A HB3  1 
ATOM 647  H HG   . LEU A 1 40 ? -6.185  -5.541  6.576   1.00 10.00 ? 40 LEU A HG   1 
ATOM 648  H HD11 . LEU A 1 40 ? -4.665  -7.484  6.450   1.00 10.00 ? 40 LEU A HD11 1 
ATOM 649  H HD12 . LEU A 1 40 ? -3.745  -6.692  5.142   1.00 10.00 ? 40 LEU A HD12 1 
ATOM 650  H HD13 . LEU A 1 40 ? -3.800  -5.973  6.755   1.00 10.00 ? 40 LEU A HD13 1 
ATOM 651  H HD21 . LEU A 1 40 ? -4.448  -4.495  4.321   1.00 10.00 ? 40 LEU A HD21 1 
ATOM 652  H HD22 . LEU A 1 40 ? -6.103  -3.937  4.553   1.00 10.00 ? 40 LEU A HD22 1 
ATOM 653  H HD23 . LEU A 1 40 ? -4.902  -3.706  5.838   1.00 10.00 ? 40 LEU A HD23 1 
ATOM 654  N N    . VAL A 1 41 ? -5.037  -8.956  3.687   1.00 10.00 ? 41 VAL A N    1 
ATOM 655  C CA   . VAL A 1 41 ? -4.961  -10.412 3.693   1.00 10.00 ? 41 VAL A CA   1 
ATOM 656  C C    . VAL A 1 41 ? -5.264  -10.833 5.139   1.00 10.00 ? 41 VAL A C    1 
ATOM 657  O O    . VAL A 1 41 ? -4.353  -10.840 5.970   1.00 10.00 ? 41 VAL A O    1 
ATOM 658  C CB   . VAL A 1 41 ? -3.602  -10.889 3.133   1.00 10.00 ? 41 VAL A CB   1 
ATOM 659  C CG1  . VAL A 1 41 ? -3.532  -12.423 3.089   1.00 10.00 ? 41 VAL A CG1  1 
ATOM 660  C CG2  . VAL A 1 41 ? -3.387  -10.356 1.705   1.00 10.00 ? 41 VAL A CG2  1 
ATOM 661  H H    . VAL A 1 41 ? -4.413  -8.470  4.316   1.00 10.00 ? 41 VAL A H    1 
ATOM 662  H HA   . VAL A 1 41 ? -5.725  -10.817 3.033   1.00 10.00 ? 41 VAL A HA   1 
ATOM 663  H HB   . VAL A 1 41 ? -2.793  -10.520 3.766   1.00 10.00 ? 41 VAL A HB   1 
ATOM 664  H HG11 . VAL A 1 41 ? -3.601  -12.834 4.095   1.00 10.00 ? 41 VAL A HG11 1 
ATOM 665  H HG12 . VAL A 1 41 ? -4.342  -12.821 2.478   1.00 10.00 ? 41 VAL A HG12 1 
ATOM 666  H HG13 . VAL A 1 41 ? -2.580  -12.740 2.662   1.00 10.00 ? 41 VAL A HG13 1 
ATOM 667  H HG21 . VAL A 1 41 ? -4.245  -10.600 1.077   1.00 10.00 ? 41 VAL A HG21 1 
ATOM 668  H HG22 . VAL A 1 41 ? -3.253  -9.274  1.723   1.00 10.00 ? 41 VAL A HG22 1 
ATOM 669  H HG23 . VAL A 1 41 ? -2.496  -10.802 1.265   1.00 10.00 ? 41 VAL A HG23 1 
ATOM 670  N N    . PRO A 1 42 ? -6.531  -11.133 5.486   1.00 10.00 ? 42 PRO A N    1 
ATOM 671  C CA   . PRO A 1 42 ? -6.989  -11.287 6.873   1.00 10.00 ? 42 PRO A CA   1 
ATOM 672  C C    . PRO A 1 42 ? -6.483  -12.563 7.575   1.00 10.00 ? 42 PRO A C    1 
ATOM 673  O O    . PRO A 1 42 ? -6.916  -12.871 8.687   1.00 10.00 ? 42 PRO A O    1 
ATOM 674  C CB   . PRO A 1 42 ? -8.521  -11.221 6.800   1.00 10.00 ? 42 PRO A CB   1 
ATOM 675  C CG   . PRO A 1 42 ? -8.832  -11.763 5.410   1.00 10.00 ? 42 PRO A CG   1 
ATOM 676  C CD   . PRO A 1 42 ? -7.672  -11.225 4.579   1.00 10.00 ? 42 PRO A CD   1 
ATOM 677  H HA   . PRO A 1 42 ? -6.637  -10.432 7.450   1.00 10.00 ? 42 PRO A HA   1 
ATOM 678  H HB2  . PRO A 1 42 ? -9.013  -11.804 7.579   1.00 10.00 ? 42 PRO A HB2  1 
ATOM 679  H HB3  . PRO A 1 42 ? -8.839  -10.178 6.859   1.00 10.00 ? 42 PRO A HB3  1 
ATOM 680  H HG2  . PRO A 1 42 ? -8.802  -12.854 5.423   1.00 10.00 ? 42 PRO A HG2  1 
ATOM 681  H HG3  . PRO A 1 42 ? -9.794  -11.407 5.040   1.00 10.00 ? 42 PRO A HG3  1 
ATOM 682  H HD2  . PRO A 1 42 ? -7.469  -11.902 3.748   1.00 10.00 ? 42 PRO A HD2  1 
ATOM 683  H HD3  . PRO A 1 42 ? -7.921  -10.231 4.207   1.00 10.00 ? 42 PRO A HD3  1 
ATOM 684  N N    . ASN A 1 43 ? -5.569  -13.310 6.944   1.00 10.00 ? 43 ASN A N    1 
ATOM 685  C CA   . ASN A 1 43 ? -4.917  -14.500 7.496   1.00 10.00 ? 43 ASN A CA   1 
ATOM 686  C C    . ASN A 1 43 ? -3.402  -14.301 7.659   1.00 10.00 ? 43 ASN A C    1 
ATOM 687  O O    . ASN A 1 43 ? -2.713  -15.236 8.073   1.00 10.00 ? 43 ASN A O    1 
ATOM 688  C CB   . ASN A 1 43 ? -5.242  -15.735 6.634   1.00 10.00 ? 43 ASN A CB   1 
ATOM 689  C CG   . ASN A 1 43 ? -4.621  -15.666 5.241   1.00 10.00 ? 43 ASN A CG   1 
ATOM 690  O OD1  . ASN A 1 43 ? -3.443  -15.945 5.046   1.00 10.00 ? 43 ASN A OD1  1 
ATOM 691  N ND2  . ASN A 1 43 ? -5.394  -15.271 4.241   1.00 10.00 ? 43 ASN A ND2  1 
ATOM 692  H H    . ASN A 1 43 ? -5.267  -13.008 6.030   1.00 10.00 ? 43 ASN A H    1 
ATOM 693  H HA   . ASN A 1 43 ? -5.319  -14.687 8.493   1.00 10.00 ? 43 ASN A HA   1 
ATOM 694  H HB2  . ASN A 1 43 ? -4.861  -16.625 7.138   1.00 10.00 ? 43 ASN A HB2  1 
ATOM 695  H HB3  . ASN A 1 43 ? -6.324  -15.848 6.561   1.00 10.00 ? 43 ASN A HB3  1 
ATOM 696  H HD21 . ASN A 1 43 ? -6.376  -15.085 4.391   1.00 10.00 ? 43 ASN A HD21 1 
ATOM 697  H HD22 . ASN A 1 43 ? -5.025  -15.241 3.302   1.00 10.00 ? 43 ASN A HD22 1 
ATOM 698  N N    . ARG A 1 44 ? -2.873  -13.101 7.374   1.00 10.00 ? 44 ARG A N    1 
ATOM 699  C CA   . ARG A 1 44 ? -1.450  -12.776 7.543   1.00 10.00 ? 44 ARG A CA   1 
ATOM 700  C C    . ARG A 1 44 ? -1.237  -11.350 8.050   1.00 10.00 ? 44 ARG A C    1 
ATOM 701  O O    . ARG A 1 44 ? -0.367  -11.149 8.893   1.00 10.00 ? 44 ARG A O    1 
ATOM 702  C CB   . ARG A 1 44 ? -0.689  -12.982 6.216   1.00 10.00 ? 44 ARG A CB   1 
ATOM 703  C CG   . ARG A 1 44 ? -0.039  -14.374 6.119   1.00 10.00 ? 44 ARG A CG   1 
ATOM 704  C CD   . ARG A 1 44 ? 0.872   -14.535 4.893   1.00 10.00 ? 44 ARG A CD   1 
ATOM 705  N NE   . ARG A 1 44 ? 2.038   -13.634 4.941   1.00 10.00 ? 44 ARG A NE   1 
ATOM 706  C CZ   . ARG A 1 44 ? 3.147   -13.710 4.198   1.00 10.00 ? 44 ARG A CZ   1 
ATOM 707  N NH1  . ARG A 1 44 ? 3.316   -14.696 3.319   1.00 10.00 ? 44 ARG A NH1  1 
ATOM 708  N NH2  . ARG A 1 44 ? 4.083   -12.779 4.344   1.00 10.00 ? 44 ARG A NH2  1 
ATOM 709  H H    . ARG A 1 44 ? -3.496  -12.354 7.090   1.00 10.00 ? 44 ARG A H    1 
ATOM 710  H HA   . ARG A 1 44 ? -1.023  -13.437 8.300   1.00 10.00 ? 44 ARG A HA   1 
ATOM 711  H HB2  . ARG A 1 44 ? -1.354  -12.823 5.365   1.00 10.00 ? 44 ARG A HB2  1 
ATOM 712  H HB3  . ARG A 1 44 ? 0.097   -12.234 6.155   1.00 10.00 ? 44 ARG A HB3  1 
ATOM 713  H HG2  . ARG A 1 44 ? 0.554   -14.559 7.017   1.00 10.00 ? 44 ARG A HG2  1 
ATOM 714  H HG3  . ARG A 1 44 ? -0.825  -15.128 6.066   1.00 10.00 ? 44 ARG A HG3  1 
ATOM 715  H HD2  . ARG A 1 44 ? 1.221   -15.569 4.865   1.00 10.00 ? 44 ARG A HD2  1 
ATOM 716  H HD3  . ARG A 1 44 ? 0.297   -14.338 3.988   1.00 10.00 ? 44 ARG A HD3  1 
ATOM 717  H HE   . ARG A 1 44 ? 1.968   -12.828 5.571   1.00 10.00 ? 44 ARG A HE   1 
ATOM 718  H HH11 . ARG A 1 44 ? 2.607   -15.404 3.199   1.00 10.00 ? 44 ARG A HH11 1 
ATOM 719  H HH12 . ARG A 1 44 ? 4.146   -14.771 2.747   1.00 10.00 ? 44 ARG A HH12 1 
ATOM 720  H HH21 . ARG A 1 44 ? 3.948   -12.007 5.014   1.00 10.00 ? 44 ARG A HH21 1 
ATOM 721  H HH22 . ARG A 1 44 ? 4.945   -12.789 3.818   1.00 10.00 ? 44 ARG A HH22 1 
ATOM 722  N N    . HIS A 1 45 ? -2.017  -10.381 7.560   1.00 10.00 ? 45 HIS A N    1 
ATOM 723  C CA   . HIS A 1 45 ? -1.943  -8.938  7.825   1.00 10.00 ? 45 HIS A CA   1 
ATOM 724  C C    . HIS A 1 45 ? -0.637  -8.254  7.399   1.00 10.00 ? 45 HIS A C    1 
ATOM 725  O O    . HIS A 1 45 ? -0.677  -7.081  7.039   1.00 10.00 ? 45 HIS A O    1 
ATOM 726  C CB   . HIS A 1 45 ? -2.261  -8.605  9.291   1.00 10.00 ? 45 HIS A CB   1 
ATOM 727  C CG   . HIS A 1 45 ? -3.515  -9.229  9.847   1.00 10.00 ? 45 HIS A CG   1 
ATOM 728  N ND1  . HIS A 1 45 ? -3.657  -9.751  11.112  1.00 10.00 ? 45 HIS A ND1  1 
ATOM 729  C CD2  . HIS A 1 45 ? -4.728  -9.353  9.222   1.00 10.00 ? 45 HIS A CD2  1 
ATOM 730  C CE1  . HIS A 1 45 ? -4.920  -10.189 11.245  1.00 10.00 ? 45 HIS A CE1  1 
ATOM 731  N NE2  . HIS A 1 45 ? -5.617  -9.969  10.114  1.00 10.00 ? 45 HIS A NE2  1 
ATOM 732  H H    . HIS A 1 45 ? -2.707  -10.643 6.866   1.00 10.00 ? 45 HIS A H    1 
ATOM 733  H HA   . HIS A 1 45 ? -2.729  -8.486  7.222   1.00 10.00 ? 45 HIS A HA   1 
ATOM 734  H HB2  . HIS A 1 45 ? -1.415  -8.909  9.909   1.00 10.00 ? 45 HIS A HB2  1 
ATOM 735  H HB3  . HIS A 1 45 ? -2.353  -7.523  9.381   1.00 10.00 ? 45 HIS A HB3  1 
ATOM 736  H HD1  . HIS A 1 45 ? -2.937  -9.761  11.836  1.00 10.00 ? 45 HIS A HD1  1 
ATOM 737  H HD2  . HIS A 1 45 ? -4.957  -9.028  8.217   1.00 10.00 ? 45 HIS A HD2  1 
ATOM 738  H HE1  . HIS A 1 45 ? -5.321  -10.643 12.144  1.00 10.00 ? 45 HIS A HE1  1 
ATOM 739  N N    . ASP A 1 46 ? 0.503   -8.951  7.392   1.00 10.00 ? 46 ASP A N    1 
ATOM 740  C CA   . ASP A 1 46 ? 1.811   -8.384  7.062   1.00 10.00 ? 46 ASP A CA   1 
ATOM 741  C C    . ASP A 1 46 ? 1.973   -8.043  5.575   1.00 10.00 ? 46 ASP A C    1 
ATOM 742  O O    . ASP A 1 46 ? 2.981   -7.429  5.212   1.00 10.00 ? 46 ASP A O    1 
ATOM 743  C CB   . ASP A 1 46 ? 2.955   -9.296  7.534   1.00 10.00 ? 46 ASP A CB   1 
ATOM 744  C CG   . ASP A 1 46 ? 3.269   -10.416 6.537   1.00 10.00 ? 46 ASP A CG   1 
ATOM 745  O OD1  . ASP A 1 46 ? 2.379   -11.248 6.271   1.00 10.00 ? 46 ASP A OD1  1 
ATOM 746  O OD2  . ASP A 1 46 ? 4.409   -10.516 6.034   1.00 10.00 ? 46 ASP A OD2  1 
ATOM 747  H H    . ASP A 1 46 ? 0.493   -9.901  7.744   1.00 10.00 ? 46 ASP A H    1 
ATOM 748  H HA   . ASP A 1 46 ? 1.894   -7.460  7.627   1.00 10.00 ? 46 ASP A HA   1 
ATOM 749  H HB2  . ASP A 1 46 ? 3.847   -8.681  7.662   1.00 10.00 ? 46 ASP A HB2  1 
ATOM 750  H HB3  . ASP A 1 46 ? 2.707   -9.723  8.508   1.00 10.00 ? 46 ASP A HB3  1 
ATOM 751  N N    . ILE A 1 47 ? 0.994   -8.384  4.727   1.00 10.00 ? 47 ILE A N    1 
ATOM 752  C CA   . ILE A 1 47 ? 0.916   -7.955  3.335   1.00 10.00 ? 47 ILE A CA   1 
ATOM 753  C C    . ILE A 1 47 ? -0.501  -7.444  3.036   1.00 10.00 ? 47 ILE A C    1 
ATOM 754  O O    . ILE A 1 47 ? -1.455  -7.820  3.727   1.00 10.00 ? 47 ILE A O    1 
ATOM 755  C CB   . ILE A 1 47 ? 1.381   -9.059  2.345   1.00 10.00 ? 47 ILE A CB   1 
ATOM 756  C CG1  . ILE A 1 47 ? 0.368   -10.209 2.098   1.00 10.00 ? 47 ILE A CG1  1 
ATOM 757  C CG2  . ILE A 1 47 ? 2.788   -9.586  2.691   1.00 10.00 ? 47 ILE A CG2  1 
ATOM 758  C CD1  . ILE A 1 47 ? 0.576   -11.507 2.881   1.00 10.00 ? 47 ILE A CD1  1 
ATOM 759  H H    . ILE A 1 47 ? 0.162   -8.815  5.102   1.00 10.00 ? 47 ILE A H    1 
ATOM 760  H HA   . ILE A 1 47 ? 1.590   -7.108  3.219   1.00 10.00 ? 47 ILE A HA   1 
ATOM 761  H HB   . ILE A 1 47 ? 1.478   -8.553  1.385   1.00 10.00 ? 47 ILE A HB   1 
ATOM 762  H HG12 . ILE A 1 47 ? -0.642  -9.866  2.299   1.00 10.00 ? 47 ILE A HG12 1 
ATOM 763  H HG13 . ILE A 1 47 ? 0.402   -10.467 1.040   1.00 10.00 ? 47 ILE A HG13 1 
ATOM 764  H HG21 . ILE A 1 47 ? 3.475   -8.754  2.821   1.00 10.00 ? 47 ILE A HG21 1 
ATOM 765  H HG22 . ILE A 1 47 ? 2.774   -10.153 3.620   1.00 10.00 ? 47 ILE A HG22 1 
ATOM 766  H HG23 . ILE A 1 47 ? 3.152   -10.224 1.887   1.00 10.00 ? 47 ILE A HG23 1 
ATOM 767  H HD11 . ILE A 1 47 ? 1.492   -11.994 2.552   1.00 10.00 ? 47 ILE A HD11 1 
ATOM 768  H HD12 . ILE A 1 47 ? 0.625   -11.297 3.948   1.00 10.00 ? 47 ILE A HD12 1 
ATOM 769  H HD13 . ILE A 1 47 ? -0.256  -12.184 2.688   1.00 10.00 ? 47 ILE A HD13 1 
ATOM 770  N N    . ALA A 1 48 ? -0.645  -6.606  2.005   1.00 10.00 ? 48 ALA A N    1 
ATOM 771  C CA   . ALA A 1 48 ? -1.919  -6.040  1.562   1.00 10.00 ? 48 ALA A CA   1 
ATOM 772  C C    . ALA A 1 48 ? -1.802  -5.553  0.113   1.00 10.00 ? 48 ALA A C    1 
ATOM 773  O O    . ALA A 1 48 ? -0.710  -5.549  -0.457  1.00 10.00 ? 48 ALA A O    1 
ATOM 774  C CB   . ALA A 1 48 ? -2.297  -4.857  2.466   1.00 10.00 ? 48 ALA A CB   1 
ATOM 775  H H    . ALA A 1 48 ? 0.171   -6.362  1.449   1.00 10.00 ? 48 ALA A H    1 
ATOM 776  H HA   . ALA A 1 48 ? -2.698  -6.803  1.621   1.00 10.00 ? 48 ALA A HA   1 
ATOM 777  H HB1  . ALA A 1 48 ? -2.311  -5.170  3.509   1.00 10.00 ? 48 ALA A HB1  1 
ATOM 778  H HB2  . ALA A 1 48 ? -1.576  -4.048  2.341   1.00 10.00 ? 48 ALA A HB2  1 
ATOM 779  H HB3  . ALA A 1 48 ? -3.287  -4.485  2.197   1.00 10.00 ? 48 ALA A HB3  1 
ATOM 780  N N    . PHE A 1 49 ? -2.909  -5.063  -0.447  1.00 10.00 ? 49 PHE A N    1 
ATOM 781  C CA   . PHE A 1 49 ? -2.969  -4.372  -1.730  1.00 10.00 ? 49 PHE A CA   1 
ATOM 782  C C    . PHE A 1 49 ? -3.748  -3.069  -1.547  1.00 10.00 ? 49 PHE A C    1 
ATOM 783  O O    . PHE A 1 49 ? -4.579  -2.964  -0.640  1.00 10.00 ? 49 PHE A O    1 
ATOM 784  C CB   . PHE A 1 49 ? -3.658  -5.253  -2.784  1.00 10.00 ? 49 PHE A CB   1 
ATOM 785  C CG   . PHE A 1 49 ? -2.934  -6.538  -3.135  1.00 10.00 ? 49 PHE A CG   1 
ATOM 786  C CD1  . PHE A 1 49 ? -3.132  -7.700  -2.363  1.00 10.00 ? 49 PHE A CD1  1 
ATOM 787  C CD2  . PHE A 1 49 ? -2.085  -6.583  -4.258  1.00 10.00 ? 49 PHE A CD2  1 
ATOM 788  C CE1  . PHE A 1 49 ? -2.479  -8.897  -2.708  1.00 10.00 ? 49 PHE A CE1  1 
ATOM 789  C CE2  . PHE A 1 49 ? -1.444  -7.785  -4.611  1.00 10.00 ? 49 PHE A CE2  1 
ATOM 790  C CZ   . PHE A 1 49 ? -1.638  -8.941  -3.833  1.00 10.00 ? 49 PHE A CZ   1 
ATOM 791  H H    . PHE A 1 49 ? -3.781  -5.104  0.073   1.00 10.00 ? 49 PHE A H    1 
ATOM 792  H HA   . PHE A 1 49 ? -1.959  -4.142  -2.061  1.00 10.00 ? 49 PHE A HA   1 
ATOM 793  H HB2  . PHE A 1 49 ? -4.661  -5.499  -2.436  1.00 10.00 ? 49 PHE A HB2  1 
ATOM 794  H HB3  . PHE A 1 49 ? -3.775  -4.666  -3.697  1.00 10.00 ? 49 PHE A HB3  1 
ATOM 795  H HD1  . PHE A 1 49 ? -3.788  -7.675  -1.503  1.00 10.00 ? 49 PHE A HD1  1 
ATOM 796  H HD2  . PHE A 1 49 ? -1.930  -5.696  -4.857  1.00 10.00 ? 49 PHE A HD2  1 
ATOM 797  H HE1  . PHE A 1 49 ? -2.629  -9.786  -2.109  1.00 10.00 ? 49 PHE A HE1  1 
ATOM 798  H HE2  . PHE A 1 49 ? -0.795  -7.818  -5.475  1.00 10.00 ? 49 PHE A HE2  1 
ATOM 799  H HZ   . PHE A 1 49 ? -1.137  -9.863  -4.100  1.00 10.00 ? 49 PHE A HZ   1 
ATOM 800  N N    . VAL A 1 50 ? -3.510  -2.091  -2.420  1.00 10.00 ? 50 VAL A N    1 
ATOM 801  C CA   . VAL A 1 50 ? -4.149  -0.773  -2.409  1.00 10.00 ? 50 VAL A CA   1 
ATOM 802  C C    . VAL A 1 50 ? -4.432  -0.406  -3.873  1.00 10.00 ? 50 VAL A C    1 
ATOM 803  O O    . VAL A 1 50 ? -3.685  -0.825  -4.758  1.00 10.00 ? 50 VAL A O    1 
ATOM 804  C CB   . VAL A 1 50 ? -3.235  0.254   -1.689  1.00 10.00 ? 50 VAL A CB   1 
ATOM 805  C CG1  . VAL A 1 50 ? -3.889  1.637   -1.580  1.00 10.00 ? 50 VAL A CG1  1 
ATOM 806  C CG2  . VAL A 1 50 ? -2.851  -0.182  -0.262  1.00 10.00 ? 50 VAL A CG2  1 
ATOM 807  H H    . VAL A 1 50 ? -2.857  -2.263  -3.179  1.00 10.00 ? 50 VAL A H    1 
ATOM 808  H HA   . VAL A 1 50 ? -5.095  -0.834  -1.877  1.00 10.00 ? 50 VAL A HA   1 
ATOM 809  H HB   . VAL A 1 50 ? -2.315  0.363   -2.260  1.00 10.00 ? 50 VAL A HB   1 
ATOM 810  H HG11 . VAL A 1 50 ? -4.087  2.041   -2.571  1.00 10.00 ? 50 VAL A HG11 1 
ATOM 811  H HG12 . VAL A 1 50 ? -4.824  1.566   -1.030  1.00 10.00 ? 50 VAL A HG12 1 
ATOM 812  H HG13 . VAL A 1 50 ? -3.219  2.321   -1.060  1.00 10.00 ? 50 VAL A HG13 1 
ATOM 813  H HG21 . VAL A 1 50 ? -3.747  -0.362  0.332   1.00 10.00 ? 50 VAL A HG21 1 
ATOM 814  H HG22 . VAL A 1 50 ? -2.258  -1.092  -0.288  1.00 10.00 ? 50 VAL A HG22 1 
ATOM 815  H HG23 . VAL A 1 50 ? -2.253  0.593   0.218   1.00 10.00 ? 50 VAL A HG23 1 
ATOM 816  N N    . GLU A 1 51 ? -5.494  0.353   -4.145  1.00 10.00 ? 51 GLU A N    1 
ATOM 817  C CA   . GLU A 1 51 ? -5.979  0.653   -5.490  1.00 10.00 ? 51 GLU A CA   1 
ATOM 818  C C    . GLU A 1 51 ? -6.329  2.142   -5.590  1.00 10.00 ? 51 GLU A C    1 
ATOM 819  O O    . GLU A 1 51 ? -6.801  2.751   -4.623  1.00 10.00 ? 51 GLU A O    1 
ATOM 820  C CB   . GLU A 1 51 ? -7.182  -0.257  -5.793  1.00 10.00 ? 51 GLU A CB   1 
ATOM 821  C CG   . GLU A 1 51 ? -7.822  0.018   -7.163  1.00 10.00 ? 51 GLU A CG   1 
ATOM 822  C CD   . GLU A 1 51 ? -8.841  -1.064  -7.568  1.00 10.00 ? 51 GLU A CD   1 
ATOM 823  O OE1  . GLU A 1 51 ? -9.768  -1.369  -6.785  1.00 10.00 ? 51 GLU A OE1  1 
ATOM 824  O OE2  . GLU A 1 51 ? -8.743  -1.596  -8.697  1.00 10.00 ? 51 GLU A OE2  1 
ATOM 825  H H    . GLU A 1 51 ? -6.064  0.702   -3.376  1.00 10.00 ? 51 GLU A H    1 
ATOM 826  H HA   . GLU A 1 51 ? -5.194  0.435   -6.215  1.00 10.00 ? 51 GLU A HA   1 
ATOM 827  H HB2  . GLU A 1 51 ? -6.840  -1.294  -5.769  1.00 10.00 ? 51 GLU A HB2  1 
ATOM 828  H HB3  . GLU A 1 51 ? -7.935  -0.124  -5.016  1.00 10.00 ? 51 GLU A HB3  1 
ATOM 829  H HG2  . GLU A 1 51 ? -8.328  0.985   -7.134  1.00 10.00 ? 51 GLU A HG2  1 
ATOM 830  H HG3  . GLU A 1 51 ? -7.031  0.077   -7.913  1.00 10.00 ? 51 GLU A HG3  1 
ATOM 831  N N    . PHE A 1 52 ? -6.083  2.714   -6.770  1.00 10.00 ? 52 PHE A N    1 
ATOM 832  C CA   . PHE A 1 52 ? -6.097  4.139   -7.072  1.00 10.00 ? 52 PHE A CA   1 
ATOM 833  C C    . PHE A 1 52 ? -6.782  4.377   -8.424  1.00 10.00 ? 52 PHE A C    1 
ATOM 834  O O    . PHE A 1 52 ? -6.966  3.454   -9.222  1.00 10.00 ? 52 PHE A O    1 
ATOM 835  C CB   . PHE A 1 52 ? -4.644  4.654   -7.127  1.00 10.00 ? 52 PHE A CB   1 
ATOM 836  C CG   . PHE A 1 52 ? -4.106  5.214   -5.821  1.00 10.00 ? 52 PHE A CG   1 
ATOM 837  C CD1  . PHE A 1 52 ? -3.876  4.381   -4.711  1.00 10.00 ? 52 PHE A CD1  1 
ATOM 838  C CD2  . PHE A 1 52 ? -3.840  6.592   -5.718  1.00 10.00 ? 52 PHE A CD2  1 
ATOM 839  C CE1  . PHE A 1 52 ? -3.441  4.934   -3.495  1.00 10.00 ? 52 PHE A CE1  1 
ATOM 840  C CE2  . PHE A 1 52 ? -3.391  7.143   -4.508  1.00 10.00 ? 52 PHE A CE2  1 
ATOM 841  C CZ   . PHE A 1 52 ? -3.212  6.316   -3.388  1.00 10.00 ? 52 PHE A CZ   1 
ATOM 842  H H    . PHE A 1 52 ? -5.723  2.129   -7.522  1.00 10.00 ? 52 PHE A H    1 
ATOM 843  H HA   . PHE A 1 52 ? -6.646  4.673   -6.298  1.00 10.00 ? 52 PHE A HA   1 
ATOM 844  H HB2  . PHE A 1 52 ? -3.987  3.857   -7.472  1.00 10.00 ? 52 PHE A HB2  1 
ATOM 845  H HB3  . PHE A 1 52 ? -4.574  5.442   -7.877  1.00 10.00 ? 52 PHE A HB3  1 
ATOM 846  H HD1  . PHE A 1 52 ? -4.047  3.317   -4.781  1.00 10.00 ? 52 PHE A HD1  1 
ATOM 847  H HD2  . PHE A 1 52 ? -4.004  7.234   -6.568  1.00 10.00 ? 52 PHE A HD2  1 
ATOM 848  H HE1  . PHE A 1 52 ? -3.289  4.293   -2.640  1.00 10.00 ? 52 PHE A HE1  1 
ATOM 849  H HE2  . PHE A 1 52 ? -3.192  8.204   -4.437  1.00 10.00 ? 52 PHE A HE2  1 
ATOM 850  H HZ   . PHE A 1 52 ? -2.895  6.747   -2.450  1.00 10.00 ? 52 PHE A HZ   1 
ATOM 851  N N    . THR A 1 53 ? -7.150  5.628   -8.690  1.00 10.00 ? 53 THR A N    1 
ATOM 852  C CA   . THR A 1 53 ? -7.761  6.070   -9.934  1.00 10.00 ? 53 THR A CA   1 
ATOM 853  C C    . THR A 1 53 ? -6.755  6.029   -11.094 1.00 10.00 ? 53 THR A C    1 
ATOM 854  O O    . THR A 1 53 ? -7.128  5.609   -12.191 1.00 10.00 ? 53 THR A O    1 
ATOM 855  C CB   . THR A 1 53 ? -8.329  7.488   -9.719  1.00 10.00 ? 53 THR A CB   1 
ATOM 856  O OG1  . THR A 1 53 ? -9.100  7.515   -8.531  1.00 10.00 ? 53 THR A OG1  1 
ATOM 857  C CG2  . THR A 1 53 ? -9.227  7.950   -10.869 1.00 10.00 ? 53 THR A CG2  1 
ATOM 858  H H    . THR A 1 53 ? -7.086  6.323   -7.951  1.00 10.00 ? 53 THR A H    1 
ATOM 859  H HA   . THR A 1 53 ? -8.586  5.397   -10.169 1.00 10.00 ? 53 THR A HA   1 
ATOM 860  H HB   . THR A 1 53 ? -7.500  8.189   -9.610  1.00 10.00 ? 53 THR A HB   1 
ATOM 861  H HG1  . THR A 1 53 ? -9.313  8.437   -8.324  1.00 10.00 ? 53 THR A HG1  1 
ATOM 862  H HG21 . THR A 1 53 ? -8.653  8.004   -11.795 1.00 10.00 ? 53 THR A HG21 1 
ATOM 863  H HG22 . THR A 1 53 ? -10.056 7.254   -11.004 1.00 10.00 ? 53 THR A HG22 1 
ATOM 864  H HG23 . THR A 1 53 ? -9.621  8.944   -10.654 1.00 10.00 ? 53 THR A HG23 1 
ATOM 865  N N    . THR A 1 54 ? -5.492  6.422   -10.876 1.00 10.00 ? 54 THR A N    1 
ATOM 866  C CA   . THR A 1 54 ? -4.490  6.529   -11.933 1.00 10.00 ? 54 THR A CA   1 
ATOM 867  C C    . THR A 1 54 ? -3.099  6.182   -11.399 1.00 10.00 ? 54 THR A C    1 
ATOM 868  O O    . THR A 1 54 ? -2.798  6.360   -10.215 1.00 10.00 ? 54 THR A O    1 
ATOM 869  C CB   . THR A 1 54 ? -4.497  7.942   -12.557 1.00 10.00 ? 54 THR A CB   1 
ATOM 870  O OG1  . THR A 1 54 ? -4.581  8.951   -11.565 1.00 10.00 ? 54 THR A OG1  1 
ATOM 871  C CG2  . THR A 1 54 ? -5.653  8.158   -13.535 1.00 10.00 ? 54 THR A CG2  1 
ATOM 872  H H    . THR A 1 54 ? -5.206  6.743   -9.963  1.00 10.00 ? 54 THR A H    1 
ATOM 873  H HA   . THR A 1 54 ? -4.726  5.809   -12.718 1.00 10.00 ? 54 THR A HA   1 
ATOM 874  H HB   . THR A 1 54 ? -3.567  8.075   -13.111 1.00 10.00 ? 54 THR A HB   1 
ATOM 875  H HG1  . THR A 1 54 ? -4.349  9.789   -11.996 1.00 10.00 ? 54 THR A HG1  1 
ATOM 876  H HG21 . THR A 1 54 ? -5.649  7.370   -14.290 1.00 10.00 ? 54 THR A HG21 1 
ATOM 877  H HG22 . THR A 1 54 ? -6.606  8.151   -13.008 1.00 10.00 ? 54 THR A HG22 1 
ATOM 878  H HG23 . THR A 1 54 ? -5.533  9.119   -14.037 1.00 10.00 ? 54 THR A HG23 1 
ATOM 879  N N    . GLU A 1 55 ? -2.249  5.703   -12.309 1.00 10.00 ? 55 GLU A N    1 
ATOM 880  C CA   . GLU A 1 55 ? -0.914  5.178   -12.048 1.00 10.00 ? 55 GLU A CA   1 
ATOM 881  C C    . GLU A 1 55 ? 0.020   6.238   -11.455 1.00 10.00 ? 55 GLU A C    1 
ATOM 882  O O    . GLU A 1 55 ? 0.905   5.930   -10.659 1.00 10.00 ? 55 GLU A O    1 
ATOM 883  C CB   . GLU A 1 55 ? -0.299  4.638   -13.355 1.00 10.00 ? 55 GLU A CB   1 
ATOM 884  C CG   . GLU A 1 55 ? -1.183  3.692   -14.189 1.00 10.00 ? 55 GLU A CG   1 
ATOM 885  C CD   . GLU A 1 55 ? -2.013  4.423   -15.264 1.00 10.00 ? 55 GLU A CD   1 
ATOM 886  O OE1  . GLU A 1 55 ? -3.015  5.083   -14.910 1.00 10.00 ? 55 GLU A OE1  1 
ATOM 887  O OE2  . GLU A 1 55 ? -1.673  4.333   -16.465 1.00 10.00 ? 55 GLU A OE2  1 
ATOM 888  H H    . GLU A 1 55 ? -2.596  5.593   -13.261 1.00 10.00 ? 55 GLU A H    1 
ATOM 889  H HA   . GLU A 1 55 ? -1.000  4.360   -11.335 1.00 10.00 ? 55 GLU A HA   1 
ATOM 890  H HB2  . GLU A 1 55 ? 0.010   5.474   -13.987 1.00 10.00 ? 55 GLU A HB2  1 
ATOM 891  H HB3  . GLU A 1 55 ? 0.601   4.094   -13.079 1.00 10.00 ? 55 GLU A HB3  1 
ATOM 892  H HG2  . GLU A 1 55 ? -0.530  2.972   -14.686 1.00 10.00 ? 55 GLU A HG2  1 
ATOM 893  H HG3  . GLU A 1 55 ? -1.842  3.127   -13.530 1.00 10.00 ? 55 GLU A HG3  1 
ATOM 894  N N    . LEU A 1 56 ? -0.161  7.502   -11.852 1.00 10.00 ? 56 LEU A N    1 
ATOM 895  C CA   . LEU A 1 56 ? 0.667   8.602   -11.362 1.00 10.00 ? 56 LEU A CA   1 
ATOM 896  C C    . LEU A 1 56 ? 0.356   8.885   -9.892  1.00 10.00 ? 56 LEU A C    1 
ATOM 897  O O    . LEU A 1 56 ? 1.250   9.293   -9.150  1.00 10.00 ? 56 LEU A O    1 
ATOM 898  C CB   . LEU A 1 56 ? 0.448   9.865   -12.219 1.00 10.00 ? 56 LEU A CB   1 
ATOM 899  C CG   . LEU A 1 56 ? 1.380   9.956   -13.446 1.00 10.00 ? 56 LEU A CG   1 
ATOM 900  C CD1  . LEU A 1 56 ? 1.276   8.754   -14.395 1.00 10.00 ? 56 LEU A CD1  1 
ATOM 901  C CD2  . LEU A 1 56 ? 1.068   11.236  -14.229 1.00 10.00 ? 56 LEU A CD2  1 
ATOM 902  H H    . LEU A 1 56 ? -0.889  7.704   -12.520 1.00 10.00 ? 56 LEU A H    1 
ATOM 903  H HA   . LEU A 1 56 ? 1.716   8.312   -11.428 1.00 10.00 ? 56 LEU A HA   1 
ATOM 904  H HB2  . LEU A 1 56 ? -0.596  9.924   -12.531 1.00 10.00 ? 56 LEU A HB2  1 
ATOM 905  H HB3  . LEU A 1 56 ? 0.652   10.738  -11.595 1.00 10.00 ? 56 LEU A HB3  1 
ATOM 906  H HG   . LEU A 1 56 ? 2.410   10.019  -13.092 1.00 10.00 ? 56 LEU A HG   1 
ATOM 907  H HD11 . LEU A 1 56 ? 1.624   7.850   -13.897 1.00 10.00 ? 56 LEU A HD11 1 
ATOM 908  H HD12 . LEU A 1 56 ? 0.246   8.616   -14.722 1.00 10.00 ? 56 LEU A HD12 1 
ATOM 909  H HD13 . LEU A 1 56 ? 1.910   8.917   -15.268 1.00 10.00 ? 56 LEU A HD13 1 
ATOM 910  H HD21 . LEU A 1 56 ? 0.049   11.202  -14.619 1.00 10.00 ? 56 LEU A HD21 1 
ATOM 911  H HD22 . LEU A 1 56 ? 1.172   12.104  -13.577 1.00 10.00 ? 56 LEU A HD22 1 
ATOM 912  H HD23 . LEU A 1 56 ? 1.767   11.343  -15.060 1.00 10.00 ? 56 LEU A HD23 1 
ATOM 913  N N    . GLN A 1 57 ? -0.885  8.662   -9.454  1.00 10.00 ? 57 GLN A N    1 
ATOM 914  C CA   . GLN A 1 57 ? -1.288  8.969   -8.089  1.00 10.00 ? 57 GLN A CA   1 
ATOM 915  C C    . GLN A 1 57 ? -0.906  7.822   -7.149  1.00 10.00 ? 57 GLN A C    1 
ATOM 916  O O    . GLN A 1 57 ? -0.446  8.096   -6.039  1.00 10.00 ? 57 GLN A O    1 
ATOM 917  C CB   . GLN A 1 57 ? -2.783  9.321   -8.042  1.00 10.00 ? 57 GLN A CB   1 
ATOM 918  C CG   . GLN A 1 57 ? -3.071  10.607  -8.839  1.00 10.00 ? 57 GLN A CG   1 
ATOM 919  C CD   . GLN A 1 57 ? -4.500  11.108  -8.637  1.00 10.00 ? 57 GLN A CD   1 
ATOM 920  O OE1  . GLN A 1 57 ? -4.751  12.003  -7.835  1.00 10.00 ? 57 GLN A OE1  1 
ATOM 921  N NE2  . GLN A 1 57 ? -5.471  10.541  -9.338  1.00 10.00 ? 57 GLN A NE2  1 
ATOM 922  H H    . GLN A 1 57 ? -1.567  8.235   -10.068 1.00 10.00 ? 57 GLN A H    1 
ATOM 923  H HA   . GLN A 1 57 ? -0.738  9.850   -7.756  1.00 10.00 ? 57 GLN A HA   1 
ATOM 924  H HB2  . GLN A 1 57 ? -3.376  8.500   -8.448  1.00 10.00 ? 57 GLN A HB2  1 
ATOM 925  H HB3  . GLN A 1 57 ? -3.068  9.486   -7.002  1.00 10.00 ? 57 GLN A HB3  1 
ATOM 926  H HG2  . GLN A 1 57 ? -2.381  11.389  -8.518  1.00 10.00 ? 57 GLN A HG2  1 
ATOM 927  H HG3  . GLN A 1 57 ? -2.900  10.427  -9.901  1.00 10.00 ? 57 GLN A HG3  1 
ATOM 928  H HE21 . GLN A 1 57 ? -5.243  9.831   -10.032 1.00 10.00 ? 57 GLN A HE21 1 
ATOM 929  H HE22 . GLN A 1 57 ? -6.417  10.879  -9.253  1.00 10.00 ? 57 GLN A HE22 1 
ATOM 930  N N    . SER A 1 58 ? -0.990  6.559   -7.585  1.00 10.00 ? 58 SER A N    1 
ATOM 931  C CA   . SER A 1 58 ? -0.418  5.454   -6.821  1.00 10.00 ? 58 SER A CA   1 
ATOM 932  C C    . SER A 1 58 ? 1.102   5.603   -6.739  1.00 10.00 ? 58 SER A C    1 
ATOM 933  O O    . SER A 1 58 ? 1.670   5.381   -5.672  1.00 10.00 ? 58 SER A O    1 
ATOM 934  C CB   . SER A 1 58 ? -0.798  4.107   -7.439  1.00 10.00 ? 58 SER A CB   1 
ATOM 935  O OG   . SER A 1 58 ? -0.694  4.170   -8.843  1.00 10.00 ? 58 SER A OG   1 
ATOM 936  H H    . SER A 1 58 ? -1.349  6.342   -8.509  1.00 10.00 ? 58 SER A H    1 
ATOM 937  H HA   . SER A 1 58 ? -0.820  5.484   -5.806  1.00 10.00 ? 58 SER A HA   1 
ATOM 938  H HB2  . SER A 1 58 ? -0.138  3.331   -7.055  1.00 10.00 ? 58 SER A HB2  1 
ATOM 939  H HB3  . SER A 1 58 ? -1.821  3.857   -7.168  1.00 10.00 ? 58 SER A HB3  1 
ATOM 940  H HG   . SER A 1 58 ? -0.448  3.283   -9.178  1.00 10.00 ? 58 SER A HG   1 
ATOM 941  N N    . ASN A 1 59 ? 1.766   6.027   -7.824  1.00 10.00 ? 59 ASN A N    1 
ATOM 942  C CA   . ASN A 1 59 ? 3.199   6.322   -7.802  1.00 10.00 ? 59 ASN A CA   1 
ATOM 943  C C    . ASN A 1 59 ? 3.522   7.398   -6.764  1.00 10.00 ? 59 ASN A C    1 
ATOM 944  O O    . ASN A 1 59 ? 4.440   7.215   -5.967  1.00 10.00 ? 59 ASN A O    1 
ATOM 945  C CB   . ASN A 1 59 ? 3.695   6.760   -9.186  1.00 10.00 ? 59 ASN A CB   1 
ATOM 946  C CG   . ASN A 1 59 ? 5.151   7.213   -9.121  1.00 10.00 ? 59 ASN A CG   1 
ATOM 947  O OD1  . ASN A 1 59 ? 6.057   6.402   -8.960  1.00 10.00 ? 59 ASN A OD1  1 
ATOM 948  N ND2  . ASN A 1 59 ? 5.408   8.507   -9.236  1.00 10.00 ? 59 ASN A ND2  1 
ATOM 949  H H    . ASN A 1 59 ? 1.267   6.098   -8.707  1.00 10.00 ? 59 ASN A H    1 
ATOM 950  H HA   . ASN A 1 59 ? 3.733   5.416   -7.516  1.00 10.00 ? 59 ASN A HA   1 
ATOM 951  H HB2  . ASN A 1 59 ? 3.607   5.931   -9.886  1.00 10.00 ? 59 ASN A HB2  1 
ATOM 952  H HB3  . ASN A 1 59 ? 3.078   7.573   -9.559  1.00 10.00 ? 59 ASN A HB3  1 
ATOM 953  H HD21 . ASN A 1 59 ? 4.662   9.175   -9.380  1.00 10.00 ? 59 ASN A HD21 1 
ATOM 954  H HD22 . ASN A 1 59 ? 6.362   8.836   -9.197  1.00 10.00 ? 59 ASN A HD22 1 
ATOM 955  N N    . ALA A 1 60 ? 2.760   8.497   -6.733  1.00 10.00 ? 60 ALA A N    1 
ATOM 956  C CA   . ALA A 1 60 ? 2.968   9.551   -5.748  1.00 10.00 ? 60 ALA A CA   1 
ATOM 957  C C    . ALA A 1 60 ? 2.827   8.996   -4.326  1.00 10.00 ? 60 ALA A C    1 
ATOM 958  O O    . ALA A 1 60 ? 3.684   9.250   -3.481  1.00 10.00 ? 60 ALA A O    1 
ATOM 959  C CB   . ALA A 1 60 ? 1.988   10.704  -5.994  1.00 10.00 ? 60 ALA A CB   1 
ATOM 960  H H    . ALA A 1 60 ? 2.036   8.625   -7.431  1.00 10.00 ? 60 ALA A H    1 
ATOM 961  H HA   . ALA A 1 60 ? 3.983   9.933   -5.866  1.00 10.00 ? 60 ALA A HA   1 
ATOM 962  H HB1  . ALA A 1 60 ? 2.120   11.095  -7.003  1.00 10.00 ? 60 ALA A HB1  1 
ATOM 963  H HB2  . ALA A 1 60 ? 0.960   10.364  -5.868  1.00 10.00 ? 60 ALA A HB2  1 
ATOM 964  H HB3  . ALA A 1 60 ? 2.185   11.503  -5.278  1.00 10.00 ? 60 ALA A HB3  1 
ATOM 965  N N    . ALA A 1 61 ? 1.782   8.202   -4.068  1.00 10.00 ? 61 ALA A N    1 
ATOM 966  C CA   . ALA A 1 61 ? 1.555   7.599   -2.762  1.00 10.00 ? 61 ALA A CA   1 
ATOM 967  C C    . ALA A 1 61 ? 2.679   6.628   -2.377  1.00 10.00 ? 61 ALA A C    1 
ATOM 968  O O    . ALA A 1 61 ? 3.119   6.624   -1.228  1.00 10.00 ? 61 ALA A O    1 
ATOM 969  C CB   . ALA A 1 61 ? 0.202   6.888   -2.760  1.00 10.00 ? 61 ALA A CB   1 
ATOM 970  H H    . ALA A 1 61 ? 1.097   8.035   -4.798  1.00 10.00 ? 61 ALA A H    1 
ATOM 971  H HA   . ALA A 1 61 ? 1.521   8.398   -2.019  1.00 10.00 ? 61 ALA A HA   1 
ATOM 972  H HB1  . ALA A 1 61 ? -0.581  7.586   -3.051  1.00 10.00 ? 61 ALA A HB1  1 
ATOM 973  H HB2  . ALA A 1 61 ? 0.211   6.042   -3.449  1.00 10.00 ? 61 ALA A HB2  1 
ATOM 974  H HB3  . ALA A 1 61 ? 0.006   6.528   -1.752  1.00 10.00 ? 61 ALA A HB3  1 
ATOM 975  N N    . LYS A 1 62 ? 3.165   5.822   -3.329  1.00 10.00 ? 62 LYS A N    1 
ATOM 976  C CA   . LYS A 1 62 ? 4.284   4.905   -3.133  1.00 10.00 ? 62 LYS A CA   1 
ATOM 977  C C    . LYS A 1 62 ? 5.501   5.692   -2.669  1.00 10.00 ? 62 LYS A C    1 
ATOM 978  O O    . LYS A 1 62 ? 6.050   5.390   -1.612  1.00 10.00 ? 62 LYS A O    1 
ATOM 979  C CB   . LYS A 1 62 ? 4.533   4.122   -4.437  1.00 10.00 ? 62 LYS A CB   1 
ATOM 980  C CG   . LYS A 1 62 ? 5.809   3.262   -4.438  1.00 10.00 ? 62 LYS A CG   1 
ATOM 981  C CD   . LYS A 1 62 ? 5.955   2.545   -5.789  1.00 10.00 ? 62 LYS A CD   1 
ATOM 982  C CE   . LYS A 1 62 ? 7.253   1.730   -5.900  1.00 10.00 ? 62 LYS A CE   1 
ATOM 983  N NZ   . LYS A 1 62 ? 8.465   2.574   -6.068  1.00 10.00 ? 62 LYS A NZ   1 
ATOM 984  H H    . LYS A 1 62 ? 2.735   5.852   -4.248  1.00 10.00 ? 62 LYS A H    1 
ATOM 985  H HA   . LYS A 1 62 ? 4.017   4.204   -2.345  1.00 10.00 ? 62 LYS A HA   1 
ATOM 986  H HB2  . LYS A 1 62 ? 3.672   3.478   -4.624  1.00 10.00 ? 62 LYS A HB2  1 
ATOM 987  H HB3  . LYS A 1 62 ? 4.608   4.823   -5.266  1.00 10.00 ? 62 LYS A HB3  1 
ATOM 988  H HG2  . LYS A 1 62 ? 6.679   3.898   -4.276  1.00 10.00 ? 62 LYS A HG2  1 
ATOM 989  H HG3  . LYS A 1 62 ? 5.753   2.525   -3.639  1.00 10.00 ? 62 LYS A HG3  1 
ATOM 990  H HD2  . LYS A 1 62 ? 5.110   1.863   -5.915  1.00 10.00 ? 62 LYS A HD2  1 
ATOM 991  H HD3  . LYS A 1 62 ? 5.918   3.275   -6.598  1.00 10.00 ? 62 LYS A HD3  1 
ATOM 992  H HE2  . LYS A 1 62 ? 7.361   1.099   -5.015  1.00 10.00 ? 62 LYS A HE2  1 
ATOM 993  H HE3  . LYS A 1 62 ? 7.168   1.074   -6.769  1.00 10.00 ? 62 LYS A HE3  1 
ATOM 994  H HZ1  . LYS A 1 62 ? 8.390   3.172   -6.878  1.00 10.00 ? 62 LYS A HZ1  1 
ATOM 995  H HZ2  . LYS A 1 62 ? 8.637   3.166   -5.268  1.00 10.00 ? 62 LYS A HZ2  1 
ATOM 996  H HZ3  . LYS A 1 62 ? 9.278   1.969   -6.213  1.00 10.00 ? 62 LYS A HZ3  1 
ATOM 997  N N    . GLU A 1 63 ? 5.903   6.722   -3.411  1.00 10.00 ? 63 GLU A N    1 
ATOM 998  C CA   . GLU A 1 63 ? 7.083   7.503   -3.060  1.00 10.00 ? 63 GLU A CA   1 
ATOM 999  C C    . GLU A 1 63 ? 6.889   8.212   -1.710  1.00 10.00 ? 63 GLU A C    1 
ATOM 1000 O O    . GLU A 1 63 ? 7.851   8.365   -0.955  1.00 10.00 ? 63 GLU A O    1 
ATOM 1001 C CB   . GLU A 1 63 ? 7.410   8.507   -4.179  1.00 10.00 ? 63 GLU A CB   1 
ATOM 1002 C CG   . GLU A 1 63 ? 7.817   7.845   -5.508  1.00 10.00 ? 63 GLU A CG   1 
ATOM 1003 C CD   . GLU A 1 63 ? 9.050   6.931   -5.382  1.00 10.00 ? 63 GLU A CD   1 
ATOM 1004 O OE1  . GLU A 1 63 ? 10.179  7.451   -5.223  1.00 10.00 ? 63 GLU A OE1  1 
ATOM 1005 O OE2  . GLU A 1 63 ? 8.902   5.690   -5.467  1.00 10.00 ? 63 GLU A OE2  1 
ATOM 1006 H H    . GLU A 1 63 ? 5.408   6.948   -4.269  1.00 10.00 ? 63 GLU A H    1 
ATOM 1007 H HA   . GLU A 1 63 ? 7.924   6.816   -2.946  1.00 10.00 ? 63 GLU A HA   1 
ATOM 1008 H HB2  . GLU A 1 63 ? 6.540   9.141   -4.354  1.00 10.00 ? 63 GLU A HB2  1 
ATOM 1009 H HB3  . GLU A 1 63 ? 8.227   9.148   -3.847  1.00 10.00 ? 63 GLU A HB3  1 
ATOM 1010 H HG2  . GLU A 1 63 ? 6.980   7.266   -5.897  1.00 10.00 ? 63 GLU A HG2  1 
ATOM 1011 H HG3  . GLU A 1 63 ? 8.025   8.634   -6.234  1.00 10.00 ? 63 GLU A HG3  1 
ATOM 1012 N N    . ALA A 1 64 ? 5.655   8.614   -1.381  1.00 10.00 ? 64 ALA A N    1 
ATOM 1013 C CA   . ALA A 1 64 ? 5.339   9.295   -0.132  1.00 10.00 ? 64 ALA A CA   1 
ATOM 1014 C C    . ALA A 1 64 ? 5.379   8.370   1.094   1.00 10.00 ? 64 ALA A C    1 
ATOM 1015 O O    . ALA A 1 64 ? 5.638   8.867   2.191   1.00 10.00 ? 64 ALA A O    1 
ATOM 1016 C CB   . ALA A 1 64 ? 3.958   9.946   -0.245  1.00 10.00 ? 64 ALA A CB   1 
ATOM 1017 H H    . ALA A 1 64 ? 4.907   8.504   -2.059  1.00 10.00 ? 64 ALA A H    1 
ATOM 1018 H HA   . ALA A 1 64 ? 6.074   10.089  0.017   1.00 10.00 ? 64 ALA A HA   1 
ATOM 1019 H HB1  . ALA A 1 64 ? 3.940   10.645  -1.081  1.00 10.00 ? 64 ALA A HB1  1 
ATOM 1020 H HB2  . ALA A 1 64 ? 3.197   9.181   -0.394  1.00 10.00 ? 64 ALA A HB2  1 
ATOM 1021 H HB3  . ALA A 1 64 ? 3.739   10.492  0.673   1.00 10.00 ? 64 ALA A HB3  1 
ATOM 1022 N N    . LEU A 1 65 ? 5.118   7.061   0.947   1.00 10.00 ? 65 LEU A N    1 
ATOM 1023 C CA   . LEU A 1 65 ? 4.875   6.165   2.087   1.00 10.00 ? 65 LEU A CA   1 
ATOM 1024 C C    . LEU A 1 65 ? 5.815   4.958   2.146   1.00 10.00 ? 65 LEU A C    1 
ATOM 1025 O O    . LEU A 1 65 ? 5.800   4.264   3.163   1.00 10.00 ? 65 LEU A O    1 
ATOM 1026 C CB   . LEU A 1 65 ? 3.401   5.707   2.132   1.00 10.00 ? 65 LEU A CB   1 
ATOM 1027 C CG   . LEU A 1 65 ? 2.366   6.780   2.523   1.00 10.00 ? 65 LEU A CG   1 
ATOM 1028 C CD1  . LEU A 1 65 ? 0.970   6.143   2.557   1.00 10.00 ? 65 LEU A CD1  1 
ATOM 1029 C CD2  . LEU A 1 65 ? 2.634   7.411   3.897   1.00 10.00 ? 65 LEU A CD2  1 
ATOM 1030 H H    . LEU A 1 65 ? 4.885   6.715   0.021   1.00 10.00 ? 65 LEU A H    1 
ATOM 1031 H HA   . LEU A 1 65 ? 5.074   6.709   3.008   1.00 10.00 ? 65 LEU A HA   1 
ATOM 1032 H HB2  . LEU A 1 65 ? 3.132   5.297   1.158   1.00 10.00 ? 65 LEU A HB2  1 
ATOM 1033 H HB3  . LEU A 1 65 ? 3.319   4.896   2.858   1.00 10.00 ? 65 LEU A HB3  1 
ATOM 1034 H HG   . LEU A 1 65 ? 2.366   7.570   1.771   1.00 10.00 ? 65 LEU A HG   1 
ATOM 1035 H HD11 . LEU A 1 65 ? 0.722   5.753   1.570   1.00 10.00 ? 65 LEU A HD11 1 
ATOM 1036 H HD12 . LEU A 1 65 ? 0.944   5.323   3.274   1.00 10.00 ? 65 LEU A HD12 1 
ATOM 1037 H HD13 . LEU A 1 65 ? 0.221   6.883   2.839   1.00 10.00 ? 65 LEU A HD13 1 
ATOM 1038 H HD21 . LEU A 1 65 ? 2.707   6.637   4.661   1.00 10.00 ? 65 LEU A HD21 1 
ATOM 1039 H HD22 . LEU A 1 65 ? 3.557   7.989   3.876   1.00 10.00 ? 65 LEU A HD22 1 
ATOM 1040 H HD23 . LEU A 1 65 ? 1.822   8.092   4.157   1.00 10.00 ? 65 LEU A HD23 1 
ATOM 1041 N N    . GLN A 1 66 ? 6.656   4.697   1.137   1.00 10.00 ? 66 GLN A N    1 
ATOM 1042 C CA   . GLN A 1 66 ? 7.721   3.703   1.274   1.00 10.00 ? 66 GLN A CA   1 
ATOM 1043 C C    . GLN A 1 66 ? 8.570   4.071   2.499   1.00 10.00 ? 66 GLN A C    1 
ATOM 1044 O O    . GLN A 1 66 ? 9.123   5.172   2.572   1.00 10.00 ? 66 GLN A O    1 
ATOM 1045 C CB   . GLN A 1 66 ? 8.599   3.620   0.011   1.00 10.00 ? 66 GLN A CB   1 
ATOM 1046 C CG   . GLN A 1 66 ? 8.032   2.696   -1.081  1.00 10.00 ? 66 GLN A CG   1 
ATOM 1047 C CD   . GLN A 1 66 ? 8.991   2.521   -2.267  1.00 10.00 ? 66 GLN A CD   1 
ATOM 1048 O OE1  . GLN A 1 66 ? 9.757   3.415   -2.617  1.00 10.00 ? 66 GLN A OE1  1 
ATOM 1049 N NE2  . GLN A 1 66 ? 8.993   1.369   -2.921  1.00 10.00 ? 66 GLN A NE2  1 
ATOM 1050 H H    . GLN A 1 66 ? 6.614   5.246   0.285   1.00 10.00 ? 66 GLN A H    1 
ATOM 1051 H HA   . GLN A 1 66 ? 7.264   2.728   1.451   1.00 10.00 ? 66 GLN A HA   1 
ATOM 1052 H HB2  . GLN A 1 66 ? 8.755   4.622   -0.393  1.00 10.00 ? 66 GLN A HB2  1 
ATOM 1053 H HB3  . GLN A 1 66 ? 9.573   3.219   0.298   1.00 10.00 ? 66 GLN A HB3  1 
ATOM 1054 H HG2  . GLN A 1 66 ? 7.840   1.719   -0.637  1.00 10.00 ? 66 GLN A HG2  1 
ATOM 1055 H HG3  . GLN A 1 66 ? 7.087   3.092   -1.447  1.00 10.00 ? 66 GLN A HG3  1 
ATOM 1056 H HE21 . GLN A 1 66 ? 8.357   0.610   -2.675  1.00 10.00 ? 66 GLN A HE21 1 
ATOM 1057 H HE22 . GLN A 1 66 ? 9.704   1.190   -3.615  1.00 10.00 ? 66 GLN A HE22 1 
ATOM 1058 N N    . GLY A 1 67 ? 8.656   3.152   3.462   1.00 10.00 ? 67 GLY A N    1 
ATOM 1059 C CA   . GLY A 1 67 ? 9.436   3.302   4.683   1.00 10.00 ? 67 GLY A CA   1 
ATOM 1060 C C    . GLY A 1 67 ? 8.619   3.814   5.872   1.00 10.00 ? 67 GLY A C    1 
ATOM 1061 O O    . GLY A 1 67 ? 9.144   3.841   6.986   1.00 10.00 ? 67 GLY A O    1 
ATOM 1062 H H    . GLY A 1 67 ? 8.127   2.289   3.361   1.00 10.00 ? 67 GLY A H    1 
ATOM 1063 H HA2  . GLY A 1 67 ? 9.860   2.330   4.934   1.00 10.00 ? 67 GLY A HA2  1 
ATOM 1064 H HA3  . GLY A 1 67 ? 10.262  3.992   4.505   1.00 10.00 ? 67 GLY A HA3  1 
ATOM 1065 N N    . PHE A 1 68 ? 7.359   4.224   5.677   1.00 10.00 ? 68 PHE A N    1 
ATOM 1066 C CA   . PHE A 1 68 ? 6.534   4.800   6.737   1.00 10.00 ? 68 PHE A CA   1 
ATOM 1067 C C    . PHE A 1 68 ? 6.257   3.750   7.816   1.00 10.00 ? 68 PHE A C    1 
ATOM 1068 O O    . PHE A 1 68 ? 5.696   2.695   7.514   1.00 10.00 ? 68 PHE A O    1 
ATOM 1069 C CB   . PHE A 1 68 ? 5.224   5.333   6.141   1.00 10.00 ? 68 PHE A CB   1 
ATOM 1070 C CG   . PHE A 1 68 ? 4.306   5.967   7.169   1.00 10.00 ? 68 PHE A CG   1 
ATOM 1071 C CD1  . PHE A 1 68 ? 4.569   7.270   7.638   1.00 10.00 ? 68 PHE A CD1  1 
ATOM 1072 C CD2  . PHE A 1 68 ? 3.206   5.249   7.678   1.00 10.00 ? 68 PHE A CD2  1 
ATOM 1073 C CE1  . PHE A 1 68 ? 3.734   7.852   8.609   1.00 10.00 ? 68 PHE A CE1  1 
ATOM 1074 C CE2  . PHE A 1 68 ? 2.372   5.833   8.647   1.00 10.00 ? 68 PHE A CE2  1 
ATOM 1075 C CZ   . PHE A 1 68 ? 2.634   7.135   9.113   1.00 10.00 ? 68 PHE A CZ   1 
ATOM 1076 H H    . PHE A 1 68 ? 6.943   4.141   4.753   1.00 10.00 ? 68 PHE A H    1 
ATOM 1077 H HA   . PHE A 1 68 ? 7.077   5.636   7.180   1.00 10.00 ? 68 PHE A HA   1 
ATOM 1078 H HB2  . PHE A 1 68 ? 5.460   6.080   5.382   1.00 10.00 ? 68 PHE A HB2  1 
ATOM 1079 H HB3  . PHE A 1 68 ? 4.694   4.516   5.649   1.00 10.00 ? 68 PHE A HB3  1 
ATOM 1080 H HD1  . PHE A 1 68 ? 5.414   7.826   7.255   1.00 10.00 ? 68 PHE A HD1  1 
ATOM 1081 H HD2  . PHE A 1 68 ? 3.004   4.244   7.333   1.00 10.00 ? 68 PHE A HD2  1 
ATOM 1082 H HE1  . PHE A 1 68 ? 3.940   8.851   8.969   1.00 10.00 ? 68 PHE A HE1  1 
ATOM 1083 H HE2  . PHE A 1 68 ? 1.532   5.280   9.042   1.00 10.00 ? 68 PHE A HE2  1 
ATOM 1084 H HZ   . PHE A 1 68 ? 1.994   7.581   9.863   1.00 10.00 ? 68 PHE A HZ   1 
ATOM 1085 N N    . LYS A 1 69 ? 6.635   4.016   9.070   1.00 10.00 ? 69 LYS A N    1 
ATOM 1086 C CA   . LYS A 1 69 ? 6.295   3.149   10.198  1.00 10.00 ? 69 LYS A CA   1 
ATOM 1087 C C    . LYS A 1 69 ? 4.787   3.219   10.428  1.00 10.00 ? 69 LYS A C    1 
ATOM 1088 O O    . LYS A 1 69 ? 4.296   4.226   10.940  1.00 10.00 ? 69 LYS A O    1 
ATOM 1089 C CB   . LYS A 1 69 ? 7.064   3.564   11.470  1.00 10.00 ? 69 LYS A CB   1 
ATOM 1090 C CG   . LYS A 1 69 ? 8.359   2.774   11.699  1.00 10.00 ? 69 LYS A CG   1 
ATOM 1091 C CD   . LYS A 1 69 ? 9.499   3.094   10.722  1.00 10.00 ? 69 LYS A CD   1 
ATOM 1092 C CE   . LYS A 1 69 ? 10.729  2.199   10.962  1.00 10.00 ? 69 LYS A CE   1 
ATOM 1093 N NZ   . LYS A 1 69 ? 11.283  2.299   12.337  1.00 10.00 ? 69 LYS A NZ   1 
ATOM 1094 H H    . LYS A 1 69 ? 7.074   4.903   9.270   1.00 10.00 ? 69 LYS A H    1 
ATOM 1095 H HA   . LYS A 1 69 ? 6.555   2.120   9.951   1.00 10.00 ? 69 LYS A HA   1 
ATOM 1096 H HB2  . LYS A 1 69 ? 7.273   4.635   11.461  1.00 10.00 ? 69 LYS A HB2  1 
ATOM 1097 H HB3  . LYS A 1 69 ? 6.428   3.370   12.335  1.00 10.00 ? 69 LYS A HB3  1 
ATOM 1098 H HG2  . LYS A 1 69 ? 8.699   3.011   12.706  1.00 10.00 ? 69 LYS A HG2  1 
ATOM 1099 H HG3  . LYS A 1 69 ? 8.140   1.707   11.652  1.00 10.00 ? 69 LYS A HG3  1 
ATOM 1100 H HD2  . LYS A 1 69 ? 9.155   2.933   9.700   1.00 10.00 ? 69 LYS A HD2  1 
ATOM 1101 H HD3  . LYS A 1 69 ? 9.782   4.143   10.825  1.00 10.00 ? 69 LYS A HD3  1 
ATOM 1102 H HE2  . LYS A 1 69 ? 10.454  1.161   10.762  1.00 10.00 ? 69 LYS A HE2  1 
ATOM 1103 H HE3  . LYS A 1 69 ? 11.502  2.483   10.243  1.00 10.00 ? 69 LYS A HE3  1 
ATOM 1104 H HZ1  . LYS A 1 69 ? 11.493  3.255   12.584  1.00 10.00 ? 69 LYS A HZ1  1 
ATOM 1105 H HZ2  . LYS A 1 69 ? 10.640  1.913   13.025  1.00 10.00 ? 69 LYS A HZ2  1 
ATOM 1106 H HZ3  . LYS A 1 69 ? 12.142  1.773   12.412  1.00 10.00 ? 69 LYS A HZ3  1 
ATOM 1107 N N    . ILE A 1 70 ? 4.055   2.159   10.077  1.00 10.00 ? 70 ILE A N    1 
ATOM 1108 C CA   . ILE A 1 70 ? 2.645   2.026   10.453  1.00 10.00 ? 70 ILE A CA   1 
ATOM 1109 C C    . ILE A 1 70 ? 2.587   1.868   11.980  1.00 10.00 ? 70 ILE A C    1 
ATOM 1110 O O    . ILE A 1 70 ? 1.798   2.540   12.645  1.00 10.00 ? 70 ILE A O    1 
ATOM 1111 C CB   . ILE A 1 70 ? 1.984   0.846   9.706   1.00 10.00 ? 70 ILE A CB   1 
ATOM 1112 C CG1  . ILE A 1 70 ? 2.109   1.025   8.175   1.00 10.00 ? 70 ILE A CG1  1 
ATOM 1113 C CG2  . ILE A 1 70 ? 0.497   0.713   10.095  1.00 10.00 ? 70 ILE A CG2  1 
ATOM 1114 C CD1  . ILE A 1 70 ? 1.679   -0.207  7.375   1.00 10.00 ? 70 ILE A CD1  1 
ATOM 1115 H H    . ILE A 1 70 ? 4.516   1.371   9.629   1.00 10.00 ? 70 ILE A H    1 
ATOM 1116 H HA   . ILE A 1 70 ? 2.124   2.945   10.179  1.00 10.00 ? 70 ILE A HA   1 
ATOM 1117 H HB   . ILE A 1 70 ? 2.504   -0.069  9.994   1.00 10.00 ? 70 ILE A HB   1 
ATOM 1118 H HG12 . ILE A 1 70 ? 1.515   1.883   7.858   1.00 10.00 ? 70 ILE A HG12 1 
ATOM 1119 H HG13 . ILE A 1 70 ? 3.148   1.221   7.912   1.00 10.00 ? 70 ILE A HG13 1 
ATOM 1120 H HG21 . ILE A 1 70 ? 0.389   0.596   11.173  1.00 10.00 ? 70 ILE A HG21 1 
ATOM 1121 H HG22 . ILE A 1 70 ? -0.056  1.599   9.779   1.00 10.00 ? 70 ILE A HG22 1 
ATOM 1122 H HG23 . ILE A 1 70 ? 0.052   -0.168  9.631   1.00 10.00 ? 70 ILE A HG23 1 
ATOM 1123 H HD11 . ILE A 1 70 ? 2.258   -1.073  7.689   1.00 10.00 ? 70 ILE A HD11 1 
ATOM 1124 H HD12 . ILE A 1 70 ? 0.615   -0.405  7.499   1.00 10.00 ? 70 ILE A HD12 1 
ATOM 1125 H HD13 . ILE A 1 70 ? 1.876   -0.025  6.323   1.00 10.00 ? 70 ILE A HD13 1 
ATOM 1126 N N    . THR A 1 71 ? 3.490   1.056   12.534  1.00 10.00 ? 71 THR A N    1 
ATOM 1127 C CA   . THR A 1 71 ? 3.858   1.034   13.944  1.00 10.00 ? 71 THR A CA   1 
ATOM 1128 C C    . THR A 1 71 ? 5.400   1.020   13.987  1.00 10.00 ? 71 THR A C    1 
ATOM 1129 O O    . THR A 1 71 ? 6.016   0.792   12.937  1.00 10.00 ? 71 THR A O    1 
ATOM 1130 C CB   . THR A 1 71 ? 3.182   -0.153  14.668  1.00 10.00 ? 71 THR A CB   1 
ATOM 1131 O OG1  . THR A 1 71 ? 3.547   -1.396  14.102  1.00 10.00 ? 71 THR A OG1  1 
ATOM 1132 C CG2  . THR A 1 71 ? 1.652   -0.062  14.636  1.00 10.00 ? 71 THR A CG2  1 
ATOM 1133 H H    . THR A 1 71 ? 4.130   0.551   11.936  1.00 10.00 ? 71 THR A H    1 
ATOM 1134 H HA   . THR A 1 71 ? 3.518   1.959   14.411  1.00 10.00 ? 71 THR A HA   1 
ATOM 1135 H HB   . THR A 1 71 ? 3.490   -0.151  15.712  1.00 10.00 ? 71 THR A HB   1 
ATOM 1136 H HG1  . THR A 1 71 ? 3.057   -2.077  14.588  1.00 10.00 ? 71 THR A HG1  1 
ATOM 1137 H HG21 . THR A 1 71 ? 1.332   0.907   15.020  1.00 10.00 ? 71 THR A HG21 1 
ATOM 1138 H HG22 . THR A 1 71 ? 1.281   -0.187  13.619  1.00 10.00 ? 71 THR A HG22 1 
ATOM 1139 H HG23 . THR A 1 71 ? 1.224   -0.842  15.268  1.00 10.00 ? 71 THR A HG23 1 
ATOM 1140 N N    . PRO A 1 72 ? 6.050   1.303   15.135  1.00 10.00 ? 72 PRO A N    1 
ATOM 1141 C CA   . PRO A 1 72 ? 7.489   1.579   15.216  1.00 10.00 ? 72 PRO A CA   1 
ATOM 1142 C C    . PRO A 1 72 ? 8.422   0.558   14.550  1.00 10.00 ? 72 PRO A C    1 
ATOM 1143 O O    . PRO A 1 72 ? 9.528   0.920   14.142  1.00 10.00 ? 72 PRO A O    1 
ATOM 1144 C CB   . PRO A 1 72 ? 7.796   1.703   16.711  1.00 10.00 ? 72 PRO A CB   1 
ATOM 1145 C CG   . PRO A 1 72 ? 6.493   2.252   17.282  1.00 10.00 ? 72 PRO A CG   1 
ATOM 1146 C CD   . PRO A 1 72 ? 5.432   1.556   16.433  1.00 10.00 ? 72 PRO A CD   1 
ATOM 1147 H HA   . PRO A 1 72 ? 7.658   2.551   14.752  1.00 10.00 ? 72 PRO A HA   1 
ATOM 1148 H HB2  . PRO A 1 72 ? 7.991   0.717   17.137  1.00 10.00 ? 72 PRO A HB2  1 
ATOM 1149 H HB3  . PRO A 1 72 ? 8.635   2.374   16.897  1.00 10.00 ? 72 PRO A HB3  1 
ATOM 1150 H HG2  . PRO A 1 72 ? 6.382   2.018   18.341  1.00 10.00 ? 72 PRO A HG2  1 
ATOM 1151 H HG3  . PRO A 1 72 ? 6.446   3.329   17.119  1.00 10.00 ? 72 PRO A HG3  1 
ATOM 1152 H HD2  . PRO A 1 72 ? 5.169   0.606   16.898  1.00 10.00 ? 72 PRO A HD2  1 
ATOM 1153 H HD3  . PRO A 1 72 ? 4.551   2.194   16.351  1.00 10.00 ? 72 PRO A HD3  1 
ATOM 1154 N N    . THR A 1 73 ? 7.990   -0.694  14.413  1.00 10.00 ? 73 THR A N    1 
ATOM 1155 C CA   . THR A 1 73 ? 8.793   -1.812  13.932  1.00 10.00 ? 73 THR A CA   1 
ATOM 1156 C C    . THR A 1 73 ? 8.357   -2.281  12.531  1.00 10.00 ? 73 THR A C    1 
ATOM 1157 O O    . THR A 1 73 ? 8.879   -3.282  12.034  1.00 10.00 ? 73 THR A O    1 
ATOM 1158 C CB   . THR A 1 73 ? 8.713   -2.925  14.998  1.00 10.00 ? 73 THR A CB   1 
ATOM 1159 O OG1  . THR A 1 73 ? 7.382   -3.067  15.475  1.00 10.00 ? 73 THR A OG1  1 
ATOM 1160 C CG2  . THR A 1 73 ? 9.605   -2.586  16.200  1.00 10.00 ? 73 THR A CG2  1 
ATOM 1161 H H    . THR A 1 73 ? 7.096   -0.956  14.805  1.00 10.00 ? 73 THR A H    1 
ATOM 1162 H HA   . THR A 1 73 ? 9.834   -1.496  13.845  1.00 10.00 ? 73 THR A HA   1 
ATOM 1163 H HB   . THR A 1 73 ? 9.054   -3.869  14.570  1.00 10.00 ? 73 THR A HB   1 
ATOM 1164 H HG1  . THR A 1 73 ? 7.339   -3.881  16.001  1.00 10.00 ? 73 THR A HG1  1 
ATOM 1165 H HG21 . THR A 1 73 ? 10.636  -2.458  15.869  1.00 10.00 ? 73 THR A HG21 1 
ATOM 1166 H HG22 . THR A 1 73 ? 9.268   -1.666  16.680  1.00 10.00 ? 73 THR A HG22 1 
ATOM 1167 H HG23 . THR A 1 73 ? 9.574   -3.401  16.924  1.00 10.00 ? 73 THR A HG23 1 
ATOM 1168 N N    . HIS A 1 74 ? 7.438   -1.566  11.867  1.00 10.00 ? 74 HIS A N    1 
ATOM 1169 C CA   . HIS A 1 74 ? 6.806   -1.995  10.620  1.00 10.00 ? 74 HIS A CA   1 
ATOM 1170 C C    . HIS A 1 74 ? 6.817   -0.850  9.612   1.00 10.00 ? 74 HIS A C    1 
ATOM 1171 O O    . HIS A 1 74 ? 5.797   -0.198  9.363   1.00 10.00 ? 74 HIS A O    1 
ATOM 1172 C CB   . HIS A 1 74 ? 5.399   -2.534  10.891  1.00 10.00 ? 74 HIS A CB   1 
ATOM 1173 C CG   . HIS A 1 74 ? 5.390   -3.721  11.818  1.00 10.00 ? 74 HIS A CG   1 
ATOM 1174 N ND1  . HIS A 1 74 ? 5.077   -3.693  13.154  1.00 10.00 ? 74 HIS A ND1  1 
ATOM 1175 C CD2  . HIS A 1 74 ? 5.725   -5.011  11.505  1.00 10.00 ? 74 HIS A CD2  1 
ATOM 1176 C CE1  . HIS A 1 74 ? 5.222   -4.935  13.643  1.00 10.00 ? 74 HIS A CE1  1 
ATOM 1177 N NE2  . HIS A 1 74 ? 5.612   -5.784  12.671  1.00 10.00 ? 74 HIS A NE2  1 
ATOM 1178 H H    . HIS A 1 74 ? 7.065   -0.725  12.299  1.00 10.00 ? 74 HIS A H    1 
ATOM 1179 H HA   . HIS A 1 74 ? 7.380   -2.814  10.184  1.00 10.00 ? 74 HIS A HA   1 
ATOM 1180 H HB2  . HIS A 1 74 ? 4.786   -1.740  11.318  1.00 10.00 ? 74 HIS A HB2  1 
ATOM 1181 H HB3  . HIS A 1 74 ? 4.962   -2.836  9.942   1.00 10.00 ? 74 HIS A HB3  1 
ATOM 1182 H HD1  . HIS A 1 74 ? 4.787   -2.869  13.678  1.00 10.00 ? 74 HIS A HD1  1 
ATOM 1183 H HD2  . HIS A 1 74 ? 6.030   -5.367  10.528  1.00 10.00 ? 74 HIS A HD2  1 
ATOM 1184 H HE1  . HIS A 1 74 ? 5.048   -5.210  14.677  1.00 10.00 ? 74 HIS A HE1  1 
ATOM 1185 N N    . ALA A 1 75 ? 8.006   -0.582  9.068   1.00 10.00 ? 75 ALA A N    1 
ATOM 1186 C CA   . ALA A 1 75 ? 8.182   0.257   7.892   1.00 10.00 ? 75 ALA A CA   1 
ATOM 1187 C C    . ALA A 1 75 ? 7.442   -0.381  6.711   1.00 10.00 ? 75 ALA A C    1 
ATOM 1188 O O    . ALA A 1 75 ? 7.813   -1.470  6.269   1.00 10.00 ? 75 ALA A O    1 
ATOM 1189 C CB   . ALA A 1 75 ? 9.679   0.399   7.590   1.00 10.00 ? 75 ALA A CB   1 
ATOM 1190 H H    . ALA A 1 75 ? 8.798   -1.133  9.363   1.00 10.00 ? 75 ALA A H    1 
ATOM 1191 H HA   . ALA A 1 75 ? 7.771   1.247   8.094   1.00 10.00 ? 75 ALA A HA   1 
ATOM 1192 H HB1  . ALA A 1 75 ? 10.183  0.897   8.416   1.00 10.00 ? 75 ALA A HB1  1 
ATOM 1193 H HB2  . ALA A 1 75 ? 10.129  -0.582  7.428   1.00 10.00 ? 75 ALA A HB2  1 
ATOM 1194 H HB3  . ALA A 1 75 ? 9.813   0.994   6.689   1.00 10.00 ? 75 ALA A HB3  1 
ATOM 1195 N N    . MET A 1 76 ? 6.407   0.291   6.210   1.00 10.00 ? 76 MET A N    1 
ATOM 1196 C CA   . MET A 1 76 ? 5.621   -0.116  5.054   1.00 10.00 ? 76 MET A CA   1 
ATOM 1197 C C    . MET A 1 76 ? 6.538   -0.243  3.835   1.00 10.00 ? 76 MET A C    1 
ATOM 1198 O O    . MET A 1 76 ? 7.100   0.760   3.387   1.00 10.00 ? 76 MET A O    1 
ATOM 1199 C CB   . MET A 1 76 ? 4.534   0.950   4.822   1.00 10.00 ? 76 MET A CB   1 
ATOM 1200 C CG   . MET A 1 76 ? 3.517   0.561   3.745   1.00 10.00 ? 76 MET A CG   1 
ATOM 1201 S SD   . MET A 1 76 ? 2.444   1.913   3.181   1.00 10.00 ? 76 MET A SD   1 
ATOM 1202 C CE   . MET A 1 76 ? 1.575   2.395   4.696   1.00 10.00 ? 76 MET A CE   1 
ATOM 1203 H H    . MET A 1 76 ? 6.141   1.162   6.656   1.00 10.00 ? 76 MET A H    1 
ATOM 1204 H HA   . MET A 1 76 ? 5.150   -1.076  5.267   1.00 10.00 ? 76 MET A HA   1 
ATOM 1205 H HB2  . MET A 1 76 ? 3.999   1.117   5.755   1.00 10.00 ? 76 MET A HB2  1 
ATOM 1206 H HB3  . MET A 1 76 ? 5.009   1.890   4.537   1.00 10.00 ? 76 MET A HB3  1 
ATOM 1207 H HG2  . MET A 1 76 ? 4.055   0.187   2.874   1.00 10.00 ? 76 MET A HG2  1 
ATOM 1208 H HG3  . MET A 1 76 ? 2.892   -0.245  4.123   1.00 10.00 ? 76 MET A HG3  1 
ATOM 1209 H HE1  . MET A 1 76 ? 0.974   1.563   5.057   1.00 10.00 ? 76 MET A HE1  1 
ATOM 1210 H HE2  . MET A 1 76 ? 2.293   2.695   5.460   1.00 10.00 ? 76 MET A HE2  1 
ATOM 1211 H HE3  . MET A 1 76 ? 0.916   3.237   4.480   1.00 10.00 ? 76 MET A HE3  1 
ATOM 1212 N N    . LYS A 1 77 ? 6.679   -1.445  3.272   1.00 10.00 ? 77 LYS A N    1 
ATOM 1213 C CA   . LYS A 1 77 ? 7.206   -1.592  1.917   1.00 10.00 ? 77 LYS A CA   1 
ATOM 1214 C C    . LYS A 1 77 ? 6.030   -1.516  0.952   1.00 10.00 ? 77 LYS A C    1 
ATOM 1215 O O    . LYS A 1 77 ? 4.911   -1.905  1.298   1.00 10.00 ? 77 LYS A O    1 
ATOM 1216 C CB   . LYS A 1 77 ? 7.958   -2.918  1.758   1.00 10.00 ? 77 LYS A CB   1 
ATOM 1217 C CG   . LYS A 1 77 ? 9.418   -2.828  2.231   1.00 10.00 ? 77 LYS A CG   1 
ATOM 1218 C CD   . LYS A 1 77 ? 10.248  -4.021  1.729   1.00 10.00 ? 77 LYS A CD   1 
ATOM 1219 C CE   . LYS A 1 77 ? 9.812   -5.350  2.365   1.00 10.00 ? 77 LYS A CE   1 
ATOM 1220 N NZ   . LYS A 1 77 ? 10.370  -6.519  1.642   1.00 10.00 ? 77 LYS A NZ   1 
ATOM 1221 H H    . LYS A 1 77 ? 6.175   -2.239  3.657   1.00 10.00 ? 77 LYS A H    1 
ATOM 1222 H HA   . LYS A 1 77 ? 7.886   -0.767  1.694   1.00 10.00 ? 77 LYS A HA   1 
ATOM 1223 H HB2  . LYS A 1 77 ? 7.441   -3.692  2.320   1.00 10.00 ? 77 LYS A HB2  1 
ATOM 1224 H HB3  . LYS A 1 77 ? 7.954   -3.194  0.702   1.00 10.00 ? 77 LYS A HB3  1 
ATOM 1225 H HG2  . LYS A 1 77 ? 9.865   -1.918  1.829   1.00 10.00 ? 77 LYS A HG2  1 
ATOM 1226 H HG3  . LYS A 1 77 ? 9.452   -2.778  3.320   1.00 10.00 ? 77 LYS A HG3  1 
ATOM 1227 H HD2  . LYS A 1 77 ? 10.152  -4.080  0.643   1.00 10.00 ? 77 LYS A HD2  1 
ATOM 1228 H HD3  . LYS A 1 77 ? 11.298  -3.841  1.966   1.00 10.00 ? 77 LYS A HD3  1 
ATOM 1229 H HE2  . LYS A 1 77 ? 10.146  -5.363  3.405   1.00 10.00 ? 77 LYS A HE2  1 
ATOM 1230 H HE3  . LYS A 1 77 ? 8.722   -5.413  2.354   1.00 10.00 ? 77 LYS A HE3  1 
ATOM 1231 H HZ1  . LYS A 1 77 ? 9.955   -6.597  0.716   1.00 10.00 ? 77 LYS A HZ1  1 
ATOM 1232 H HZ2  . LYS A 1 77 ? 11.372  -6.453  1.545   1.00 10.00 ? 77 LYS A HZ2  1 
ATOM 1233 H HZ3  . LYS A 1 77 ? 10.164  -7.378  2.133   1.00 10.00 ? 77 LYS A HZ3  1 
ATOM 1234 N N    . ILE A 1 78 ? 6.291   -1.035  -0.261  1.00 10.00 ? 78 ILE A N    1 
ATOM 1235 C CA   . ILE A 1 78 ? 5.293   -0.805  -1.296  1.00 10.00 ? 78 ILE A CA   1 
ATOM 1236 C C    . ILE A 1 78 ? 5.975   -1.154  -2.618  1.00 10.00 ? 78 ILE A C    1 
ATOM 1237 O O    . ILE A 1 78 ? 7.142   -0.808  -2.822  1.00 10.00 ? 78 ILE A O    1 
ATOM 1238 C CB   . ILE A 1 78 ? 4.818   0.673   -1.308  1.00 10.00 ? 78 ILE A CB   1 
ATOM 1239 C CG1  . ILE A 1 78 ? 4.491   1.239   0.095   1.00 10.00 ? 78 ILE A CG1  1 
ATOM 1240 C CG2  . ILE A 1 78 ? 3.606   0.842   -2.246  1.00 10.00 ? 78 ILE A CG2  1 
ATOM 1241 C CD1  . ILE A 1 78 ? 4.086   2.714   0.092   1.00 10.00 ? 78 ILE A CD1  1 
ATOM 1242 H H    . ILE A 1 78 ? 7.247   -0.832  -0.519  1.00 10.00 ? 78 ILE A H    1 
ATOM 1243 H HA   . ILE A 1 78 ? 4.439   -1.465  -1.132  1.00 10.00 ? 78 ILE A HA   1 
ATOM 1244 H HB   . ILE A 1 78 ? 5.631   1.271   -1.711  1.00 10.00 ? 78 ILE A HB   1 
ATOM 1245 H HG12 . ILE A 1 78 ? 3.692   0.658   0.548   1.00 10.00 ? 78 ILE A HG12 1 
ATOM 1246 H HG13 . ILE A 1 78 ? 5.372   1.163   0.732   1.00 10.00 ? 78 ILE A HG13 1 
ATOM 1247 H HG21 . ILE A 1 78 ? 3.814   0.436   -3.234  1.00 10.00 ? 78 ILE A HG21 1 
ATOM 1248 H HG22 . ILE A 1 78 ? 2.736   0.338   -1.827  1.00 10.00 ? 78 ILE A HG22 1 
ATOM 1249 H HG23 . ILE A 1 78 ? 3.376   1.896   -2.383  1.00 10.00 ? 78 ILE A HG23 1 
ATOM 1250 H HD11 . ILE A 1 78 ? 4.833   3.299   -0.437  1.00 10.00 ? 78 ILE A HD11 1 
ATOM 1251 H HD12 . ILE A 1 78 ? 3.112   2.851   -0.375  1.00 10.00 ? 78 ILE A HD12 1 
ATOM 1252 H HD13 . ILE A 1 78 ? 4.029   3.063   1.118   1.00 10.00 ? 78 ILE A HD13 1 
ATOM 1253 N N    . THR A 1 79 ? 5.225   -1.771  -3.519  1.00 10.00 ? 79 THR A N    1 
ATOM 1254 C CA   . THR A 1 79 ? 5.603   -2.138  -4.875  1.00 10.00 ? 79 THR A CA   1 
ATOM 1255 C C    . THR A 1 79 ? 4.361   -1.932  -5.751  1.00 10.00 ? 79 THR A C    1 
ATOM 1256 O O    . THR A 1 79 ? 3.244   -1.893  -5.229  1.00 10.00 ? 79 THR A O    1 
ATOM 1257 C CB   . THR A 1 79 ? 6.091   -3.608  -4.905  1.00 10.00 ? 79 THR A CB   1 
ATOM 1258 O OG1  . THR A 1 79 ? 5.607   -4.393  -3.823  1.00 10.00 ? 79 THR A OG1  1 
ATOM 1259 C CG2  . THR A 1 79 ? 7.617   -3.682  -4.827  1.00 10.00 ? 79 THR A CG2  1 
ATOM 1260 H H    . THR A 1 79 ? 4.277   -2.028  -3.262  1.00 10.00 ? 79 THR A H    1 
ATOM 1261 H HA   . THR A 1 79 ? 6.394   -1.476  -5.230  1.00 10.00 ? 79 THR A HA   1 
ATOM 1262 H HB   . THR A 1 79 ? 5.772   -4.068  -5.839  1.00 10.00 ? 79 THR A HB   1 
ATOM 1263 H HG1  . THR A 1 79 ? 4.706   -4.099  -3.598  1.00 10.00 ? 79 THR A HG1  1 
ATOM 1264 H HG21 . THR A 1 79 ? 8.052   -3.126  -5.654  1.00 10.00 ? 79 THR A HG21 1 
ATOM 1265 H HG22 . THR A 1 79 ? 7.970   -3.263  -3.884  1.00 10.00 ? 79 THR A HG22 1 
ATOM 1266 H HG23 . THR A 1 79 ? 7.936   -4.719  -4.912  1.00 10.00 ? 79 THR A HG23 1 
ATOM 1267 N N    . PHE A 1 80 ? 4.514   -1.796  -7.068  1.00 10.00 ? 80 PHE A N    1 
ATOM 1268 C CA   . PHE A 1 80 ? 3.360   -1.824  -7.962  1.00 10.00 ? 80 PHE A CA   1 
ATOM 1269 C C    . PHE A 1 80 ? 2.869   -3.269  -8.055  1.00 10.00 ? 80 PHE A C    1 
ATOM 1270 O O    . PHE A 1 80 ? 3.668   -4.182  -8.271  1.00 10.00 ? 80 PHE A O    1 
ATOM 1271 C CB   . PHE A 1 80 ? 3.724   -1.254  -9.338  1.00 10.00 ? 80 PHE A CB   1 
ATOM 1272 C CG   . PHE A 1 80 ? 4.026   0.233   -9.302  1.00 10.00 ? 80 PHE A CG   1 
ATOM 1273 C CD1  . PHE A 1 80 ? 2.985   1.157   -9.082  1.00 10.00 ? 80 PHE A CD1  1 
ATOM 1274 C CD2  . PHE A 1 80 ? 5.346   0.695   -9.455  1.00 10.00 ? 80 PHE A CD2  1 
ATOM 1275 C CE1  . PHE A 1 80 ? 3.265   2.533   -9.000  1.00 10.00 ? 80 PHE A CE1  1 
ATOM 1276 C CE2  . PHE A 1 80 ? 5.626   2.070   -9.385  1.00 10.00 ? 80 PHE A CE2  1 
ATOM 1277 C CZ   . PHE A 1 80 ? 4.587   2.988   -9.149  1.00 10.00 ? 80 PHE A CZ   1 
ATOM 1278 H H    . PHE A 1 80 ? 5.431   -1.874  -7.482  1.00 10.00 ? 80 PHE A H    1 
ATOM 1279 H HA   . PHE A 1 80 ? 2.566   -1.209  -7.540  1.00 10.00 ? 80 PHE A HA   1 
ATOM 1280 H HB2  . PHE A 1 80 ? 4.579   -1.799  -9.739  1.00 10.00 ? 80 PHE A HB2  1 
ATOM 1281 H HB3  . PHE A 1 80 ? 2.885   -1.417  -10.015 1.00 10.00 ? 80 PHE A HB3  1 
ATOM 1282 H HD1  . PHE A 1 80 ? 1.968   0.809   -8.962  1.00 10.00 ? 80 PHE A HD1  1 
ATOM 1283 H HD2  . PHE A 1 80 ? 6.152   -0.002  -9.630  1.00 10.00 ? 80 PHE A HD2  1 
ATOM 1284 H HE1  . PHE A 1 80 ? 2.462   3.238   -8.826  1.00 10.00 ? 80 PHE A HE1  1 
ATOM 1285 H HE2  . PHE A 1 80 ? 6.639   2.423   -9.515  1.00 10.00 ? 80 PHE A HE2  1 
ATOM 1286 H HZ   . PHE A 1 80 ? 4.811   4.041   -9.094  1.00 10.00 ? 80 PHE A HZ   1 
ATOM 1287 N N    . ALA A 1 81 ? 1.560   -3.475  -7.896  1.00 10.00 ? 81 ALA A N    1 
ATOM 1288 C CA   . ALA A 1 81 ? 0.934   -4.742  -8.252  1.00 10.00 ? 81 ALA A CA   1 
ATOM 1289 C C    . ALA A 1 81 ? 0.852   -4.825  -9.782  1.00 10.00 ? 81 ALA A C    1 
ATOM 1290 O O    . ALA A 1 81 ? 1.031   -3.815  -10.472 1.00 10.00 ? 81 ALA A O    1 
ATOM 1291 C CB   . ALA A 1 81 ? -0.456  -4.832  -7.614  1.00 10.00 ? 81 ALA A CB   1 
ATOM 1292 H H    . ALA A 1 81 ? 0.953   -2.666  -7.826  1.00 10.00 ? 81 ALA A H    1 
ATOM 1293 H HA   . ALA A 1 81 ? 1.545   -5.568  -7.881  1.00 10.00 ? 81 ALA A HA   1 
ATOM 1294 H HB1  . ALA A 1 81 ? -0.379  -4.717  -6.533  1.00 10.00 ? 81 ALA A HB1  1 
ATOM 1295 H HB2  . ALA A 1 81 ? -1.095  -4.050  -8.017  1.00 10.00 ? 81 ALA A HB2  1 
ATOM 1296 H HB3  . ALA A 1 81 ? -0.905  -5.803  -7.830  1.00 10.00 ? 81 ALA A HB3  1 
ATOM 1297 N N    . LYS A 1 82 ? 0.516   -5.998  -10.318 1.00 10.00 ? 82 LYS A N    1 
ATOM 1298 C CA   . LYS A 1 82 ? 0.398   -6.239  -11.760 1.00 10.00 ? 82 LYS A CA   1 
ATOM 1299 C C    . LYS A 1 82 ? -1.008  -6.764  -12.054 1.00 10.00 ? 82 LYS A C    1 
ATOM 1300 O O    . LYS A 1 82 ? -1.650  -7.342  -11.172 1.00 10.00 ? 82 LYS A O    1 
ATOM 1301 C CB   . LYS A 1 82 ? 1.504   -7.211  -12.217 1.00 10.00 ? 82 LYS A CB   1 
ATOM 1302 C CG   . LYS A 1 82 ? 2.914   -6.590  -12.091 1.00 10.00 ? 82 LYS A CG   1 
ATOM 1303 C CD   . LYS A 1 82 ? 3.890   -7.406  -11.229 1.00 10.00 ? 82 LYS A CD   1 
ATOM 1304 C CE   . LYS A 1 82 ? 4.423   -8.634  -11.981 1.00 10.00 ? 82 LYS A CE   1 
ATOM 1305 N NZ   . LYS A 1 82 ? 5.367   -9.424  -11.151 1.00 10.00 ? 82 LYS A NZ   1 
ATOM 1306 H H    . LYS A 1 82 ? 0.276   -6.768  -9.708  1.00 10.00 ? 82 LYS A H    1 
ATOM 1307 H HA   . LYS A 1 82 ? 0.522   -5.299  -12.301 1.00 10.00 ? 82 LYS A HA   1 
ATOM 1308 H HB2  . LYS A 1 82 ? 1.437   -8.131  -11.634 1.00 10.00 ? 82 LYS A HB2  1 
ATOM 1309 H HB3  . LYS A 1 82 ? 1.337   -7.471  -13.264 1.00 10.00 ? 82 LYS A HB3  1 
ATOM 1310 H HG2  . LYS A 1 82 ? 3.336   -6.462  -13.089 1.00 10.00 ? 82 LYS A HG2  1 
ATOM 1311 H HG3  . LYS A 1 82 ? 2.841   -5.595  -11.653 1.00 10.00 ? 82 LYS A HG3  1 
ATOM 1312 H HD2  . LYS A 1 82 ? 4.734   -6.768  -10.964 1.00 10.00 ? 82 LYS A HD2  1 
ATOM 1313 H HD3  . LYS A 1 82 ? 3.394   -7.712  -10.306 1.00 10.00 ? 82 LYS A HD3  1 
ATOM 1314 H HE2  . LYS A 1 82 ? 3.585   -9.266  -12.286 1.00 10.00 ? 82 LYS A HE2  1 
ATOM 1315 H HE3  . LYS A 1 82 ? 4.935   -8.293  -12.884 1.00 10.00 ? 82 LYS A HE3  1 
ATOM 1316 H HZ1  . LYS A 1 82 ? 6.098   -8.835  -10.758 1.00 10.00 ? 82 LYS A HZ1  1 
ATOM 1317 H HZ2  . LYS A 1 82 ? 4.888   -9.868  -10.382 1.00 10.00 ? 82 LYS A HZ2  1 
ATOM 1318 H HZ3  . LYS A 1 82 ? 5.806   -10.149 -11.699 1.00 10.00 ? 82 LYS A HZ3  1 
ATOM 1319 N N    . LYS A 1 83 ? -1.491  -6.540  -13.278 1.00 10.00 ? 83 LYS A N    1 
ATOM 1320 C CA   . LYS A 1 83 ? -2.863  -6.825  -13.691 1.00 10.00 ? 83 LYS A CA   1 
ATOM 1321 C C    . LYS A 1 83 ? -2.815  -7.935  -14.727 1.00 10.00 ? 83 LYS A C    1 
ATOM 1322 O O    . LYS A 1 83 ? -2.039  -7.821  -15.700 1.00 10.00 ? 83 LYS A O    1 
ATOM 1323 C CB   . LYS A 1 83 ? -3.547  -5.562  -14.251 1.00 10.00 ? 83 LYS A CB   1 
ATOM 1324 C CG   . LYS A 1 83 ? -3.669  -4.441  -13.204 1.00 10.00 ? 83 LYS A CG   1 
ATOM 1325 C CD   . LYS A 1 83 ? -4.432  -3.199  -13.698 1.00 10.00 ? 83 LYS A CD   1 
ATOM 1326 C CE   . LYS A 1 83 ? -3.747  -2.532  -14.902 1.00 10.00 ? 83 LYS A CE   1 
ATOM 1327 N NZ   . LYS A 1 83 ? -4.398  -1.254  -15.287 1.00 10.00 ? 83 LYS A NZ   1 
ATOM 1328 O OXT  . LYS A 1 83 ? -3.535  -8.938  -14.556 1.00 10.00 ? 83 LYS A OXT  1 
ATOM 1329 H H    . LYS A 1 83 ? -0.879  -6.156  -13.984 1.00 10.00 ? 83 LYS A H    1 
ATOM 1330 H HA   . LYS A 1 83 ? -3.440  -7.172  -12.832 1.00 10.00 ? 83 LYS A HA   1 
ATOM 1331 H HB2  . LYS A 1 83 ? -2.983  -5.205  -15.113 1.00 10.00 ? 83 LYS A HB2  1 
ATOM 1332 H HB3  . LYS A 1 83 ? -4.548  -5.836  -14.588 1.00 10.00 ? 83 LYS A HB3  1 
ATOM 1333 H HG2  . LYS A 1 83 ? -4.188  -4.837  -12.332 1.00 10.00 ? 83 LYS A HG2  1 
ATOM 1334 H HG3  . LYS A 1 83 ? -2.671  -4.132  -12.896 1.00 10.00 ? 83 LYS A HG3  1 
ATOM 1335 H HD2  . LYS A 1 83 ? -5.449  -3.488  -13.969 1.00 10.00 ? 83 LYS A HD2  1 
ATOM 1336 H HD3  . LYS A 1 83 ? -4.485  -2.483  -12.876 1.00 10.00 ? 83 LYS A HD3  1 
ATOM 1337 H HE2  . LYS A 1 83 ? -2.700  -2.338  -14.651 1.00 10.00 ? 83 LYS A HE2  1 
ATOM 1338 H HE3  . LYS A 1 83 ? -3.773  -3.220  -15.750 1.00 10.00 ? 83 LYS A HE3  1 
ATOM 1339 H HZ1  . LYS A 1 83 ? -5.377  -1.385  -15.495 1.00 10.00 ? 83 LYS A HZ1  1 
ATOM 1340 H HZ2  . LYS A 1 83 ? -4.314  -0.568  -14.552 1.00 10.00 ? 83 LYS A HZ2  1 
ATOM 1341 H HZ3  . LYS A 1 83 ? -3.961  -0.869  -16.113 1.00 10.00 ? 83 LYS A HZ3  1 
# 
